data_7EDU
# 
_entry.id   7EDU 
# 
_audit_conform.dict_name       mmcif_pdbx.dic 
_audit_conform.dict_version    5.407 
_audit_conform.dict_location   http://mmcif.pdb.org/dictionaries/ascii/mmcif_pdbx.dic 
# 
loop_
_database_2.database_id 
_database_2.database_code 
_database_2.pdbx_database_accession 
_database_2.pdbx_DOI 
PDB   7EDU         pdb_00007edu 10.2210/pdb7edu/pdb 
WWPDB D_1300021230 ?            ?                   
# 
loop_
_pdbx_audit_revision_history.ordinal 
_pdbx_audit_revision_history.data_content_type 
_pdbx_audit_revision_history.major_revision 
_pdbx_audit_revision_history.minor_revision 
_pdbx_audit_revision_history.revision_date 
_pdbx_audit_revision_history.part_number 
1 'Structure model' 1 0 2022-03-23 ? 
2 'Structure model' 1 1 2024-04-03 ? 
3 'Structure model' 1 2 2025-11-26 ? 
# 
_pdbx_audit_revision_details.ordinal             1 
_pdbx_audit_revision_details.revision_ordinal    1 
_pdbx_audit_revision_details.data_content_type   'Structure model' 
_pdbx_audit_revision_details.provider            repository 
_pdbx_audit_revision_details.type                'Initial release' 
_pdbx_audit_revision_details.description         ? 
_pdbx_audit_revision_details.details             ? 
# 
loop_
_pdbx_audit_revision_group.ordinal 
_pdbx_audit_revision_group.revision_ordinal 
_pdbx_audit_revision_group.data_content_type 
_pdbx_audit_revision_group.group 
1 2 'Structure model' 'Data collection'        
2 2 'Structure model' 'Refinement description' 
3 3 'Structure model' 'Database references'    
4 3 'Structure model' 'Structure summary'      
# 
loop_
_pdbx_audit_revision_category.ordinal 
_pdbx_audit_revision_category.revision_ordinal 
_pdbx_audit_revision_category.data_content_type 
_pdbx_audit_revision_category.category 
1 2 'Structure model' chem_comp_atom                
2 2 'Structure model' chem_comp_bond                
3 2 'Structure model' pdbx_initial_refinement_model 
4 3 'Structure model' citation                      
5 3 'Structure model' citation_author               
6 3 'Structure model' pdbx_entry_details            
# 
loop_
_pdbx_audit_revision_item.ordinal 
_pdbx_audit_revision_item.revision_ordinal 
_pdbx_audit_revision_item.data_content_type 
_pdbx_audit_revision_item.item 
1 3 'Structure model' '_citation.country'                            
2 3 'Structure model' '_citation.journal_abbrev'                     
3 3 'Structure model' '_citation.journal_id_CSD'                     
4 3 'Structure model' '_citation.journal_id_ISSN'                    
5 3 'Structure model' '_citation.journal_volume'                     
6 3 'Structure model' '_citation.pdbx_database_id_DOI'               
7 3 'Structure model' '_citation.title'                              
8 3 'Structure model' '_citation.year'                               
9 3 'Structure model' '_pdbx_entry_details.has_protein_modification' 
# 
_pdbx_database_status.status_code                     REL 
_pdbx_database_status.status_code_sf                  REL 
_pdbx_database_status.status_code_mr                  ? 
_pdbx_database_status.entry_id                        7EDU 
_pdbx_database_status.recvd_initial_deposition_date   2021-03-17 
_pdbx_database_status.SG_entry                        N 
_pdbx_database_status.deposit_site                    PDBJ 
_pdbx_database_status.process_site                    PDBJ 
_pdbx_database_status.status_code_cs                  ? 
_pdbx_database_status.status_code_nmr_data            ? 
_pdbx_database_status.methods_development_category    ? 
_pdbx_database_status.pdb_format_compatible           Y 
# 
loop_
_audit_author.name 
_audit_author.pdbx_ordinal 
_audit_author.identifier_ORCID 
'Kondo, J.' 1 0000-0002-5682-3685 
'Iwase, E.' 2 ?                   
# 
_citation.abstract                  ? 
_citation.abstract_id_CAS           ? 
_citation.book_id_ISBN              ? 
_citation.book_publisher            ? 
_citation.book_publisher_city       ? 
_citation.book_title                ? 
_citation.coordinate_linkage        ? 
_citation.country                   GE 
_citation.database_id_Medline       ? 
_citation.details                   ? 
_citation.id                        primary 
_citation.journal_abbrev            Chembiochem 
_citation.journal_id_ASTM           ? 
_citation.journal_id_CSD            ? 
_citation.journal_id_ISSN           1439-7633 
_citation.journal_full              ? 
_citation.journal_issue             ? 
_citation.journal_volume            26 
_citation.language                  ? 
_citation.page_first                ? 
_citation.page_last                 ? 
_citation.title                     
;Gold-Mediated Base Pairs in Nucleic Acids: Selective Coordination to Natural and Thiocarbonyl-Modified Cytosines Dependent upon the Oxidation State of Gold
;
_citation.year                      2025 
_citation.database_id_CSD           ? 
_citation.pdbx_database_id_DOI      10.1002/cbic.202500565 
_citation.pdbx_database_id_PubMed   ? 
_citation.pdbx_database_id_patent   ? 
_citation.unpublished_flag          ? 
# 
loop_
_citation_author.citation_id 
_citation_author.name 
_citation_author.ordinal 
_citation_author.identifier_ORCID 
primary 'Kosugi, K.'   1 ? 
primary 'Sugawara, A.' 2 ? 
primary 'Iwase, E.'    3 ? 
primary 'Park, H.'     4 ? 
primary 'Fujiwara, S.' 5 ? 
primary 'Kanazawa, H.' 6 ? 
primary 'Ono, A.'      7 ? 
primary 'Kondo, J.'    8 ? 
# 
loop_
_entity.id 
_entity.type 
_entity.src_method 
_entity.pdbx_description 
_entity.formula_weight 
_entity.pdbx_number_of_molecules 
_entity.pdbx_ec 
_entity.pdbx_mutation 
_entity.pdbx_fragment 
_entity.details 
1 polymer     syn 
;RNA (5'-R(*GP*GP*AP*CP*UP*CP*GP*AP*CP*UP*CP*C)-3')
;
3787.312 4  ? ? ? ? 
2 non-polymer syn 'GOLD ION'                                           196.967  4  ? ? ? ? 
3 water       nat water                                                18.015   15 ? ? ? ? 
# 
_entity_poly.entity_id                      1 
_entity_poly.type                           polyribonucleotide 
_entity_poly.nstd_linkage                   no 
_entity_poly.nstd_monomer                   no 
_entity_poly.pdbx_seq_one_letter_code       GGACUCGACUCC 
_entity_poly.pdbx_seq_one_letter_code_can   GGACUCGACUCC 
_entity_poly.pdbx_strand_id                 A,B,C,D 
_entity_poly.pdbx_target_identifier         ? 
# 
loop_
_pdbx_entity_nonpoly.entity_id 
_pdbx_entity_nonpoly.name 
_pdbx_entity_nonpoly.comp_id 
2 'GOLD ION' AU  
3 water      HOH 
# 
loop_
_entity_poly_seq.entity_id 
_entity_poly_seq.num 
_entity_poly_seq.mon_id 
_entity_poly_seq.hetero 
1 1  G n 
1 2  G n 
1 3  A n 
1 4  C n 
1 5  U n 
1 6  C n 
1 7  G n 
1 8  A n 
1 9  C n 
1 10 U n 
1 11 C n 
1 12 C n 
# 
_pdbx_entity_src_syn.entity_id              1 
_pdbx_entity_src_syn.pdbx_src_id            1 
_pdbx_entity_src_syn.pdbx_alt_source_flag   sample 
_pdbx_entity_src_syn.pdbx_beg_seq_num       1 
_pdbx_entity_src_syn.pdbx_end_seq_num       12 
_pdbx_entity_src_syn.organism_scientific    'synthetic construct' 
_pdbx_entity_src_syn.organism_common_name   ? 
_pdbx_entity_src_syn.ncbi_taxonomy_id       32630 
_pdbx_entity_src_syn.details                ? 
# 
loop_
_chem_comp.id 
_chem_comp.type 
_chem_comp.mon_nstd_flag 
_chem_comp.name 
_chem_comp.pdbx_synonyms 
_chem_comp.formula 
_chem_comp.formula_weight 
A   'RNA linking' y "ADENOSINE-5'-MONOPHOSPHATE" ? 'C10 H14 N5 O7 P' 347.221 
AU  non-polymer   . 'GOLD ION'                   ? 'Au 1'            196.967 
C   'RNA linking' y "CYTIDINE-5'-MONOPHOSPHATE"  ? 'C9 H14 N3 O8 P'  323.197 
G   'RNA linking' y "GUANOSINE-5'-MONOPHOSPHATE" ? 'C10 H14 N5 O8 P' 363.221 
HOH non-polymer   . WATER                        ? 'H2 O'            18.015  
U   'RNA linking' y "URIDINE-5'-MONOPHOSPHATE"   ? 'C9 H13 N2 O9 P'  324.181 
# 
loop_
_pdbx_poly_seq_scheme.asym_id 
_pdbx_poly_seq_scheme.entity_id 
_pdbx_poly_seq_scheme.seq_id 
_pdbx_poly_seq_scheme.mon_id 
_pdbx_poly_seq_scheme.ndb_seq_num 
_pdbx_poly_seq_scheme.pdb_seq_num 
_pdbx_poly_seq_scheme.auth_seq_num 
_pdbx_poly_seq_scheme.pdb_mon_id 
_pdbx_poly_seq_scheme.auth_mon_id 
_pdbx_poly_seq_scheme.pdb_strand_id 
_pdbx_poly_seq_scheme.pdb_ins_code 
_pdbx_poly_seq_scheme.hetero 
A 1 1  G 1  1  1  G G A . n 
A 1 2  G 2  2  2  G G A . n 
A 1 3  A 3  3  3  A A A . n 
A 1 4  C 4  4  4  C C A . n 
A 1 5  U 5  5  5  U U A . n 
A 1 6  C 6  6  6  C C A . n 
A 1 7  G 7  7  7  G G A . n 
A 1 8  A 8  8  8  A A A . n 
A 1 9  C 9  9  9  C C A . n 
A 1 10 U 10 10 10 U U A . n 
A 1 11 C 11 11 11 C C A . n 
A 1 12 C 12 12 12 C C A . n 
B 1 1  G 1  1  1  G G B . n 
B 1 2  G 2  2  2  G G B . n 
B 1 3  A 3  3  3  A A B . n 
B 1 4  C 4  4  4  C C B . n 
B 1 5  U 5  5  5  U U B . n 
B 1 6  C 6  6  6  C C B . n 
B 1 7  G 7  7  7  G G B . n 
B 1 8  A 8  8  8  A A B . n 
B 1 9  C 9  9  9  C C B . n 
B 1 10 U 10 10 10 U U B . n 
B 1 11 C 11 11 11 C C B . n 
B 1 12 C 12 12 12 C C B . n 
C 1 1  G 1  1  1  G G C . n 
C 1 2  G 2  2  2  G G C . n 
C 1 3  A 3  3  3  A A C . n 
C 1 4  C 4  4  4  C C C . n 
C 1 5  U 5  5  5  U U C . n 
C 1 6  C 6  6  6  C C C . n 
C 1 7  G 7  7  7  G G C . n 
C 1 8  A 8  8  8  A A C . n 
C 1 9  C 9  9  9  C C C . n 
C 1 10 U 10 10 10 U U C . n 
C 1 11 C 11 11 11 C C C . n 
C 1 12 C 12 12 12 C C C . n 
D 1 1  G 1  1  1  G G D . n 
D 1 2  G 2  2  2  G G D . n 
D 1 3  A 3  3  3  A A D . n 
D 1 4  C 4  4  4  C C D . n 
D 1 5  U 5  5  5  U U D . n 
D 1 6  C 6  6  6  C C D . n 
D 1 7  G 7  7  7  G G D . n 
D 1 8  A 8  8  8  A A D . n 
D 1 9  C 9  9  9  C C D . n 
D 1 10 U 10 10 10 U U D . n 
D 1 11 C 11 11 11 C C D . n 
D 1 12 C 12 12 12 C C D . n 
# 
_pdbx_entity_instance_feature.ordinal        1 
_pdbx_entity_instance_feature.comp_id        AU 
_pdbx_entity_instance_feature.asym_id        ? 
_pdbx_entity_instance_feature.seq_num        ? 
_pdbx_entity_instance_feature.auth_comp_id   AU 
_pdbx_entity_instance_feature.auth_asym_id   ? 
_pdbx_entity_instance_feature.auth_seq_num   ? 
_pdbx_entity_instance_feature.feature_type   'SUBJECT OF INVESTIGATION' 
_pdbx_entity_instance_feature.details        ? 
# 
loop_
_pdbx_nonpoly_scheme.asym_id 
_pdbx_nonpoly_scheme.entity_id 
_pdbx_nonpoly_scheme.mon_id 
_pdbx_nonpoly_scheme.ndb_seq_num 
_pdbx_nonpoly_scheme.pdb_seq_num 
_pdbx_nonpoly_scheme.auth_seq_num 
_pdbx_nonpoly_scheme.pdb_mon_id 
_pdbx_nonpoly_scheme.auth_mon_id 
_pdbx_nonpoly_scheme.pdb_strand_id 
_pdbx_nonpoly_scheme.pdb_ins_code 
E 2 AU  1 101 1  AU  AU  B . 
F 2 AU  1 102 2  AU  AU  B . 
G 2 AU  1 101 3  AU  AU  C . 
H 2 AU  1 102 4  AU  AU  C . 
I 3 HOH 1 101 16 HOH HOH A . 
I 3 HOH 2 102 14 HOH HOH A . 
I 3 HOH 3 103 7  HOH HOH A . 
I 3 HOH 4 104 8  HOH HOH A . 
I 3 HOH 5 105 18 HOH HOH A . 
J 3 HOH 1 201 9  HOH HOH B . 
J 3 HOH 2 202 3  HOH HOH B . 
J 3 HOH 3 203 4  HOH HOH B . 
K 3 HOH 1 201 6  HOH HOH C . 
K 3 HOH 2 202 5  HOH HOH C . 
K 3 HOH 3 203 2  HOH HOH C . 
K 3 HOH 4 204 1  HOH HOH C . 
K 3 HOH 5 205 13 HOH HOH C . 
K 3 HOH 6 206 17 HOH HOH C . 
L 3 HOH 1 101 10 HOH HOH D . 
# 
loop_
_software.citation_id 
_software.classification 
_software.compiler_name 
_software.compiler_version 
_software.contact_author 
_software.contact_author_email 
_software.date 
_software.description 
_software.dependencies 
_software.hardware 
_software.language 
_software.location 
_software.mods 
_software.name 
_software.os 
_software.os_version 
_software.type 
_software.version 
_software.pdbx_ordinal 
? 'data scaling'   ? ? ? ? ? ? ? ? ? ? ? XSCALE ? ? ? .      1 
? refinement       ? ? ? ? ? ? ? ? ? ? ? PHENIX ? ? ? 1.17.1 2 
? 'data reduction' ? ? ? ? ? ? ? ? ? ? ? XDS    ? ? ? .      3 
? phasing          ? ? ? ? ? ? ? ? ? ? ? PHASER ? ? ? .      4 
# 
_cell.angle_alpha                  90.000 
_cell.angle_alpha_esd              ? 
_cell.angle_beta                   90.000 
_cell.angle_beta_esd               ? 
_cell.angle_gamma                  120.000 
_cell.angle_gamma_esd              ? 
_cell.entry_id                     7EDU 
_cell.details                      ? 
_cell.formula_units_Z              ? 
_cell.length_a                     29.216 
_cell.length_a_esd                 ? 
_cell.length_b                     29.216 
_cell.length_b_esd                 ? 
_cell.length_c                     257.794 
_cell.length_c_esd                 ? 
_cell.volume                       ? 
_cell.volume_esd                   ? 
_cell.Z_PDB                        24 
_cell.reciprocal_angle_alpha       ? 
_cell.reciprocal_angle_beta        ? 
_cell.reciprocal_angle_gamma       ? 
_cell.reciprocal_angle_alpha_esd   ? 
_cell.reciprocal_angle_beta_esd    ? 
_cell.reciprocal_angle_gamma_esd   ? 
_cell.reciprocal_length_a          ? 
_cell.reciprocal_length_b          ? 
_cell.reciprocal_length_c          ? 
_cell.reciprocal_length_a_esd      ? 
_cell.reciprocal_length_b_esd      ? 
_cell.reciprocal_length_c_esd      ? 
_cell.pdbx_unique_axis             ? 
# 
_symmetry.entry_id                         7EDU 
_symmetry.cell_setting                     ? 
_symmetry.Int_Tables_number                169 
_symmetry.space_group_name_Hall            ? 
_symmetry.space_group_name_H-M             'P 61' 
_symmetry.pdbx_full_space_group_name_H-M   ? 
# 
_exptl.absorpt_coefficient_mu     ? 
_exptl.absorpt_correction_T_max   ? 
_exptl.absorpt_correction_T_min   ? 
_exptl.absorpt_correction_type    ? 
_exptl.absorpt_process_details    ? 
_exptl.entry_id                   7EDU 
_exptl.crystals_number            1 
_exptl.details                    ? 
_exptl.method                     'X-RAY DIFFRACTION' 
_exptl.method_details             ? 
# 
_exptl_crystal.colour                      ? 
_exptl_crystal.density_diffrn              ? 
_exptl_crystal.density_Matthews            2.10 
_exptl_crystal.density_method              ? 
_exptl_crystal.density_percent_sol         41.33 
_exptl_crystal.description                 ? 
_exptl_crystal.F_000                       ? 
_exptl_crystal.id                          1 
_exptl_crystal.preparation                 ? 
_exptl_crystal.size_max                    ? 
_exptl_crystal.size_mid                    ? 
_exptl_crystal.size_min                    ? 
_exptl_crystal.size_rad                    ? 
_exptl_crystal.colour_lustre               ? 
_exptl_crystal.colour_modifier             ? 
_exptl_crystal.colour_primary              ? 
_exptl_crystal.density_meas                ? 
_exptl_crystal.density_meas_esd            ? 
_exptl_crystal.density_meas_gt             ? 
_exptl_crystal.density_meas_lt             ? 
_exptl_crystal.density_meas_temp           ? 
_exptl_crystal.density_meas_temp_esd       ? 
_exptl_crystal.density_meas_temp_gt        ? 
_exptl_crystal.density_meas_temp_lt        ? 
_exptl_crystal.pdbx_crystal_image_url      ? 
_exptl_crystal.pdbx_crystal_image_format   ? 
_exptl_crystal.pdbx_mosaicity              ? 
_exptl_crystal.pdbx_mosaicity_esd          ? 
# 
_exptl_crystal_grow.apparatus       ? 
_exptl_crystal_grow.atmosphere      ? 
_exptl_crystal_grow.crystal_id      1 
_exptl_crystal_grow.details         ? 
_exptl_crystal_grow.method          'VAPOR DIFFUSION, HANGING DROP' 
_exptl_crystal_grow.method_ref      ? 
_exptl_crystal_grow.pH              ? 
_exptl_crystal_grow.pressure        ? 
_exptl_crystal_grow.pressure_esd    ? 
_exptl_crystal_grow.seeding         ? 
_exptl_crystal_grow.seeding_ref     ? 
_exptl_crystal_grow.temp            293 
_exptl_crystal_grow.temp_details    ? 
_exptl_crystal_grow.temp_esd        ? 
_exptl_crystal_grow.time            ? 
_exptl_crystal_grow.pdbx_details    'sodium cacodylate, MPD, spermine tetrahydrochloride, ammonium chloride, gold chloride' 
_exptl_crystal_grow.pdbx_pH_range   ? 
# 
_diffrn.ambient_environment              ? 
_diffrn.ambient_temp                     100 
_diffrn.ambient_temp_details             ? 
_diffrn.ambient_temp_esd                 ? 
_diffrn.crystal_id                       1 
_diffrn.crystal_support                  ? 
_diffrn.crystal_treatment                ? 
_diffrn.details                          ? 
_diffrn.id                               1 
_diffrn.ambient_pressure                 ? 
_diffrn.ambient_pressure_esd             ? 
_diffrn.ambient_pressure_gt              ? 
_diffrn.ambient_pressure_lt              ? 
_diffrn.ambient_temp_gt                  ? 
_diffrn.ambient_temp_lt                  ? 
_diffrn.pdbx_serial_crystal_experiment   N 
# 
_diffrn_detector.details                      ? 
_diffrn_detector.detector                     PIXEL 
_diffrn_detector.diffrn_id                    1 
_diffrn_detector.type                         'DECTRIS PILATUS3 6M' 
_diffrn_detector.area_resol_mean              ? 
_diffrn_detector.dtime                        ? 
_diffrn_detector.pdbx_frames_total            ? 
_diffrn_detector.pdbx_collection_time_total   ? 
_diffrn_detector.pdbx_collection_date         2016-11-09 
_diffrn_detector.pdbx_frequency               ? 
# 
_diffrn_radiation.collimation                      ? 
_diffrn_radiation.diffrn_id                        1 
_diffrn_radiation.filter_edge                      ? 
_diffrn_radiation.inhomogeneity                    ? 
_diffrn_radiation.monochromator                    ? 
_diffrn_radiation.polarisn_norm                    ? 
_diffrn_radiation.polarisn_ratio                   ? 
_diffrn_radiation.probe                            ? 
_diffrn_radiation.type                             ? 
_diffrn_radiation.xray_symbol                      ? 
_diffrn_radiation.wavelength_id                    1 
_diffrn_radiation.pdbx_monochromatic_or_laue_m_l   M 
_diffrn_radiation.pdbx_wavelength_list             ? 
_diffrn_radiation.pdbx_wavelength                  ? 
_diffrn_radiation.pdbx_diffrn_protocol             'SINGLE WAVELENGTH' 
_diffrn_radiation.pdbx_analyzer                    ? 
_diffrn_radiation.pdbx_scattering_type             x-ray 
# 
_diffrn_radiation_wavelength.id           1 
_diffrn_radiation_wavelength.wavelength   1.03906 
_diffrn_radiation_wavelength.wt           1.0 
# 
_diffrn_source.current                     ? 
_diffrn_source.details                     ? 
_diffrn_source.diffrn_id                   1 
_diffrn_source.power                       ? 
_diffrn_source.size                        ? 
_diffrn_source.source                      SYNCHROTRON 
_diffrn_source.target                      ? 
_diffrn_source.type                        'PHOTON FACTORY BEAMLINE BL-17A' 
_diffrn_source.voltage                     ? 
_diffrn_source.take-off_angle              ? 
_diffrn_source.pdbx_wavelength_list        1.03906 
_diffrn_source.pdbx_wavelength             ? 
_diffrn_source.pdbx_synchrotron_beamline   BL-17A 
_diffrn_source.pdbx_synchrotron_site       'Photon Factory' 
# 
_reflns.B_iso_Wilson_estimate            48.631 
_reflns.entry_id                         7EDU 
_reflns.data_reduction_details           ? 
_reflns.data_reduction_method            ? 
_reflns.d_resolution_high                2.300 
_reflns.d_resolution_low                 25.180 
_reflns.details                          ? 
_reflns.limit_h_max                      ? 
_reflns.limit_h_min                      ? 
_reflns.limit_k_max                      ? 
_reflns.limit_k_min                      ? 
_reflns.limit_l_max                      ? 
_reflns.limit_l_min                      ? 
_reflns.number_all                       ? 
_reflns.number_obs                       10301 
_reflns.observed_criterion               ? 
_reflns.observed_criterion_F_max         ? 
_reflns.observed_criterion_F_min         ? 
_reflns.observed_criterion_I_max         ? 
_reflns.observed_criterion_I_min         ? 
_reflns.observed_criterion_sigma_F       ? 
_reflns.observed_criterion_sigma_I       ? 
_reflns.percent_possible_obs             94.100 
_reflns.R_free_details                   ? 
_reflns.Rmerge_F_all                     ? 
_reflns.Rmerge_F_obs                     ? 
_reflns.Friedel_coverage                 ? 
_reflns.number_gt                        ? 
_reflns.threshold_expression             ? 
_reflns.pdbx_redundancy                  2.580 
_reflns.pdbx_Rmerge_I_obs                0.057 
_reflns.pdbx_Rmerge_I_all                ? 
_reflns.pdbx_Rsym_value                  ? 
_reflns.pdbx_netI_over_av_sigmaI         ? 
_reflns.pdbx_netI_over_sigmaI            11.100 
_reflns.pdbx_res_netI_over_av_sigmaI_2   ? 
_reflns.pdbx_res_netI_over_sigmaI_2      ? 
_reflns.pdbx_chi_squared                 3.113 
_reflns.pdbx_scaling_rejects             ? 
_reflns.pdbx_d_res_high_opt              ? 
_reflns.pdbx_d_res_low_opt               ? 
_reflns.pdbx_d_res_opt_method            ? 
_reflns.phase_calculation_details        ? 
_reflns.pdbx_Rrim_I_all                  0.073 
_reflns.pdbx_Rpim_I_all                  ? 
_reflns.pdbx_d_opt                       ? 
_reflns.pdbx_number_measured_all         26576 
_reflns.pdbx_diffrn_id                   1 
_reflns.pdbx_ordinal                     1 
_reflns.pdbx_CC_half                     0.997 
_reflns.pdbx_CC_star                     ? 
_reflns.pdbx_R_split                     ? 
# 
loop_
_reflns_shell.d_res_high 
_reflns_shell.d_res_low 
_reflns_shell.meanI_over_sigI_all 
_reflns_shell.meanI_over_sigI_obs 
_reflns_shell.number_measured_all 
_reflns_shell.number_measured_obs 
_reflns_shell.number_possible 
_reflns_shell.number_unique_all 
_reflns_shell.number_unique_obs 
_reflns_shell.percent_possible_all 
_reflns_shell.percent_possible_obs 
_reflns_shell.Rmerge_F_all 
_reflns_shell.Rmerge_F_obs 
_reflns_shell.Rmerge_I_all 
_reflns_shell.Rmerge_I_obs 
_reflns_shell.meanI_over_sigI_gt 
_reflns_shell.meanI_over_uI_all 
_reflns_shell.meanI_over_uI_gt 
_reflns_shell.number_measured_gt 
_reflns_shell.number_unique_gt 
_reflns_shell.percent_possible_gt 
_reflns_shell.Rmerge_F_gt 
_reflns_shell.Rmerge_I_gt 
_reflns_shell.pdbx_redundancy 
_reflns_shell.pdbx_Rsym_value 
_reflns_shell.pdbx_chi_squared 
_reflns_shell.pdbx_netI_over_sigmaI_all 
_reflns_shell.pdbx_netI_over_sigmaI_obs 
_reflns_shell.pdbx_Rrim_I_all 
_reflns_shell.pdbx_Rpim_I_all 
_reflns_shell.pdbx_rejects 
_reflns_shell.pdbx_ordinal 
_reflns_shell.pdbx_diffrn_id 
_reflns_shell.pdbx_CC_half 
_reflns_shell.pdbx_CC_star 
_reflns_shell.pdbx_R_split 
2.300  2.360  ? 2.730  ? 1947 789 ? 738 93.500 ? ? ? ? 0.316 ? ? ? ? ? ? ? ? 2.638 ? ? ? ? 0.394 ? ? 1  1 0.885 ? ? 
2.360  2.420  ? 2.910  ? 2209 858 ? 840 97.900 ? ? ? ? 0.270 ? ? ? ? ? ? ? ? 2.630 ? ? ? ? 0.337 ? ? 2  1 0.931 ? ? 
2.420  2.490  ? 3.820  ? 1932 733 ? 714 97.400 ? ? ? ? 0.235 ? ? ? ? ? ? ? ? 2.706 ? ? ? ? 0.291 ? ? 3  1 0.927 ? ? 
2.490  2.570  ? 4.500  ? 1863 739 ? 721 97.600 ? ? ? ? 0.198 ? ? ? ? ? ? ? ? 2.584 ? ? ? ? 0.245 ? ? 4  1 0.950 ? ? 
2.570  2.650  ? 5.440  ? 1889 790 ? 760 96.200 ? ? ? ? 0.159 ? ? ? ? ? ? ? ? 2.486 ? ? ? ? 0.201 ? ? 5  1 0.957 ? ? 
2.650  2.750  ? 7.580  ? 1546 612 ? 595 97.200 ? ? ? ? 0.122 ? ? ? ? ? ? ? ? 2.598 ? ? ? ? 0.153 ? ? 6  1 0.972 ? ? 
2.750  2.850  ? 8.020  ? 1800 705 ? 688 97.600 ? ? ? ? 0.132 ? ? ? ? ? ? ? ? 2.616 ? ? ? ? 0.167 ? ? 7  1 0.955 ? ? 
2.850  2.970  ? 11.200 ? 1741 663 ? 643 97.000 ? ? ? ? 0.097 ? ? ? ? ? ? ? ? 2.708 ? ? ? ? 0.121 ? ? 8  1 0.973 ? ? 
2.970  3.100  ? 13.600 ? 1496 592 ? 568 95.900 ? ? ? ? 0.075 ? ? ? ? ? ? ? ? 2.634 ? ? ? ? 0.094 ? ? 9  1 0.984 ? ? 
3.100  3.250  ? 15.310 ? 1451 619 ? 562 90.800 ? ? ? ? 0.065 ? ? ? ? ? ? ? ? 2.582 ? ? ? ? 0.083 ? ? 10 1 0.986 ? ? 
3.250  3.430  ? 17.040 ? 1248 524 ? 484 92.400 ? ? ? ? 0.061 ? ? ? ? ? ? ? ? 2.579 ? ? ? ? 0.078 ? ? 11 1 0.985 ? ? 
3.430  3.630  ? 17.310 ? 1270 589 ? 512 86.900 ? ? ? ? 0.056 ? ? ? ? ? ? ? ? 2.480 ? ? ? ? 0.071 ? ? 12 1 0.990 ? ? 
3.630  3.890  ? 17.720 ? 959  467 ? 406 86.900 ? ? ? ? 0.051 ? ? ? ? ? ? ? ? 2.362 ? ? ? ? 0.066 ? ? 13 1 0.992 ? ? 
3.890  4.200  ? 18.740 ? 1034 494 ? 444 89.900 ? ? ? ? 0.047 ? ? ? ? ? ? ? ? 2.329 ? ? ? ? 0.061 ? ? 14 1 0.990 ? ? 
4.200  4.600  ? 19.980 ? 926  397 ? 359 90.400 ? ? ? ? 0.047 ? ? ? ? ? ? ? ? 2.579 ? ? ? ? 0.060 ? ? 15 1 0.990 ? ? 
4.600  5.140  ? 20.180 ? 924  394 ? 360 91.400 ? ? ? ? 0.045 ? ? ? ? ? ? ? ? 2.567 ? ? ? ? 0.057 ? ? 16 1 0.993 ? ? 
5.140  5.940  ? 20.030 ? 818  354 ? 325 91.800 ? ? ? ? 0.044 ? ? ? ? ? ? ? ? 2.517 ? ? ? ? 0.055 ? ? 17 1 0.995 ? ? 
5.940  7.270  ? 20.650 ? 649  297 ? 263 88.600 ? ? ? ? 0.037 ? ? ? ? ? ? ? ? 2.468 ? ? ? ? 0.047 ? ? 18 1 0.995 ? ? 
7.270  10.280 ? 21.950 ? 559  216 ? 209 96.800 ? ? ? ? 0.030 ? ? ? ? ? ? ? ? 2.675 ? ? ? ? 0.038 ? ? 19 1 0.997 ? ? 
10.280 25.180 ? 24.030 ? 315  117 ? 110 94.000 ? ? ? ? 0.020 ? ? ? ? ? ? ? ? 2.864 ? ? ? ? 0.024 ? ? 20 1 0.999 ? ? 
# 
_refine.aniso_B[1][1]                            ? 
_refine.aniso_B[1][2]                            ? 
_refine.aniso_B[1][3]                            ? 
_refine.aniso_B[2][2]                            ? 
_refine.aniso_B[2][3]                            ? 
_refine.aniso_B[3][3]                            ? 
_refine.B_iso_max                                59.120 
_refine.B_iso_mean                               35.8100 
_refine.B_iso_min                                22.450 
_refine.correlation_coeff_Fo_to_Fc               ? 
_refine.correlation_coeff_Fo_to_Fc_free          ? 
_refine.details                                  ? 
_refine.diff_density_max                         ? 
_refine.diff_density_max_esd                     ? 
_refine.diff_density_min                         ? 
_refine.diff_density_min_esd                     ? 
_refine.diff_density_rms                         ? 
_refine.diff_density_rms_esd                     ? 
_refine.entry_id                                 7EDU 
_refine.pdbx_refine_id                           'X-RAY DIFFRACTION' 
_refine.ls_abs_structure_details                 ? 
_refine.ls_abs_structure_Flack                   ? 
_refine.ls_abs_structure_Flack_esd               ? 
_refine.ls_abs_structure_Rogers                  ? 
_refine.ls_abs_structure_Rogers_esd              ? 
_refine.ls_d_res_high                            2.3000 
_refine.ls_d_res_low                             25.1800 
_refine.ls_extinction_coef                       ? 
_refine.ls_extinction_coef_esd                   ? 
_refine.ls_extinction_expression                 ? 
_refine.ls_extinction_method                     ? 
_refine.ls_goodness_of_fit_all                   ? 
_refine.ls_goodness_of_fit_all_esd               ? 
_refine.ls_goodness_of_fit_obs                   ? 
_refine.ls_goodness_of_fit_obs_esd               ? 
_refine.ls_hydrogen_treatment                    ? 
_refine.ls_matrix_type                           ? 
_refine.ls_number_constraints                    ? 
_refine.ls_number_parameters                     ? 
_refine.ls_number_reflns_all                     ? 
_refine.ls_number_reflns_obs                     10292 
_refine.ls_number_reflns_R_free                  1037 
_refine.ls_number_reflns_R_work                  9255 
_refine.ls_number_restraints                     ? 
_refine.ls_percent_reflns_obs                    93.7500 
_refine.ls_percent_reflns_R_free                 10.0800 
_refine.ls_R_factor_all                          ? 
_refine.ls_R_factor_obs                          0.1819 
_refine.ls_R_factor_R_free                       0.2292 
_refine.ls_R_factor_R_free_error                 ? 
_refine.ls_R_factor_R_free_error_details         ? 
_refine.ls_R_factor_R_work                       0.1766 
_refine.ls_R_Fsqd_factor_obs                     ? 
_refine.ls_R_I_factor_obs                        ? 
_refine.ls_redundancy_reflns_all                 ? 
_refine.ls_redundancy_reflns_obs                 ? 
_refine.ls_restrained_S_all                      ? 
_refine.ls_restrained_S_obs                      ? 
_refine.ls_shift_over_esd_max                    ? 
_refine.ls_shift_over_esd_mean                   ? 
_refine.ls_structure_factor_coef                 ? 
_refine.ls_weighting_details                     ? 
_refine.ls_weighting_scheme                      ? 
_refine.ls_wR_factor_all                         ? 
_refine.ls_wR_factor_obs                         ? 
_refine.ls_wR_factor_R_free                      ? 
_refine.ls_wR_factor_R_work                      ? 
_refine.occupancy_max                            ? 
_refine.occupancy_min                            ? 
_refine.solvent_model_details                    'FLAT BULK SOLVENT MODEL' 
_refine.solvent_model_param_bsol                 ? 
_refine.solvent_model_param_ksol                 ? 
_refine.pdbx_R_complete                          ? 
_refine.ls_R_factor_gt                           ? 
_refine.ls_goodness_of_fit_gt                    ? 
_refine.ls_goodness_of_fit_ref                   ? 
_refine.ls_shift_over_su_max                     ? 
_refine.ls_shift_over_su_max_lt                  ? 
_refine.ls_shift_over_su_mean                    ? 
_refine.ls_shift_over_su_mean_lt                 ? 
_refine.pdbx_ls_sigma_I                          ? 
_refine.pdbx_ls_sigma_F                          1.470 
_refine.pdbx_ls_sigma_Fsqd                       ? 
_refine.pdbx_data_cutoff_high_absF               ? 
_refine.pdbx_data_cutoff_high_rms_absF           ? 
_refine.pdbx_data_cutoff_low_absF                ? 
_refine.pdbx_isotropic_thermal_model             ? 
_refine.pdbx_ls_cross_valid_method               THROUGHOUT 
_refine.pdbx_method_to_determine_struct          'MOLECULAR REPLACEMENT' 
_refine.pdbx_starting_model                      'RNA duplex constructed using Coot' 
_refine.pdbx_stereochemistry_target_values       ML 
_refine.pdbx_R_Free_selection_details            ? 
_refine.pdbx_stereochem_target_val_spec_case     ? 
_refine.pdbx_overall_ESU_R                       ? 
_refine.pdbx_overall_ESU_R_Free                  ? 
_refine.pdbx_solvent_vdw_probe_radii             1.1100 
_refine.pdbx_solvent_ion_probe_radii             ? 
_refine.pdbx_solvent_shrinkage_radii             0.9000 
_refine.pdbx_real_space_R                        ? 
_refine.pdbx_density_correlation                 ? 
_refine.pdbx_pd_number_of_powder_patterns        ? 
_refine.pdbx_pd_number_of_points                 ? 
_refine.pdbx_pd_meas_number_of_points            ? 
_refine.pdbx_pd_proc_ls_prof_R_factor            ? 
_refine.pdbx_pd_proc_ls_prof_wR_factor           ? 
_refine.pdbx_pd_Marquardt_correlation_coeff      ? 
_refine.pdbx_pd_Fsqrd_R_factor                   ? 
_refine.pdbx_pd_ls_matrix_band_width             ? 
_refine.pdbx_overall_phase_error                 26.8500 
_refine.pdbx_overall_SU_R_free_Cruickshank_DPI   ? 
_refine.pdbx_overall_SU_R_free_Blow_DPI          ? 
_refine.pdbx_overall_SU_R_Blow_DPI               ? 
_refine.pdbx_TLS_residual_ADP_flag               ? 
_refine.pdbx_diffrn_id                           1 
_refine.overall_SU_B                             ? 
_refine.overall_SU_ML                            0.3800 
_refine.overall_SU_R_Cruickshank_DPI             ? 
_refine.overall_SU_R_free                        ? 
_refine.overall_FOM_free_R_set                   ? 
_refine.overall_FOM_work_R_set                   ? 
_refine.pdbx_average_fsc_overall                 ? 
_refine.pdbx_average_fsc_work                    ? 
_refine.pdbx_average_fsc_free                    ? 
# 
_refine_hist.pdbx_refine_id                   'X-RAY DIFFRACTION' 
_refine_hist.cycle_id                         final 
_refine_hist.details                          ? 
_refine_hist.d_res_high                       2.3000 
_refine_hist.d_res_low                        25.1800 
_refine_hist.number_atoms_solvent             15 
_refine_hist.number_atoms_total               1019 
_refine_hist.number_reflns_all                ? 
_refine_hist.number_reflns_obs                ? 
_refine_hist.number_reflns_R_free             ? 
_refine_hist.number_reflns_R_work             ? 
_refine_hist.R_factor_all                     ? 
_refine_hist.R_factor_obs                     ? 
_refine_hist.R_factor_R_free                  ? 
_refine_hist.R_factor_R_work                  ? 
_refine_hist.pdbx_number_residues_total       48 
_refine_hist.pdbx_B_iso_mean_ligand           45.39 
_refine_hist.pdbx_B_iso_mean_solvent          32.96 
_refine_hist.pdbx_number_atoms_protein        0 
_refine_hist.pdbx_number_atoms_nucleic_acid   1000 
_refine_hist.pdbx_number_atoms_ligand         4 
_refine_hist.pdbx_number_atoms_lipid          ? 
_refine_hist.pdbx_number_atoms_carb           ? 
_refine_hist.pdbx_pseudo_atom_details         ? 
# 
loop_
_refine_ls_shell.pdbx_refine_id 
_refine_ls_shell.d_res_high 
_refine_ls_shell.d_res_low 
_refine_ls_shell.number_reflns_all 
_refine_ls_shell.number_reflns_obs 
_refine_ls_shell.number_reflns_R_free 
_refine_ls_shell.number_reflns_R_work 
_refine_ls_shell.percent_reflns_obs 
_refine_ls_shell.percent_reflns_R_free 
_refine_ls_shell.R_factor_all 
_refine_ls_shell.R_factor_obs 
_refine_ls_shell.R_factor_R_free 
_refine_ls_shell.R_factor_R_free_error 
_refine_ls_shell.R_factor_R_work 
_refine_ls_shell.redundancy_reflns_all 
_refine_ls_shell.redundancy_reflns_obs 
_refine_ls_shell.wR_factor_all 
_refine_ls_shell.wR_factor_obs 
_refine_ls_shell.wR_factor_R_free 
_refine_ls_shell.wR_factor_R_work 
_refine_ls_shell.pdbx_R_complete 
_refine_ls_shell.pdbx_total_number_of_bins_used 
_refine_ls_shell.pdbx_phase_error 
_refine_ls_shell.pdbx_fsc_work 
_refine_ls_shell.pdbx_fsc_free 
'X-RAY DIFFRACTION' 2.3000 2.4200  1515 . 158 1357 94.0000 . . . 0.3886 0.0000 0.2862 . . . . . . . 7 . . . 
'X-RAY DIFFRACTION' 2.4200 2.5700  1494 . 151 1343 97.0000 . . . 0.3152 0.0000 0.2445 . . . . . . . 7 . . . 
'X-RAY DIFFRACTION' 2.5700 2.7700  1509 . 154 1355 97.0000 . . . 0.2956 0.0000 0.2499 . . . . . . . 7 . . . 
'X-RAY DIFFRACTION' 2.7700 3.0500  1495 . 153 1342 97.0000 . . . 0.2983 0.0000 0.2321 . . . . . . . 7 . . . 
'X-RAY DIFFRACTION' 3.0500 3.4900  1439 . 155 1284 92.0000 . . . 0.2454 0.0000 0.2010 . . . . . . . 7 . . . 
'X-RAY DIFFRACTION' 3.4900 4.3900  1393 . 122 1271 89.0000 . . . 0.2235 0.0000 0.1526 . . . . . . . 7 . . . 
'X-RAY DIFFRACTION' 4.3900 25.1800 1447 . 144 1303 91.0000 . . . 0.1270 0.0000 0.1047 . . . . . . . 7 . . . 
# 
_struct.entry_id                     7EDU 
_struct.title                        'RNA duplex containing C-Au-C base pair' 
_struct.pdbx_model_details           ? 
_struct.pdbx_formula_weight          ? 
_struct.pdbx_formula_weight_method   ? 
_struct.pdbx_model_type_details      ? 
_struct.pdbx_CASP_flag               N 
# 
_struct_keywords.entry_id        7EDU 
_struct_keywords.text            'Metal-mediated base pair, Gold, RNA' 
_struct_keywords.pdbx_keywords   RNA 
# 
loop_
_struct_asym.id 
_struct_asym.pdbx_blank_PDB_chainid_flag 
_struct_asym.pdbx_modified 
_struct_asym.entity_id 
_struct_asym.details 
A N N 1 ? 
B N N 1 ? 
C N N 1 ? 
D N N 1 ? 
E N N 2 ? 
F N N 2 ? 
G N N 2 ? 
H N N 2 ? 
I N N 3 ? 
J N N 3 ? 
K N N 3 ? 
L N N 3 ? 
# 
_struct_ref.id                         1 
_struct_ref.db_name                    PDB 
_struct_ref.db_code                    7EDU 
_struct_ref.pdbx_db_accession          7EDU 
_struct_ref.pdbx_db_isoform            ? 
_struct_ref.entity_id                  1 
_struct_ref.pdbx_seq_one_letter_code   ? 
_struct_ref.pdbx_align_begin           1 
# 
loop_
_struct_ref_seq.align_id 
_struct_ref_seq.ref_id 
_struct_ref_seq.pdbx_PDB_id_code 
_struct_ref_seq.pdbx_strand_id 
_struct_ref_seq.seq_align_beg 
_struct_ref_seq.pdbx_seq_align_beg_ins_code 
_struct_ref_seq.seq_align_end 
_struct_ref_seq.pdbx_seq_align_end_ins_code 
_struct_ref_seq.pdbx_db_accession 
_struct_ref_seq.db_align_beg 
_struct_ref_seq.pdbx_db_align_beg_ins_code 
_struct_ref_seq.db_align_end 
_struct_ref_seq.pdbx_db_align_end_ins_code 
_struct_ref_seq.pdbx_auth_seq_align_beg 
_struct_ref_seq.pdbx_auth_seq_align_end 
1 1 7EDU A 1 ? 12 ? 7EDU 1 ? 12 ? 1 12 
2 1 7EDU B 1 ? 12 ? 7EDU 1 ? 12 ? 1 12 
3 1 7EDU C 1 ? 12 ? 7EDU 1 ? 12 ? 1 12 
4 1 7EDU D 1 ? 12 ? 7EDU 1 ? 12 ? 1 12 
# 
loop_
_pdbx_struct_assembly.id 
_pdbx_struct_assembly.details 
_pdbx_struct_assembly.method_details 
_pdbx_struct_assembly.oligomeric_details 
_pdbx_struct_assembly.oligomeric_count 
1 software_defined_assembly PISA dimeric 2 
2 software_defined_assembly PISA dimeric 2 
# 
loop_
_pdbx_struct_assembly_prop.biol_id 
_pdbx_struct_assembly_prop.type 
_pdbx_struct_assembly_prop.value 
_pdbx_struct_assembly_prop.details 
1 'ABSA (A^2)' 1440 ? 
1 MORE         -19  ? 
1 'SSA (A^2)'  4320 ? 
2 'ABSA (A^2)' 1440 ? 
2 MORE         -19  ? 
2 'SSA (A^2)'  4350 ? 
# 
loop_
_pdbx_struct_assembly_gen.assembly_id 
_pdbx_struct_assembly_gen.oper_expression 
_pdbx_struct_assembly_gen.asym_id_list 
1 1 A,B,E,F,I,J 
2 1 C,D,G,H,K,L 
# 
_pdbx_struct_assembly_auth_evidence.id                     1 
_pdbx_struct_assembly_auth_evidence.assembly_id            1 
_pdbx_struct_assembly_auth_evidence.experimental_support   none 
_pdbx_struct_assembly_auth_evidence.details                ? 
# 
_pdbx_struct_oper_list.id                   1 
_pdbx_struct_oper_list.type                 'identity operation' 
_pdbx_struct_oper_list.name                 1_555 
_pdbx_struct_oper_list.symmetry_operation   x,y,z 
_pdbx_struct_oper_list.matrix[1][1]         1.0000000000 
_pdbx_struct_oper_list.matrix[1][2]         0.0000000000 
_pdbx_struct_oper_list.matrix[1][3]         0.0000000000 
_pdbx_struct_oper_list.vector[1]            0.0000000000 
_pdbx_struct_oper_list.matrix[2][1]         0.0000000000 
_pdbx_struct_oper_list.matrix[2][2]         1.0000000000 
_pdbx_struct_oper_list.matrix[2][3]         0.0000000000 
_pdbx_struct_oper_list.vector[2]            0.0000000000 
_pdbx_struct_oper_list.matrix[3][1]         0.0000000000 
_pdbx_struct_oper_list.matrix[3][2]         0.0000000000 
_pdbx_struct_oper_list.matrix[3][3]         1.0000000000 
_pdbx_struct_oper_list.vector[3]            0.0000000000 
# 
loop_
_struct_conn.id 
_struct_conn.conn_type_id 
_struct_conn.pdbx_leaving_atom_flag 
_struct_conn.pdbx_PDB_id 
_struct_conn.ptnr1_label_asym_id 
_struct_conn.ptnr1_label_comp_id 
_struct_conn.ptnr1_label_seq_id 
_struct_conn.ptnr1_label_atom_id 
_struct_conn.pdbx_ptnr1_label_alt_id 
_struct_conn.pdbx_ptnr1_PDB_ins_code 
_struct_conn.pdbx_ptnr1_standard_comp_id 
_struct_conn.ptnr1_symmetry 
_struct_conn.ptnr2_label_asym_id 
_struct_conn.ptnr2_label_comp_id 
_struct_conn.ptnr2_label_seq_id 
_struct_conn.ptnr2_label_atom_id 
_struct_conn.pdbx_ptnr2_label_alt_id 
_struct_conn.pdbx_ptnr2_PDB_ins_code 
_struct_conn.ptnr1_auth_asym_id 
_struct_conn.ptnr1_auth_comp_id 
_struct_conn.ptnr1_auth_seq_id 
_struct_conn.ptnr2_auth_asym_id 
_struct_conn.ptnr2_auth_comp_id 
_struct_conn.ptnr2_auth_seq_id 
_struct_conn.ptnr2_symmetry 
_struct_conn.pdbx_ptnr3_label_atom_id 
_struct_conn.pdbx_ptnr3_label_seq_id 
_struct_conn.pdbx_ptnr3_label_comp_id 
_struct_conn.pdbx_ptnr3_label_asym_id 
_struct_conn.pdbx_ptnr3_label_alt_id 
_struct_conn.pdbx_ptnr3_PDB_ins_code 
_struct_conn.details 
_struct_conn.pdbx_dist_value 
_struct_conn.pdbx_value_order 
_struct_conn.pdbx_role 
metalc1  metalc ? ? A C  4  N3 ? ? ? 1_555 E AU .  AU ? ? A C  4   B AU 101 1_555 ? ? ? ? ? ? ?            2.246 ? ? 
metalc2  metalc ? ? A C  9  N3 ? ? ? 1_555 F AU .  AU ? ? A C  9   B AU 102 1_555 ? ? ? ? ? ? ?            2.204 ? ? 
metalc3  metalc ? ? B C  4  N3 ? ? ? 1_555 F AU .  AU ? ? B C  4   B AU 102 1_555 ? ? ? ? ? ? ?            2.163 ? ? 
metalc4  metalc ? ? B C  9  N3 ? ? ? 1_555 E AU .  AU ? ? B C  9   B AU 101 1_555 ? ? ? ? ? ? ?            2.149 ? ? 
metalc5  metalc ? ? C C  4  N3 ? ? ? 1_555 G AU .  AU ? ? C C  4   C AU 101 1_555 ? ? ? ? ? ? ?            2.103 ? ? 
metalc6  metalc ? ? C C  9  N3 ? ? ? 1_555 H AU .  AU ? ? C C  9   C AU 102 1_555 ? ? ? ? ? ? ?            2.017 ? ? 
metalc7  metalc ? ? G AU .  AU ? ? ? 1_555 D C  9  N3 ? ? C AU 101 D C  9   1_555 ? ? ? ? ? ? ?            2.121 ? ? 
metalc8  metalc ? ? H AU .  AU ? ? ? 1_555 D C  4  N3 ? ? C AU 102 D C  4   1_555 ? ? ? ? ? ? ?            2.220 ? ? 
hydrog1  hydrog ? ? A G  1  N1 ? ? ? 1_555 B C  12 N3 ? ? A G  1   B C  12  1_555 ? ? ? ? ? ? WATSON-CRICK ?     ? ? 
hydrog2  hydrog ? ? A G  1  N2 ? ? ? 1_555 B C  12 O2 ? ? A G  1   B C  12  1_555 ? ? ? ? ? ? WATSON-CRICK ?     ? ? 
hydrog3  hydrog ? ? A G  1  O6 ? ? ? 1_555 B C  12 N4 ? ? A G  1   B C  12  1_555 ? ? ? ? ? ? WATSON-CRICK ?     ? ? 
hydrog4  hydrog ? ? A G  2  N1 ? ? ? 1_555 B C  11 N3 ? ? A G  2   B C  11  1_555 ? ? ? ? ? ? WATSON-CRICK ?     ? ? 
hydrog5  hydrog ? ? A G  2  N2 ? ? ? 1_555 B C  11 O2 ? ? A G  2   B C  11  1_555 ? ? ? ? ? ? WATSON-CRICK ?     ? ? 
hydrog6  hydrog ? ? A G  2  O6 ? ? ? 1_555 B C  11 N4 ? ? A G  2   B C  11  1_555 ? ? ? ? ? ? WATSON-CRICK ?     ? ? 
hydrog7  hydrog ? ? A A  3  N1 ? ? ? 1_555 B U  10 N3 ? ? A A  3   B U  10  1_555 ? ? ? ? ? ? WATSON-CRICK ?     ? ? 
hydrog8  hydrog ? ? A A  3  N6 ? ? ? 1_555 B U  10 O4 ? ? A A  3   B U  10  1_555 ? ? ? ? ? ? WATSON-CRICK ?     ? ? 
hydrog9  hydrog ? ? A U  5  N3 ? ? ? 1_555 B A  8  N1 ? ? A U  5   B A  8   1_555 ? ? ? ? ? ? WATSON-CRICK ?     ? ? 
hydrog10 hydrog ? ? A U  5  O4 ? ? ? 1_555 B A  8  N6 ? ? A U  5   B A  8   1_555 ? ? ? ? ? ? WATSON-CRICK ?     ? ? 
hydrog11 hydrog ? ? A C  6  N3 ? ? ? 1_555 B G  7  N1 ? ? A C  6   B G  7   1_555 ? ? ? ? ? ? WATSON-CRICK ?     ? ? 
hydrog12 hydrog ? ? A C  6  N4 ? ? ? 1_555 B G  7  O6 ? ? A C  6   B G  7   1_555 ? ? ? ? ? ? WATSON-CRICK ?     ? ? 
hydrog13 hydrog ? ? A C  6  O2 ? ? ? 1_555 B G  7  N2 ? ? A C  6   B G  7   1_555 ? ? ? ? ? ? WATSON-CRICK ?     ? ? 
hydrog14 hydrog ? ? A G  7  N1 ? ? ? 1_555 B C  6  N3 ? ? A G  7   B C  6   1_555 ? ? ? ? ? ? WATSON-CRICK ?     ? ? 
hydrog15 hydrog ? ? A G  7  N2 ? ? ? 1_555 B C  6  O2 ? ? A G  7   B C  6   1_555 ? ? ? ? ? ? WATSON-CRICK ?     ? ? 
hydrog16 hydrog ? ? A G  7  O6 ? ? ? 1_555 B C  6  N4 ? ? A G  7   B C  6   1_555 ? ? ? ? ? ? WATSON-CRICK ?     ? ? 
hydrog17 hydrog ? ? A A  8  N1 ? ? ? 1_555 B U  5  N3 ? ? A A  8   B U  5   1_555 ? ? ? ? ? ? WATSON-CRICK ?     ? ? 
hydrog18 hydrog ? ? A A  8  N6 ? ? ? 1_555 B U  5  O4 ? ? A A  8   B U  5   1_555 ? ? ? ? ? ? WATSON-CRICK ?     ? ? 
hydrog19 hydrog ? ? A U  10 N3 ? ? ? 1_555 B A  3  N1 ? ? A U  10  B A  3   1_555 ? ? ? ? ? ? WATSON-CRICK ?     ? ? 
hydrog20 hydrog ? ? A U  10 O4 ? ? ? 1_555 B A  3  N6 ? ? A U  10  B A  3   1_555 ? ? ? ? ? ? WATSON-CRICK ?     ? ? 
hydrog21 hydrog ? ? A C  11 N3 ? ? ? 1_555 B G  2  N1 ? ? A C  11  B G  2   1_555 ? ? ? ? ? ? WATSON-CRICK ?     ? ? 
hydrog22 hydrog ? ? A C  11 N4 ? ? ? 1_555 B G  2  O6 ? ? A C  11  B G  2   1_555 ? ? ? ? ? ? WATSON-CRICK ?     ? ? 
hydrog23 hydrog ? ? A C  11 O2 ? ? ? 1_555 B G  2  N2 ? ? A C  11  B G  2   1_555 ? ? ? ? ? ? WATSON-CRICK ?     ? ? 
hydrog24 hydrog ? ? A C  12 N3 ? ? ? 1_555 B G  1  N1 ? ? A C  12  B G  1   1_555 ? ? ? ? ? ? WATSON-CRICK ?     ? ? 
hydrog25 hydrog ? ? A C  12 N4 ? ? ? 1_555 B G  1  O6 ? ? A C  12  B G  1   1_555 ? ? ? ? ? ? WATSON-CRICK ?     ? ? 
hydrog26 hydrog ? ? A C  12 O2 ? ? ? 1_555 B G  1  N2 ? ? A C  12  B G  1   1_555 ? ? ? ? ? ? WATSON-CRICK ?     ? ? 
hydrog27 hydrog ? ? C G  1  N1 ? ? ? 1_555 D C  12 N3 ? ? C G  1   D C  12  1_555 ? ? ? ? ? ? WATSON-CRICK ?     ? ? 
hydrog28 hydrog ? ? C G  1  N2 ? ? ? 1_555 D C  12 O2 ? ? C G  1   D C  12  1_555 ? ? ? ? ? ? WATSON-CRICK ?     ? ? 
hydrog29 hydrog ? ? C G  1  O6 ? ? ? 1_555 D C  12 N4 ? ? C G  1   D C  12  1_555 ? ? ? ? ? ? WATSON-CRICK ?     ? ? 
hydrog30 hydrog ? ? C G  2  N1 ? ? ? 1_555 D C  11 N3 ? ? C G  2   D C  11  1_555 ? ? ? ? ? ? WATSON-CRICK ?     ? ? 
hydrog31 hydrog ? ? C G  2  N2 ? ? ? 1_555 D C  11 O2 ? ? C G  2   D C  11  1_555 ? ? ? ? ? ? WATSON-CRICK ?     ? ? 
hydrog32 hydrog ? ? C G  2  O6 ? ? ? 1_555 D C  11 N4 ? ? C G  2   D C  11  1_555 ? ? ? ? ? ? WATSON-CRICK ?     ? ? 
hydrog33 hydrog ? ? C A  3  N1 ? ? ? 1_555 D U  10 N3 ? ? C A  3   D U  10  1_555 ? ? ? ? ? ? WATSON-CRICK ?     ? ? 
hydrog34 hydrog ? ? C A  3  N6 ? ? ? 1_555 D U  10 O4 ? ? C A  3   D U  10  1_555 ? ? ? ? ? ? WATSON-CRICK ?     ? ? 
hydrog35 hydrog ? ? C U  5  N3 ? ? ? 1_555 D A  8  N1 ? ? C U  5   D A  8   1_555 ? ? ? ? ? ? WATSON-CRICK ?     ? ? 
hydrog36 hydrog ? ? C U  5  O4 ? ? ? 1_555 D A  8  N6 ? ? C U  5   D A  8   1_555 ? ? ? ? ? ? WATSON-CRICK ?     ? ? 
hydrog37 hydrog ? ? C C  6  N3 ? ? ? 1_555 D G  7  N1 ? ? C C  6   D G  7   1_555 ? ? ? ? ? ? WATSON-CRICK ?     ? ? 
hydrog38 hydrog ? ? C C  6  N4 ? ? ? 1_555 D G  7  O6 ? ? C C  6   D G  7   1_555 ? ? ? ? ? ? WATSON-CRICK ?     ? ? 
hydrog39 hydrog ? ? C C  6  O2 ? ? ? 1_555 D G  7  N2 ? ? C C  6   D G  7   1_555 ? ? ? ? ? ? WATSON-CRICK ?     ? ? 
hydrog40 hydrog ? ? C G  7  N1 ? ? ? 1_555 D C  6  N3 ? ? C G  7   D C  6   1_555 ? ? ? ? ? ? WATSON-CRICK ?     ? ? 
hydrog41 hydrog ? ? C G  7  N2 ? ? ? 1_555 D C  6  O2 ? ? C G  7   D C  6   1_555 ? ? ? ? ? ? WATSON-CRICK ?     ? ? 
hydrog42 hydrog ? ? C G  7  O6 ? ? ? 1_555 D C  6  N4 ? ? C G  7   D C  6   1_555 ? ? ? ? ? ? WATSON-CRICK ?     ? ? 
hydrog43 hydrog ? ? C A  8  N1 ? ? ? 1_555 D U  5  N3 ? ? C A  8   D U  5   1_555 ? ? ? ? ? ? WATSON-CRICK ?     ? ? 
hydrog44 hydrog ? ? C A  8  N6 ? ? ? 1_555 D U  5  O4 ? ? C A  8   D U  5   1_555 ? ? ? ? ? ? WATSON-CRICK ?     ? ? 
hydrog45 hydrog ? ? C U  10 N3 ? ? ? 1_555 D A  3  N1 ? ? C U  10  D A  3   1_555 ? ? ? ? ? ? WATSON-CRICK ?     ? ? 
hydrog46 hydrog ? ? C U  10 O4 ? ? ? 1_555 D A  3  N6 ? ? C U  10  D A  3   1_555 ? ? ? ? ? ? WATSON-CRICK ?     ? ? 
hydrog47 hydrog ? ? C C  11 N3 ? ? ? 1_555 D G  2  N1 ? ? C C  11  D G  2   1_555 ? ? ? ? ? ? WATSON-CRICK ?     ? ? 
hydrog48 hydrog ? ? C C  11 N4 ? ? ? 1_555 D G  2  O6 ? ? C C  11  D G  2   1_555 ? ? ? ? ? ? WATSON-CRICK ?     ? ? 
hydrog49 hydrog ? ? C C  11 O2 ? ? ? 1_555 D G  2  N2 ? ? C C  11  D G  2   1_555 ? ? ? ? ? ? WATSON-CRICK ?     ? ? 
hydrog50 hydrog ? ? C C  12 N3 ? ? ? 1_555 D G  1  N1 ? ? C C  12  D G  1   1_555 ? ? ? ? ? ? WATSON-CRICK ?     ? ? 
hydrog51 hydrog ? ? C C  12 N4 ? ? ? 1_555 D G  1  O6 ? ? C C  12  D G  1   1_555 ? ? ? ? ? ? WATSON-CRICK ?     ? ? 
hydrog52 hydrog ? ? C C  12 O2 ? ? ? 1_555 D G  1  N2 ? ? C C  12  D G  1   1_555 ? ? ? ? ? ? WATSON-CRICK ?     ? ? 
# 
loop_
_struct_conn_type.id 
_struct_conn_type.criteria 
_struct_conn_type.reference 
metalc ? ? 
hydrog ? ? 
# 
loop_
_pdbx_struct_conn_angle.id 
_pdbx_struct_conn_angle.ptnr1_label_atom_id 
_pdbx_struct_conn_angle.ptnr1_label_alt_id 
_pdbx_struct_conn_angle.ptnr1_label_asym_id 
_pdbx_struct_conn_angle.ptnr1_label_comp_id 
_pdbx_struct_conn_angle.ptnr1_label_seq_id 
_pdbx_struct_conn_angle.ptnr1_auth_atom_id 
_pdbx_struct_conn_angle.ptnr1_auth_asym_id 
_pdbx_struct_conn_angle.ptnr1_auth_comp_id 
_pdbx_struct_conn_angle.ptnr1_auth_seq_id 
_pdbx_struct_conn_angle.ptnr1_PDB_ins_code 
_pdbx_struct_conn_angle.ptnr1_symmetry 
_pdbx_struct_conn_angle.ptnr2_label_atom_id 
_pdbx_struct_conn_angle.ptnr2_label_alt_id 
_pdbx_struct_conn_angle.ptnr2_label_asym_id 
_pdbx_struct_conn_angle.ptnr2_label_comp_id 
_pdbx_struct_conn_angle.ptnr2_label_seq_id 
_pdbx_struct_conn_angle.ptnr2_auth_atom_id 
_pdbx_struct_conn_angle.ptnr2_auth_asym_id 
_pdbx_struct_conn_angle.ptnr2_auth_comp_id 
_pdbx_struct_conn_angle.ptnr2_auth_seq_id 
_pdbx_struct_conn_angle.ptnr2_PDB_ins_code 
_pdbx_struct_conn_angle.ptnr2_symmetry 
_pdbx_struct_conn_angle.ptnr3_label_atom_id 
_pdbx_struct_conn_angle.ptnr3_label_alt_id 
_pdbx_struct_conn_angle.ptnr3_label_asym_id 
_pdbx_struct_conn_angle.ptnr3_label_comp_id 
_pdbx_struct_conn_angle.ptnr3_label_seq_id 
_pdbx_struct_conn_angle.ptnr3_auth_atom_id 
_pdbx_struct_conn_angle.ptnr3_auth_asym_id 
_pdbx_struct_conn_angle.ptnr3_auth_comp_id 
_pdbx_struct_conn_angle.ptnr3_auth_seq_id 
_pdbx_struct_conn_angle.ptnr3_PDB_ins_code 
_pdbx_struct_conn_angle.ptnr3_symmetry 
_pdbx_struct_conn_angle.value 
_pdbx_struct_conn_angle.value_esd 
1 N3 ? A C 4 ? A C 4 ? 1_555 AU ? E AU . ? B AU 101 ? 1_555 N3 ? B C 9 ? B C 9 ? 1_555 174.2 ? 
2 N3 ? A C 9 ? A C 9 ? 1_555 AU ? F AU . ? B AU 102 ? 1_555 N3 ? B C 4 ? B C 4 ? 1_555 175.5 ? 
3 N3 ? C C 4 ? C C 4 ? 1_555 AU ? G AU . ? C AU 101 ? 1_555 N3 ? D C 9 ? D C 9 ? 1_555 172.5 ? 
4 N3 ? C C 9 ? C C 9 ? 1_555 AU ? H AU . ? C AU 102 ? 1_555 N3 ? D C 4 ? D C 4 ? 1_555 173.1 ? 
# 
_pdbx_entry_details.entry_id                   7EDU 
_pdbx_entry_details.has_ligand_of_interest     Y 
_pdbx_entry_details.compound_details           ? 
_pdbx_entry_details.source_details             ? 
_pdbx_entry_details.nonpolymer_details         ? 
_pdbx_entry_details.sequence_details           ? 
_pdbx_entry_details.has_protein_modification   N 
# 
loop_
_chem_comp_atom.comp_id 
_chem_comp_atom.atom_id 
_chem_comp_atom.type_symbol 
_chem_comp_atom.pdbx_aromatic_flag 
_chem_comp_atom.pdbx_stereo_config 
_chem_comp_atom.pdbx_ordinal 
A   OP3    O  N N 1   
A   P      P  N N 2   
A   OP1    O  N N 3   
A   OP2    O  N N 4   
A   "O5'"  O  N N 5   
A   "C5'"  C  N N 6   
A   "C4'"  C  N R 7   
A   "O4'"  O  N N 8   
A   "C3'"  C  N S 9   
A   "O3'"  O  N N 10  
A   "C2'"  C  N R 11  
A   "O2'"  O  N N 12  
A   "C1'"  C  N R 13  
A   N9     N  Y N 14  
A   C8     C  Y N 15  
A   N7     N  Y N 16  
A   C5     C  Y N 17  
A   C6     C  Y N 18  
A   N6     N  N N 19  
A   N1     N  Y N 20  
A   C2     C  Y N 21  
A   N3     N  Y N 22  
A   C4     C  Y N 23  
A   HOP3   H  N N 24  
A   HOP2   H  N N 25  
A   "H5'"  H  N N 26  
A   "H5''" H  N N 27  
A   "H4'"  H  N N 28  
A   "H3'"  H  N N 29  
A   "HO3'" H  N N 30  
A   "H2'"  H  N N 31  
A   "HO2'" H  N N 32  
A   "H1'"  H  N N 33  
A   H8     H  N N 34  
A   H61    H  N N 35  
A   H62    H  N N 36  
A   H2     H  N N 37  
AU  AU     AU N N 38  
C   OP3    O  N N 39  
C   P      P  N N 40  
C   OP1    O  N N 41  
C   OP2    O  N N 42  
C   "O5'"  O  N N 43  
C   "C5'"  C  N N 44  
C   "C4'"  C  N R 45  
C   "O4'"  O  N N 46  
C   "C3'"  C  N S 47  
C   "O3'"  O  N N 48  
C   "C2'"  C  N R 49  
C   "O2'"  O  N N 50  
C   "C1'"  C  N R 51  
C   N1     N  N N 52  
C   C2     C  N N 53  
C   O2     O  N N 54  
C   N3     N  N N 55  
C   C4     C  N N 56  
C   N4     N  N N 57  
C   C5     C  N N 58  
C   C6     C  N N 59  
C   HOP3   H  N N 60  
C   HOP2   H  N N 61  
C   "H5'"  H  N N 62  
C   "H5''" H  N N 63  
C   "H4'"  H  N N 64  
C   "H3'"  H  N N 65  
C   "HO3'" H  N N 66  
C   "H2'"  H  N N 67  
C   "HO2'" H  N N 68  
C   "H1'"  H  N N 69  
C   H41    H  N N 70  
C   H42    H  N N 71  
C   H5     H  N N 72  
C   H6     H  N N 73  
G   OP3    O  N N 74  
G   P      P  N N 75  
G   OP1    O  N N 76  
G   OP2    O  N N 77  
G   "O5'"  O  N N 78  
G   "C5'"  C  N N 79  
G   "C4'"  C  N R 80  
G   "O4'"  O  N N 81  
G   "C3'"  C  N S 82  
G   "O3'"  O  N N 83  
G   "C2'"  C  N R 84  
G   "O2'"  O  N N 85  
G   "C1'"  C  N R 86  
G   N9     N  Y N 87  
G   C8     C  Y N 88  
G   N7     N  Y N 89  
G   C5     C  Y N 90  
G   C6     C  N N 91  
G   O6     O  N N 92  
G   N1     N  N N 93  
G   C2     C  N N 94  
G   N2     N  N N 95  
G   N3     N  N N 96  
G   C4     C  Y N 97  
G   HOP3   H  N N 98  
G   HOP2   H  N N 99  
G   "H5'"  H  N N 100 
G   "H5''" H  N N 101 
G   "H4'"  H  N N 102 
G   "H3'"  H  N N 103 
G   "HO3'" H  N N 104 
G   "H2'"  H  N N 105 
G   "HO2'" H  N N 106 
G   "H1'"  H  N N 107 
G   H8     H  N N 108 
G   H1     H  N N 109 
G   H21    H  N N 110 
G   H22    H  N N 111 
HOH O      O  N N 112 
HOH H1     H  N N 113 
HOH H2     H  N N 114 
U   OP3    O  N N 115 
U   P      P  N N 116 
U   OP1    O  N N 117 
U   OP2    O  N N 118 
U   "O5'"  O  N N 119 
U   "C5'"  C  N N 120 
U   "C4'"  C  N R 121 
U   "O4'"  O  N N 122 
U   "C3'"  C  N S 123 
U   "O3'"  O  N N 124 
U   "C2'"  C  N R 125 
U   "O2'"  O  N N 126 
U   "C1'"  C  N R 127 
U   N1     N  N N 128 
U   C2     C  N N 129 
U   O2     O  N N 130 
U   N3     N  N N 131 
U   C4     C  N N 132 
U   O4     O  N N 133 
U   C5     C  N N 134 
U   C6     C  N N 135 
U   HOP3   H  N N 136 
U   HOP2   H  N N 137 
U   "H5'"  H  N N 138 
U   "H5''" H  N N 139 
U   "H4'"  H  N N 140 
U   "H3'"  H  N N 141 
U   "HO3'" H  N N 142 
U   "H2'"  H  N N 143 
U   "HO2'" H  N N 144 
U   "H1'"  H  N N 145 
U   H3     H  N N 146 
U   H5     H  N N 147 
U   H6     H  N N 148 
# 
loop_
_chem_comp_bond.comp_id 
_chem_comp_bond.atom_id_1 
_chem_comp_bond.atom_id_2 
_chem_comp_bond.value_order 
_chem_comp_bond.pdbx_aromatic_flag 
_chem_comp_bond.pdbx_stereo_config 
_chem_comp_bond.pdbx_ordinal 
A   OP3   P      sing N N 1   
A   OP3   HOP3   sing N N 2   
A   P     OP1    doub N N 3   
A   P     OP2    sing N N 4   
A   P     "O5'"  sing N N 5   
A   OP2   HOP2   sing N N 6   
A   "O5'" "C5'"  sing N N 7   
A   "C5'" "C4'"  sing N N 8   
A   "C5'" "H5'"  sing N N 9   
A   "C5'" "H5''" sing N N 10  
A   "C4'" "O4'"  sing N N 11  
A   "C4'" "C3'"  sing N N 12  
A   "C4'" "H4'"  sing N N 13  
A   "O4'" "C1'"  sing N N 14  
A   "C3'" "O3'"  sing N N 15  
A   "C3'" "C2'"  sing N N 16  
A   "C3'" "H3'"  sing N N 17  
A   "O3'" "HO3'" sing N N 18  
A   "C2'" "O2'"  sing N N 19  
A   "C2'" "C1'"  sing N N 20  
A   "C2'" "H2'"  sing N N 21  
A   "O2'" "HO2'" sing N N 22  
A   "C1'" N9     sing N N 23  
A   "C1'" "H1'"  sing N N 24  
A   N9    C8     sing Y N 25  
A   N9    C4     sing Y N 26  
A   C8    N7     doub Y N 27  
A   C8    H8     sing N N 28  
A   N7    C5     sing Y N 29  
A   C5    C6     sing Y N 30  
A   C5    C4     doub Y N 31  
A   C6    N6     sing N N 32  
A   C6    N1     doub Y N 33  
A   N6    H61    sing N N 34  
A   N6    H62    sing N N 35  
A   N1    C2     sing Y N 36  
A   C2    N3     doub Y N 37  
A   C2    H2     sing N N 38  
A   N3    C4     sing Y N 39  
C   OP3   P      sing N N 40  
C   OP3   HOP3   sing N N 41  
C   P     OP1    doub N N 42  
C   P     OP2    sing N N 43  
C   P     "O5'"  sing N N 44  
C   OP2   HOP2   sing N N 45  
C   "O5'" "C5'"  sing N N 46  
C   "C5'" "C4'"  sing N N 47  
C   "C5'" "H5'"  sing N N 48  
C   "C5'" "H5''" sing N N 49  
C   "C4'" "O4'"  sing N N 50  
C   "C4'" "C3'"  sing N N 51  
C   "C4'" "H4'"  sing N N 52  
C   "O4'" "C1'"  sing N N 53  
C   "C3'" "O3'"  sing N N 54  
C   "C3'" "C2'"  sing N N 55  
C   "C3'" "H3'"  sing N N 56  
C   "O3'" "HO3'" sing N N 57  
C   "C2'" "O2'"  sing N N 58  
C   "C2'" "C1'"  sing N N 59  
C   "C2'" "H2'"  sing N N 60  
C   "O2'" "HO2'" sing N N 61  
C   "C1'" N1     sing N N 62  
C   "C1'" "H1'"  sing N N 63  
C   N1    C2     sing N N 64  
C   N1    C6     sing N N 65  
C   C2    O2     doub N N 66  
C   C2    N3     sing N N 67  
C   N3    C4     doub N N 68  
C   C4    N4     sing N N 69  
C   C4    C5     sing N N 70  
C   N4    H41    sing N N 71  
C   N4    H42    sing N N 72  
C   C5    C6     doub N N 73  
C   C5    H5     sing N N 74  
C   C6    H6     sing N N 75  
G   OP3   P      sing N N 76  
G   OP3   HOP3   sing N N 77  
G   P     OP1    doub N N 78  
G   P     OP2    sing N N 79  
G   P     "O5'"  sing N N 80  
G   OP2   HOP2   sing N N 81  
G   "O5'" "C5'"  sing N N 82  
G   "C5'" "C4'"  sing N N 83  
G   "C5'" "H5'"  sing N N 84  
G   "C5'" "H5''" sing N N 85  
G   "C4'" "O4'"  sing N N 86  
G   "C4'" "C3'"  sing N N 87  
G   "C4'" "H4'"  sing N N 88  
G   "O4'" "C1'"  sing N N 89  
G   "C3'" "O3'"  sing N N 90  
G   "C3'" "C2'"  sing N N 91  
G   "C3'" "H3'"  sing N N 92  
G   "O3'" "HO3'" sing N N 93  
G   "C2'" "O2'"  sing N N 94  
G   "C2'" "C1'"  sing N N 95  
G   "C2'" "H2'"  sing N N 96  
G   "O2'" "HO2'" sing N N 97  
G   "C1'" N9     sing N N 98  
G   "C1'" "H1'"  sing N N 99  
G   N9    C8     sing Y N 100 
G   N9    C4     sing Y N 101 
G   C8    N7     doub Y N 102 
G   C8    H8     sing N N 103 
G   N7    C5     sing Y N 104 
G   C5    C6     sing N N 105 
G   C5    C4     doub Y N 106 
G   C6    O6     doub N N 107 
G   C6    N1     sing N N 108 
G   N1    C2     sing N N 109 
G   N1    H1     sing N N 110 
G   C2    N2     sing N N 111 
G   C2    N3     doub N N 112 
G   N2    H21    sing N N 113 
G   N2    H22    sing N N 114 
G   N3    C4     sing N N 115 
HOH O     H1     sing N N 116 
HOH O     H2     sing N N 117 
U   OP3   P      sing N N 118 
U   OP3   HOP3   sing N N 119 
U   P     OP1    doub N N 120 
U   P     OP2    sing N N 121 
U   P     "O5'"  sing N N 122 
U   OP2   HOP2   sing N N 123 
U   "O5'" "C5'"  sing N N 124 
U   "C5'" "C4'"  sing N N 125 
U   "C5'" "H5'"  sing N N 126 
U   "C5'" "H5''" sing N N 127 
U   "C4'" "O4'"  sing N N 128 
U   "C4'" "C3'"  sing N N 129 
U   "C4'" "H4'"  sing N N 130 
U   "O4'" "C1'"  sing N N 131 
U   "C3'" "O3'"  sing N N 132 
U   "C3'" "C2'"  sing N N 133 
U   "C3'" "H3'"  sing N N 134 
U   "O3'" "HO3'" sing N N 135 
U   "C2'" "O2'"  sing N N 136 
U   "C2'" "C1'"  sing N N 137 
U   "C2'" "H2'"  sing N N 138 
U   "O2'" "HO2'" sing N N 139 
U   "C1'" N1     sing N N 140 
U   "C1'" "H1'"  sing N N 141 
U   N1    C2     sing N N 142 
U   N1    C6     sing N N 143 
U   C2    O2     doub N N 144 
U   C2    N3     sing N N 145 
U   N3    C4     sing N N 146 
U   N3    H3     sing N N 147 
U   C4    O4     doub N N 148 
U   C4    C5     sing N N 149 
U   C5    C6     doub N N 150 
U   C5    H5     sing N N 151 
U   C6    H6     sing N N 152 
# 
loop_
_ndb_struct_conf_na.entry_id 
_ndb_struct_conf_na.feature 
7EDU 'double helix'        
7EDU 'a-form double helix' 
# 
loop_
_ndb_struct_na_base_pair.model_number 
_ndb_struct_na_base_pair.i_label_asym_id 
_ndb_struct_na_base_pair.i_label_comp_id 
_ndb_struct_na_base_pair.i_label_seq_id 
_ndb_struct_na_base_pair.i_symmetry 
_ndb_struct_na_base_pair.j_label_asym_id 
_ndb_struct_na_base_pair.j_label_comp_id 
_ndb_struct_na_base_pair.j_label_seq_id 
_ndb_struct_na_base_pair.j_symmetry 
_ndb_struct_na_base_pair.shear 
_ndb_struct_na_base_pair.stretch 
_ndb_struct_na_base_pair.stagger 
_ndb_struct_na_base_pair.buckle 
_ndb_struct_na_base_pair.propeller 
_ndb_struct_na_base_pair.opening 
_ndb_struct_na_base_pair.pair_number 
_ndb_struct_na_base_pair.pair_name 
_ndb_struct_na_base_pair.i_auth_asym_id 
_ndb_struct_na_base_pair.i_auth_seq_id 
_ndb_struct_na_base_pair.i_PDB_ins_code 
_ndb_struct_na_base_pair.j_auth_asym_id 
_ndb_struct_na_base_pair.j_auth_seq_id 
_ndb_struct_na_base_pair.j_PDB_ins_code 
_ndb_struct_na_base_pair.hbond_type_28 
_ndb_struct_na_base_pair.hbond_type_12 
1 A G 1  1_555 B C 12 1_555 -0.166 -0.434 0.178  -11.004 -1.177  -4.029 1  A_G1:C12_B A 1  ? B 12 ? 19 1 
1 A G 2  1_555 B C 11 1_555 -0.230 -0.082 0.209  4.584   -6.144  0.430  2  A_G2:C11_B A 2  ? B 11 ? 19 1 
1 A A 3  1_555 B U 10 1_555 -0.076 -0.233 0.460  16.453  -10.292 8.107  3  A_A3:U10_B A 3  ? B 10 ? 20 1 
1 A U 5  1_555 B A 8  1_555 -0.216 -0.266 0.290  -6.739  -19.028 4.276  4  A_U5:A8_B  A 5  ? B 8  ? 20 1 
1 A C 6  1_555 B G 7  1_555 0.119  -0.001 0.315  0.364   -14.514 1.367  5  A_C6:G7_B  A 6  ? B 7  ? 19 1 
1 A G 7  1_555 B C 6  1_555 -0.032 -0.117 0.315  -2.381  -10.455 3.916  6  A_G7:C6_B  A 7  ? B 6  ? 19 1 
1 A A 8  1_555 B U 5  1_555 0.238  -0.199 -0.190 -0.947  -18.731 4.419  7  A_A8:U5_B  A 8  ? B 5  ? 20 1 
1 A U 10 1_555 B A 3  1_555 0.274  -0.178 0.548  -12.760 -16.808 6.812  8  A_U10:A3_B A 10 ? B 3  ? 20 1 
1 A C 11 1_555 B G 2  1_555 0.005  -0.128 0.077  2.714   -7.773  -0.677 9  A_C11:G2_B A 11 ? B 2  ? 19 1 
1 A C 12 1_555 B G 1  1_555 0.151  -0.193 0.348  -0.868  -15.921 0.258  10 A_C12:G1_B A 12 ? B 1  ? 19 1 
1 C G 1  1_555 D C 12 1_555 -0.376 -0.295 -0.346 -5.782  -13.861 -2.769 11 C_G1:C12_D C 1  ? D 12 ? 19 1 
1 C G 2  1_555 D C 11 1_555 -0.112 -0.107 0.227  -1.848  -12.103 2.937  12 C_G2:C11_D C 2  ? D 11 ? 19 1 
1 C A 3  1_555 D U 10 1_555 -0.011 -0.310 -0.091 -6.814  -13.464 2.527  13 C_A3:U10_D C 3  ? D 10 ? 20 1 
1 C U 5  1_555 D A 8  1_555 -0.247 -0.129 -0.055 -4.177  -11.359 1.979  14 C_U5:A8_D  C 5  ? D 8  ? 20 1 
1 C C 6  1_555 D G 7  1_555 0.240  -0.357 -0.198 -2.437  -4.802  -2.294 15 C_C6:G7_D  C 6  ? D 7  ? 19 1 
1 C G 7  1_555 D C 6  1_555 -0.057 -0.060 -0.258 -0.307  -9.664  2.136  16 C_G7:C6_D  C 7  ? D 6  ? 19 1 
1 C A 8  1_555 D U 5  1_555 0.030  -0.288 0.142  3.910   -18.046 5.765  17 C_A8:U5_D  C 8  ? D 5  ? 20 1 
1 C U 10 1_555 D A 3  1_555 -0.218 -0.049 0.585  -7.841  -10.107 -2.169 18 C_U10:A3_D C 10 ? D 3  ? 20 1 
1 C C 11 1_555 D G 2  1_555 0.097  -0.062 0.013  10.612  -19.248 -0.015 19 C_C11:G2_D C 11 ? D 2  ? 19 1 
1 C C 12 1_555 D G 1  1_555 0.097  -0.191 0.113  5.192   -10.490 -0.986 20 C_C12:G1_D C 12 ? D 1  ? 19 1 
# 
loop_
_ndb_struct_na_base_pair_step.model_number 
_ndb_struct_na_base_pair_step.i_label_asym_id_1 
_ndb_struct_na_base_pair_step.i_label_comp_id_1 
_ndb_struct_na_base_pair_step.i_label_seq_id_1 
_ndb_struct_na_base_pair_step.i_symmetry_1 
_ndb_struct_na_base_pair_step.j_label_asym_id_1 
_ndb_struct_na_base_pair_step.j_label_comp_id_1 
_ndb_struct_na_base_pair_step.j_label_seq_id_1 
_ndb_struct_na_base_pair_step.j_symmetry_1 
_ndb_struct_na_base_pair_step.i_label_asym_id_2 
_ndb_struct_na_base_pair_step.i_label_comp_id_2 
_ndb_struct_na_base_pair_step.i_label_seq_id_2 
_ndb_struct_na_base_pair_step.i_symmetry_2 
_ndb_struct_na_base_pair_step.j_label_asym_id_2 
_ndb_struct_na_base_pair_step.j_label_comp_id_2 
_ndb_struct_na_base_pair_step.j_label_seq_id_2 
_ndb_struct_na_base_pair_step.j_symmetry_2 
_ndb_struct_na_base_pair_step.shift 
_ndb_struct_na_base_pair_step.slide 
_ndb_struct_na_base_pair_step.rise 
_ndb_struct_na_base_pair_step.tilt 
_ndb_struct_na_base_pair_step.roll 
_ndb_struct_na_base_pair_step.twist 
_ndb_struct_na_base_pair_step.x_displacement 
_ndb_struct_na_base_pair_step.y_displacement 
_ndb_struct_na_base_pair_step.helical_rise 
_ndb_struct_na_base_pair_step.inclination 
_ndb_struct_na_base_pair_step.tip 
_ndb_struct_na_base_pair_step.helical_twist 
_ndb_struct_na_base_pair_step.step_number 
_ndb_struct_na_base_pair_step.step_name 
_ndb_struct_na_base_pair_step.i_auth_asym_id_1 
_ndb_struct_na_base_pair_step.i_auth_seq_id_1 
_ndb_struct_na_base_pair_step.i_PDB_ins_code_1 
_ndb_struct_na_base_pair_step.j_auth_asym_id_1 
_ndb_struct_na_base_pair_step.j_auth_seq_id_1 
_ndb_struct_na_base_pair_step.j_PDB_ins_code_1 
_ndb_struct_na_base_pair_step.i_auth_asym_id_2 
_ndb_struct_na_base_pair_step.i_auth_seq_id_2 
_ndb_struct_na_base_pair_step.i_PDB_ins_code_2 
_ndb_struct_na_base_pair_step.j_auth_asym_id_2 
_ndb_struct_na_base_pair_step.j_auth_seq_id_2 
_ndb_struct_na_base_pair_step.j_PDB_ins_code_2 
1 A G 1  1_555 B C 12 1_555 A G 2  1_555 B C 11 1_555 -0.071 -1.595 2.917 -1.318 4.415  32.170 -3.515 -0.072 2.681 7.916  2.364   
32.489 1  AA_G1G2:C11C12_BB A 1  ? B 12 ? A 2  ? B 11 ? 
1 A G 2  1_555 B C 11 1_555 A A 3  1_555 B U 10 1_555 0.463  -1.491 2.903 -1.264 3.244  28.977 -3.566 -1.156 2.701 6.454  2.514   
29.181 2  AA_G2A3:U10C11_BB A 2  ? B 11 ? A 3  ? B 10 ? 
1 A A 3  1_555 B U 10 1_555 A U 5  1_555 B A 8  1_555 -0.030 -3.564 6.376 3.809  27.051 69.232 -4.513 0.242  4.889 22.935 -3.229  
73.797 3  AA_A3U5:A8U10_BB  A 3  ? B 10 ? A 5  ? B 8  ? 
1 A U 5  1_555 B A 8  1_555 A C 6  1_555 B G 7  1_555 -0.239 -1.996 2.860 0.842  10.230 27.777 -5.576 0.606  2.006 20.445 -1.684  
29.577 4  AA_U5C6:G7A8_BB   A 5  ? B 8  ? A 6  ? B 7  ? 
1 A C 6  1_555 B G 7  1_555 A G 7  1_555 B C 6  1_555 -0.364 -1.654 3.119 -1.634 10.815 32.297 -4.338 0.393  2.468 18.783 2.838   
34.052 5  AA_C6G7:C6G7_BB   A 6  ? B 7  ? A 7  ? B 6  ? 
1 A G 7  1_555 B C 6  1_555 A A 8  1_555 B U 5  1_555 0.372  -1.739 3.185 3.654  10.741 29.068 -5.062 -0.072 2.432 20.444 -6.954  
31.159 6  AA_G7A8:U5C6_BB   A 7  ? B 6  ? A 8  ? B 5  ? 
1 A A 8  1_555 B U 5  1_555 A U 10 1_555 B A 3  1_555 0.094  -2.634 6.507 -4.796 21.693 67.718 -3.700 -0.397 5.539 18.955 4.190   
70.854 7  AA_A8U10:A3U5_BB  A 8  ? B 5  ? A 10 ? B 3  ? 
1 A U 10 1_555 B A 3  1_555 A C 11 1_555 B G 2  1_555 -0.049 -1.695 2.765 5.842  6.678  27.701 -4.529 1.105  2.246 13.515 -11.823 
29.061 8  AA_U10C11:G2A3_BB A 10 ? B 3  ? A 11 ? B 2  ? 
1 A C 11 1_555 B G 2  1_555 A C 12 1_555 B G 1  1_555 0.385  -1.339 3.353 2.034  7.214  34.588 -3.256 -0.337 3.038 11.960 -3.373  
35.366 9  AA_C11C12:G1G2_BB A 11 ? B 2  ? A 12 ? B 1  ? 
1 C G 1  1_555 D C 12 1_555 C G 2  1_555 D C 11 1_555 0.067  -1.440 2.936 -8.403 8.613  36.425 -3.111 -0.997 2.470 13.338 13.014  
38.297 10 CC_G1G2:C11C12_DD C 1  ? D 12 ? C 2  ? D 11 ? 
1 C G 2  1_555 D C 11 1_555 C A 3  1_555 D U 10 1_555 0.249  -1.652 3.270 3.091  6.018  29.648 -4.303 0.116  2.896 11.572 -5.943  
30.393 11 CC_G2A3:U10C11_DD C 2  ? D 11 ? C 3  ? D 10 ? 
1 C A 3  1_555 D U 10 1_555 C U 5  1_555 D A 8  1_555 -0.342 -2.896 6.075 -4.111 23.253 67.331 -3.907 0.046  4.987 20.345 3.597   
70.889 12 CC_A3U5:A8U10_DD  C 3  ? D 10 ? C 5  ? D 8  ? 
1 C U 5  1_555 D A 8  1_555 C C 6  1_555 D G 7  1_555 0.137  -1.527 3.192 3.282  8.195  29.322 -4.382 0.336  2.677 15.745 -6.306  
30.594 13 CC_U5C6:G7A8_DD   C 5  ? D 8  ? C 6  ? D 7  ? 
1 C C 6  1_555 D G 7  1_555 C G 7  1_555 D C 6  1_555 0.333  -1.363 3.160 2.733  13.923 30.070 -4.456 -0.178 2.339 25.150 -4.936  
33.179 14 CC_C6G7:C6G7_DD   C 6  ? D 7  ? C 7  ? D 6  ? 
1 C G 7  1_555 D C 6  1_555 C A 8  1_555 D U 5  1_555 -0.033 -1.700 3.058 -3.432 10.489 29.340 -4.834 -0.490 2.317 19.845 6.494   
31.304 15 CC_G7A8:U5C6_DD   C 7  ? D 6  ? C 8  ? D 5  ? 
1 C A 8  1_555 D U 5  1_555 C U 10 1_555 D A 3  1_555 -0.064 -2.970 6.349 -1.745 21.652 70.997 -3.737 -0.048 5.384 18.225 1.469   
73.827 16 CC_A8U10:A3U5_DD  C 8  ? D 5  ? C 10 ? D 3  ? 
1 C U 10 1_555 D A 3  1_555 C C 11 1_555 D G 2  1_555 0.634  -2.301 2.548 6.973  7.475  22.604 -6.944 -0.001 1.818 17.939 -16.733 
24.781 17 CC_U10C11:G2A3_DD C 10 ? D 3  ? C 11 ? D 2  ? 
1 C C 11 1_555 D G 2  1_555 C C 12 1_555 D G 1  1_555 -0.144 -1.810 3.358 -1.379 7.430  33.177 -4.244 0.033  2.900 12.806 2.377   
34.004 18 CC_C11C12:G1G2_DD C 11 ? D 2  ? C 12 ? D 1  ? 
# 
_pdbx_audit_support.funding_organization   'Ministry of Education, Culture, Sports, Science and Technology (Japan)' 
_pdbx_audit_support.country                Japan 
_pdbx_audit_support.grant_number           24245037 
_pdbx_audit_support.ordinal                1 
# 
_pdbx_initial_refinement_model.accession_code   ? 
_pdbx_initial_refinement_model.id               1 
_pdbx_initial_refinement_model.entity_id_list   ? 
_pdbx_initial_refinement_model.type             other 
_pdbx_initial_refinement_model.source_name      ? 
_pdbx_initial_refinement_model.details          'RNA duplex constructed using Coot' 
# 
_atom_sites.entry_id                    7EDU 
_atom_sites.Cartn_transf_matrix[1][1]   ? 
_atom_sites.Cartn_transf_matrix[1][2]   ? 
_atom_sites.Cartn_transf_matrix[1][3]   ? 
_atom_sites.Cartn_transf_matrix[2][1]   ? 
_atom_sites.Cartn_transf_matrix[2][2]   ? 
_atom_sites.Cartn_transf_matrix[2][3]   ? 
_atom_sites.Cartn_transf_matrix[3][1]   ? 
_atom_sites.Cartn_transf_matrix[3][2]   ? 
_atom_sites.Cartn_transf_matrix[3][3]   ? 
_atom_sites.Cartn_transf_vector[1]      ? 
_atom_sites.Cartn_transf_vector[2]      ? 
_atom_sites.Cartn_transf_vector[3]      ? 
_atom_sites.fract_transf_matrix[1][1]   -0.00076309 
_atom_sites.fract_transf_matrix[1][2]   0.02540851 
_atom_sites.fract_transf_matrix[1][3]   -0.03026348 
_atom_sites.fract_transf_matrix[2][1]   0.02273530 
_atom_sites.fract_transf_matrix[2][2]   -0.00633814 
_atom_sites.fract_transf_matrix[2][3]   -0.03170176 
_atom_sites.fract_transf_matrix[3][1]   -0.00285968 
_atom_sites.fract_transf_matrix[3][2]   -0.00204228 
_atom_sites.fract_transf_matrix[3][3]   -0.00164254 
_atom_sites.fract_transf_vector[1]      0.547028 
_atom_sites.fract_transf_vector[2]      0.666736 
_atom_sites.fract_transf_vector[3]      0.042475 
_atom_sites.solution_primary            ? 
_atom_sites.solution_secondary          ? 
_atom_sites.solution_hydrogens          ? 
_atom_sites.special_details             ? 
# 
loop_
_atom_type.symbol 
AU 
C  
N  
O  
P  
# 
loop_
_atom_site.group_PDB 
_atom_site.id 
_atom_site.type_symbol 
_atom_site.label_atom_id 
_atom_site.label_alt_id 
_atom_site.label_comp_id 
_atom_site.label_asym_id 
_atom_site.label_entity_id 
_atom_site.label_seq_id 
_atom_site.pdbx_PDB_ins_code 
_atom_site.Cartn_x 
_atom_site.Cartn_y 
_atom_site.Cartn_z 
_atom_site.occupancy 
_atom_site.B_iso_or_equiv 
_atom_site.pdbx_formal_charge 
_atom_site.auth_seq_id 
_atom_site.auth_comp_id 
_atom_site.auth_asym_id 
_atom_site.auth_atom_id 
_atom_site.pdbx_PDB_model_num 
ATOM   1    O  "O5'" . G   A 1 1  ? 9.779   16.653  -3.426  1.00 34.20 ?  1   G   A "O5'" 1 
ATOM   2    C  "C5'" . G   A 1 1  ? 11.191  16.692  -3.323  1.00 29.82 ?  1   G   A "C5'" 1 
ATOM   3    C  "C4'" . G   A 1 1  ? 11.614  17.832  -2.436  1.00 32.94 ?  1   G   A "C4'" 1 
ATOM   4    O  "O4'" . G   A 1 1  ? 10.716  18.961  -2.624  1.00 35.17 ?  1   G   A "O4'" 1 
ATOM   5    C  "C3'" . G   A 1 1  ? 11.557  17.575  -0.943  1.00 29.39 ?  1   G   A "C3'" 1 
ATOM   6    O  "O3'" . G   A 1 1  ? 12.691  16.894  -0.473  1.00 35.79 ?  1   G   A "O3'" 1 
ATOM   7    C  "C2'" . G   A 1 1  ? 11.461  18.974  -0.388  1.00 30.19 ?  1   G   A "C2'" 1 
ATOM   8    O  "O2'" . G   A 1 1  ? 12.723  19.616  -0.537  1.00 31.11 ?  1   G   A "O2'" 1 
ATOM   9    C  "C1'" . G   A 1 1  ? 10.506  19.608  -1.389  1.00 32.53 ?  1   G   A "C1'" 1 
ATOM   10   N  N9    . G   A 1 1  ? 9.094   19.429  -1.026  1.00 29.80 ?  1   G   A N9    1 
ATOM   11   C  C8    . G   A 1 1  ? 8.169   18.794  -1.805  1.00 28.67 ?  1   G   A C8    1 
ATOM   12   N  N7    . G   A 1 1  ? 6.976   18.780  -1.288  1.00 30.71 ?  1   G   A N7    1 
ATOM   13   C  C5    . G   A 1 1  ? 7.122   19.462  -0.095  1.00 29.32 ?  1   G   A C5    1 
ATOM   14   C  C6    . G   A 1 1  ? 6.170   19.770  0.889   1.00 26.83 ?  1   G   A C6    1 
ATOM   15   O  O6    . G   A 1 1  ? 4.969   19.512  0.916   1.00 30.86 ?  1   G   A O6    1 
ATOM   16   N  N1    . G   A 1 1  ? 6.727   20.481  1.937   1.00 28.18 ?  1   G   A N1    1 
ATOM   17   C  C2    . G   A 1 1  ? 8.037   20.847  2.045   1.00 26.48 ?  1   G   A C2    1 
ATOM   18   N  N2    . G   A 1 1  ? 8.345   21.538  3.157   1.00 23.93 ?  1   G   A N2    1 
ATOM   19   N  N3    . G   A 1 1  ? 8.938   20.562  1.126   1.00 28.04 ?  1   G   A N3    1 
ATOM   20   C  C4    . G   A 1 1  ? 8.421   19.880  0.088   1.00 29.75 ?  1   G   A C4    1 
ATOM   21   P  P     . G   A 1 2  ? 12.508  15.561  0.373   1.00 34.48 ?  2   G   A P     1 
ATOM   22   O  OP1   . G   A 1 2  ? 13.697  14.740  0.075   1.00 36.31 ?  2   G   A OP1   1 
ATOM   23   O  OP2   . G   A 1 2  ? 11.134  15.059  0.124   1.00 29.90 ?  2   G   A OP2   1 
ATOM   24   O  "O5'" . G   A 1 2  ? 12.538  16.044  1.883   1.00 33.69 ?  2   G   A "O5'" 1 
ATOM   25   C  "C5'" . G   A 1 2  ? 13.499  16.986  2.320   1.00 30.76 ?  2   G   A "C5'" 1 
ATOM   26   C  "C4'" . G   A 1 2  ? 13.037  17.680  3.570   1.00 30.42 ?  2   G   A "C4'" 1 
ATOM   27   O  "O4'" . G   A 1 2  ? 12.029  18.670  3.243   1.00 33.39 ?  2   G   A "O4'" 1 
ATOM   28   C  "C3'" . G   A 1 2  ? 12.361  16.806  4.613   1.00 31.15 ?  2   G   A "C3'" 1 
ATOM   29   O  "O3'" . G   A 1 2  ? 13.286  16.073  5.396   1.00 33.72 ?  2   G   A "O3'" 1 
ATOM   30   C  "C2'" . G   A 1 2  ? 11.547  17.827  5.402   1.00 31.29 ?  2   G   A "C2'" 1 
ATOM   31   O  "O2'" . G   A 1 2  ? 12.398  18.609  6.235   1.00 32.76 ?  2   G   A "O2'" 1 
ATOM   32   C  "C1'" . G   A 1 2  ? 11.058  18.730  4.273   1.00 32.09 ?  2   G   A "C1'" 1 
ATOM   33   N  N9    . G   A 1 2  ? 9.765   18.265  3.736   1.00 28.16 ?  2   G   A N9    1 
ATOM   34   C  C8    . G   A 1 2  ? 9.572   17.528  2.603   1.00 27.62 ?  2   G   A C8    1 
ATOM   35   N  N7    . G   A 1 2  ? 8.320   17.246  2.395   1.00 29.80 ?  2   G   A N7    1 
ATOM   36   C  C5    . G   A 1 2  ? 7.639   17.829  3.454   1.00 24.94 ?  2   G   A C5    1 
ATOM   37   C  C6    . G   A 1 2  ? 6.248   17.865  3.762   1.00 25.31 ?  2   G   A C6    1 
ATOM   38   O  O6    . G   A 1 2  ? 5.280   17.385  3.163   1.00 27.52 ?  2   G   A O6    1 
ATOM   39   N  N1    . G   A 1 2  ? 5.997   18.567  4.920   1.00 23.11 ?  2   G   A N1    1 
ATOM   40   C  C2    . G   A 1 2  ? 6.953   19.180  5.682   1.00 29.59 ?  2   G   A C2    1 
ATOM   41   N  N2    . G   A 1 2  ? 6.487   19.805  6.775   1.00 23.42 ?  2   G   A N2    1 
ATOM   42   N  N3    . G   A 1 2  ? 8.258   19.160  5.410   1.00 28.79 ?  2   G   A N3    1 
ATOM   43   C  C4    . G   A 1 2  ? 8.524   18.468  4.284   1.00 26.13 ?  2   G   A C4    1 
ATOM   44   P  P     . A   A 1 3  ? 12.895  14.640  6.011   1.00 30.27 ?  3   A   A P     1 
ATOM   45   O  OP1   . A   A 1 3  ? 14.109  14.065  6.640   1.00 37.76 ?  3   A   A OP1   1 
ATOM   46   O  OP2   . A   A 1 3  ? 12.162  13.871  4.995   1.00 35.50 ?  3   A   A OP2   1 
ATOM   47   O  "O5'" . A   A 1 3  ? 11.904  14.986  7.197   1.00 32.21 ?  3   A   A "O5'" 1 
ATOM   48   C  "C5'" . A   A 1 3  ? 12.290  15.868  8.240   1.00 26.54 ?  3   A   A "C5'" 1 
ATOM   49   C  "C4'" . A   A 1 3  ? 11.099  16.277  9.068   1.00 28.88 ?  3   A   A "C4'" 1 
ATOM   50   O  "O4'" . A   A 1 3  ? 10.172  17.036  8.251   1.00 38.14 ?  3   A   A "O4'" 1 
ATOM   51   C  "C3'" . A   A 1 3  ? 10.243  15.143  9.598   1.00 35.86 ?  3   A   A "C3'" 1 
ATOM   52   O  "O3'" . A   A 1 3  ? 10.785  14.491  10.729  1.00 40.29 ?  3   A   A "O3'" 1 
ATOM   53   C  "C2'" . A   A 1 3  ? 8.905   15.828  9.844   1.00 32.59 ?  3   A   A "C2'" 1 
ATOM   54   O  "O2'" . A   A 1 3  ? 8.939   16.605  11.034  1.00 35.19 ?  3   A   A "O2'" 1 
ATOM   55   C  "C1'" . A   A 1 3  ? 8.840   16.769  8.652   1.00 28.90 ?  3   A   A "C1'" 1 
ATOM   56   N  N9    . A   A 1 3  ? 8.139   16.141  7.527   1.00 28.51 ?  3   A   A N9    1 
ATOM   57   C  C8    . A   A 1 3  ? 8.701   15.512  6.450   1.00 26.80 ?  3   A   A C8    1 
ATOM   58   N  N7    . A   A 1 3  ? 7.792   15.055  5.609   1.00 31.91 ?  3   A   A N7    1 
ATOM   59   C  C5    . A   A 1 3  ? 6.562   15.410  6.154   1.00 31.50 ?  3   A   A C5    1 
ATOM   60   C  C6    . A   A 1 3  ? 5.210   15.194  5.746   1.00 28.33 ?  3   A   A C6    1 
ATOM   61   N  N6    . A   A 1 3  ? 4.830   14.568  4.632   1.00 27.60 ?  3   A   A N6    1 
ATOM   62   N  N1    . A   A 1 3  ? 4.242   15.683  6.540   1.00 27.77 ?  3   A   A N1    1 
ATOM   63   C  C2    . A   A 1 3  ? 4.607   16.331  7.661   1.00 29.75 ?  3   A   A C2    1 
ATOM   64   N  N3    . A   A 1 3  ? 5.831   16.576  8.148   1.00 26.52 ?  3   A   A N3    1 
ATOM   65   C  C4    . A   A 1 3  ? 6.778   16.092  7.343   1.00 25.94 ?  3   A   A C4    1 
ATOM   66   P  P     . C   A 1 4  ? 10.622  12.905  10.829  1.00 41.79 ?  4   C   A P     1 
ATOM   67   O  OP1   . C   A 1 4  ? 11.348  12.401  12.022  1.00 43.96 ?  4   C   A OP1   1 
ATOM   68   O  OP2   . C   A 1 4  ? 10.898  12.397  9.465   1.00 27.00 ?  4   C   A OP2   1 
ATOM   69   O  "O5'" . C   A 1 4  ? 9.078   12.730  11.152  1.00 35.19 ?  4   C   A "O5'" 1 
ATOM   70   C  "C5'" . C   A 1 4  ? 8.533   13.293  12.329  1.00 28.69 ?  4   C   A "C5'" 1 
ATOM   71   C  "C4'" . C   A 1 4  ? 7.028   13.342  12.264  1.00 36.75 ?  4   C   A "C4'" 1 
ATOM   72   O  "O4'" . C   A 1 4  ? 6.608   14.084  11.093  1.00 34.25 ?  4   C   A "O4'" 1 
ATOM   73   C  "C3'" . C   A 1 4  ? 6.314   12.009  12.125  1.00 36.25 ?  4   C   A "C3'" 1 
ATOM   74   O  "O3'" . C   A 1 4  ? 6.177   11.343  13.363  1.00 33.32 ?  4   C   A "O3'" 1 
ATOM   75   C  "C2'" . C   A 1 4  ? 4.983   12.420  11.528  1.00 30.72 ?  4   C   A "C2'" 1 
ATOM   76   O  "O2'" . C   A 1 4  ? 4.161   12.975  12.543  1.00 35.83 ?  4   C   A "O2'" 1 
ATOM   77   C  "C1'" . C   A 1 4  ? 5.417   13.546  10.589  1.00 29.59 ?  4   C   A "C1'" 1 
ATOM   78   N  N1    . C   A 1 4  ? 5.698   13.057  9.224   1.00 36.19 ?  4   C   A N1    1 
ATOM   79   C  C2    . C   A 1 4  ? 4.622   12.861  8.382   1.00 23.93 ?  4   C   A C2    1 
ATOM   80   O  O2    . C   A 1 4  ? 3.498   13.088  8.805   1.00 25.11 ?  4   C   A O2    1 
ATOM   81   N  N3    . C   A 1 4  ? 4.837   12.414  7.148   1.00 26.75 ?  4   C   A N3    1 
ATOM   82   C  C4    . C   A 1 4  ? 6.044   12.162  6.709   1.00 27.10 ?  4   C   A C4    1 
ATOM   83   N  N4    . C   A 1 4  ? 6.120   11.724  5.453   1.00 26.39 ?  4   C   A N4    1 
ATOM   84   C  C5    . C   A 1 4  ? 7.193   12.358  7.528   1.00 27.01 ?  4   C   A C5    1 
ATOM   85   C  C6    . C   A 1 4  ? 6.976   12.810  8.777   1.00 32.67 ?  4   C   A C6    1 
ATOM   86   P  P     . U   A 1 5  ? 6.614   9.815   13.473  1.00 39.77 ?  5   U   A P     1 
ATOM   87   O  OP1   . U   A 1 5  ? 7.009   9.589   14.900  1.00 35.43 ?  5   U   A OP1   1 
ATOM   88   O  OP2   . U   A 1 5  ? 7.557   9.571   12.345  1.00 31.56 ?  5   U   A OP2   1 
ATOM   89   O  "O5'" . U   A 1 5  ? 5.272   9.018   13.107  1.00 38.15 ?  5   U   A "O5'" 1 
ATOM   90   C  "C5'" . U   A 1 5  ? 4.119   9.102   13.931  1.00 32.57 ?  5   U   A "C5'" 1 
ATOM   91   C  "C4'" . U   A 1 5  ? 2.870   8.610   13.231  1.00 33.78 ?  5   U   A "C4'" 1 
ATOM   92   O  "O4'" . U   A 1 5  ? 2.512   9.512   12.148  1.00 33.24 ?  5   U   A "O4'" 1 
ATOM   93   C  "C3'" . U   A 1 5  ? 2.939   7.247   12.553  1.00 32.95 ?  5   U   A "C3'" 1 
ATOM   94   O  "O3'" . U   A 1 5  ? 2.820   6.151   13.425  1.00 33.58 ?  5   U   A "O3'" 1 
ATOM   95   C  "C2'" . U   A 1 5  ? 1.794   7.325   11.572  1.00 28.34 ?  5   U   A "C2'" 1 
ATOM   96   O  "O2'" . U   A 1 5  ? 0.561   7.143   12.256  1.00 29.72 ?  5   U   A "O2'" 1 
ATOM   97   C  "C1'" . U   A 1 5  ? 1.910   8.780   11.105  1.00 29.31 ?  5   U   A "C1'" 1 
ATOM   98   N  N1    . U   A 1 5  ? 2.770   8.860   9.909   1.00 29.54 ?  5   U   A N1    1 
ATOM   99   C  C2    . U   A 1 5  ? 2.151   8.553   8.719   1.00 32.36 ?  5   U   A C2    1 
ATOM   100  O  O2    . U   A 1 5  ? 0.960   8.290   8.639   1.00 29.46 ?  5   U   A O2    1 
ATOM   101  N  N3    . U   A 1 5  ? 2.966   8.599   7.622   1.00 31.51 ?  5   U   A N3    1 
ATOM   102  C  C4    . U   A 1 5  ? 4.306   8.887   7.596   1.00 28.31 ?  5   U   A C4    1 
ATOM   103  O  O4    . U   A 1 5  ? 4.881   8.883   6.510   1.00 32.33 ?  5   U   A O4    1 
ATOM   104  C  C5    . U   A 1 5  ? 4.890   9.157   8.873   1.00 23.89 ?  5   U   A C5    1 
ATOM   105  C  C6    . U   A 1 5  ? 4.113   9.134   9.955   1.00 28.59 ?  5   U   A C6    1 
ATOM   106  P  P     . C   A 1 6  ? 3.599   4.799   13.070  1.00 40.14 ?  6   C   A P     1 
ATOM   107  O  OP1   . C   A 1 6  ? 3.427   3.918   14.249  1.00 37.44 ?  6   C   A OP1   1 
ATOM   108  O  OP2   . C   A 1 6  ? 4.912   5.199   12.489  1.00 32.06 ?  6   C   A OP2   1 
ATOM   109  O  "O5'" . C   A 1 6  ? 2.822   4.153   11.842  1.00 33.04 ?  6   C   A "O5'" 1 
ATOM   110  C  "C5'" . C   A 1 6  ? 1.604   3.466   12.035  1.00 41.92 ?  6   C   A "C5'" 1 
ATOM   111  C  "C4'" . C   A 1 6  ? 0.855   3.246   10.737  1.00 46.19 ?  6   C   A "C4'" 1 
ATOM   112  O  "O4'" . C   A 1 6  ? 0.827   4.458   9.927   1.00 46.21 ?  6   C   A "O4'" 1 
ATOM   113  C  "C3'" . C   A 1 6  ? 1.394   2.203   9.776   1.00 41.59 ?  6   C   A "C3'" 1 
ATOM   114  O  "O3'" . C   A 1 6  ? 1.171   0.871   10.210  1.00 39.18 ?  6   C   A "O3'" 1 
ATOM   115  C  "C2'" . C   A 1 6  ? 0.655   2.576   8.498   1.00 41.39 ?  6   C   A "C2'" 1 
ATOM   116  O  "O2'" . C   A 1 6  ? -0.712  2.227   8.611   1.00 41.36 ?  6   C   A "O2'" 1 
ATOM   117  C  "C1'" . C   A 1 6  ? 0.720   4.103   8.561   1.00 42.04 ?  6   C   A "C1'" 1 
ATOM   118  N  N1    . C   A 1 6  ? 1.888   4.632   7.819   1.00 38.21 ?  6   C   A N1    1 
ATOM   119  C  C2    . C   A 1 6  ? 1.775   4.666   6.430   1.00 32.63 ?  6   C   A C2    1 
ATOM   120  O  O2    . C   A 1 6  ? 0.713   4.271   5.923   1.00 36.86 ?  6   C   A O2    1 
ATOM   121  N  N3    . C   A 1 6  ? 2.802   5.130   5.683   1.00 31.61 ?  6   C   A N3    1 
ATOM   122  C  C4    . C   A 1 6  ? 3.916   5.540   6.297   1.00 36.05 ?  6   C   A C4    1 
ATOM   123  N  N4    . C   A 1 6  ? 4.918   5.989   5.533   1.00 32.64 ?  6   C   A N4    1 
ATOM   124  C  C5    . C   A 1 6  ? 4.053   5.508   7.722   1.00 32.27 ?  6   C   A C5    1 
ATOM   125  C  C6    . C   A 1 6  ? 3.024   5.054   8.446   1.00 31.76 ?  6   C   A C6    1 
ATOM   126  P  P     . G   A 1 7  ? 2.040   -0.348  9.615   1.00 48.40 ?  7   G   A P     1 
ATOM   127  O  OP1   . G   A 1 7  ? 1.612   -1.546  10.391  1.00 49.41 ?  7   G   A OP1   1 
ATOM   128  O  OP2   . G   A 1 7  ? 3.494   -0.047  9.538   1.00 28.50 ?  7   G   A OP2   1 
ATOM   129  O  "O5'" . G   A 1 7  ? 1.532   -0.480  8.104   1.00 48.47 ?  7   G   A "O5'" 1 
ATOM   130  C  "C5'" . G   A 1 7  ? 0.270   -1.058  7.772   1.00 38.43 ?  7   G   A "C5'" 1 
ATOM   131  C  "C4'" . G   A 1 7  ? 0.114   -1.224  6.276   1.00 36.10 ?  7   G   A "C4'" 1 
ATOM   132  O  "O4'" . G   A 1 7  ? 0.108   0.084   5.640   1.00 37.49 ?  7   G   A "O4'" 1 
ATOM   133  C  "C3'" . G   A 1 7  ? 1.242   -1.964  5.573   1.00 41.22 ?  7   G   A "C3'" 1 
ATOM   134  O  "O3'" . G   A 1 7  ? 1.141   -3.372  5.659   1.00 37.37 ?  7   G   A "O3'" 1 
ATOM   135  C  "C2'" . G   A 1 7  ? 1.158   -1.434  4.150   1.00 37.09 ?  7   G   A "C2'" 1 
ATOM   136  O  "O2'" . G   A 1 7  ? 0.099   -2.063  3.448   1.00 43.63 ?  7   G   A "O2'" 1 
ATOM   137  C  "C1'" . G   A 1 7  ? 0.787   0.026   4.398   1.00 36.10 ?  7   G   A "C1'" 1 
ATOM   138  N  N9    . G   A 1 7  ? 1.996   0.880   4.459   1.00 36.60 ?  7   G   A N9    1 
ATOM   139  C  C8    . G   A 1 7  ? 2.645   1.319   5.591   1.00 34.60 ?  7   G   A C8    1 
ATOM   140  N  N7    . G   A 1 7  ? 3.702   2.029   5.327   1.00 34.51 ?  7   G   A N7    1 
ATOM   141  C  C5    . G   A 1 7  ? 3.771   2.068   3.937   1.00 35.46 ?  7   G   A C5    1 
ATOM   142  C  C6    . G   A 1 7  ? 4.714   2.689   3.066   1.00 33.08 ?  7   G   A C6    1 
ATOM   143  O  O6    . G   A 1 7  ? 5.716   3.373   3.328   1.00 29.53 ?  7   G   A O6    1 
ATOM   144  N  N1    . G   A 1 7  ? 4.401   2.458   1.735   1.00 29.39 ?  7   G   A N1    1 
ATOM   145  C  C2    . G   A 1 7  ? 3.336   1.734   1.291   1.00 33.35 ?  7   G   A C2    1 
ATOM   146  N  N2    . G   A 1 7  ? 3.226   1.649   -0.039  1.00 31.99 ?  7   G   A N2    1 
ATOM   147  N  N3    . G   A 1 7  ? 2.452   1.153   2.079   1.00 35.83 ?  7   G   A N3    1 
ATOM   148  C  C4    . G   A 1 7  ? 2.723   1.360   3.388   1.00 35.94 ?  7   G   A C4    1 
ATOM   149  P  P     . A   A 1 8  ? 2.484   -4.240  5.765   1.00 47.19 ?  8   A   A P     1 
ATOM   150  O  OP1   . A   A 1 8  ? 2.062   -5.651  5.920   1.00 55.69 ?  8   A   A OP1   1 
ATOM   151  O  OP2   . A   A 1 8  ? 3.391   -3.608  6.751   1.00 53.39 ?  8   A   A OP2   1 
ATOM   152  O  "O5'" . A   A 1 8  ? 3.218   -4.051  4.364   1.00 39.48 ?  8   A   A "O5'" 1 
ATOM   153  C  "C5'" . A   A 1 8  ? 2.693   -4.652  3.202   1.00 38.58 ?  8   A   A "C5'" 1 
ATOM   154  C  "C4'" . A   A 1 8  ? 3.249   -4.056  1.935   1.00 40.29 ?  8   A   A "C4'" 1 
ATOM   155  O  "O4'" . A   A 1 8  ? 3.232   -2.611  1.989   1.00 42.59 ?  8   A   A "O4'" 1 
ATOM   156  C  "C3'" . A   A 1 8  ? 4.690   -4.362  1.585   1.00 39.53 ?  8   A   A "C3'" 1 
ATOM   157  O  "O3'" . A   A 1 8  ? 4.890   -5.683  1.120   1.00 39.91 ?  8   A   A "O3'" 1 
ATOM   158  C  "C2'" . A   A 1 8  ? 4.978   -3.298  0.538   1.00 36.44 ?  8   A   A "C2'" 1 
ATOM   159  O  "O2'" . A   A 1 8  ? 4.351   -3.625  -0.685  1.00 38.52 ?  8   A   A "O2'" 1 
ATOM   160  C  "C1'" . A   A 1 8  ? 4.228   -2.104  1.120   1.00 37.24 ?  8   A   A "C1'" 1 
ATOM   161  N  N9    . A   A 1 8  ? 5.125   -1.213  1.869   1.00 37.75 ?  8   A   A N9    1 
ATOM   162  C  C8    . A   A 1 8  ? 5.236   -1.107  3.225   1.00 36.28 ?  8   A   A C8    1 
ATOM   163  N  N7    . A   A 1 8  ? 6.142   -0.236  3.583   1.00 34.96 ?  8   A   A N7    1 
ATOM   164  C  C5    . A   A 1 8  ? 6.658   0.259   2.404   1.00 32.73 ?  8   A   A C5    1 
ATOM   165  C  C6    . A   A 1 8  ? 7.642   1.223   2.136   1.00 32.28 ?  8   A   A C6    1 
ATOM   166  N  N6    . A   A 1 8  ? 8.293   1.881   3.090   1.00 35.05 ?  8   A   A N6    1 
ATOM   167  N  N1    . A   A 1 8  ? 7.935   1.487   0.853   1.00 31.87 ?  8   A   A N1    1 
ATOM   168  C  C2    . A   A 1 8  ? 7.264   0.826   -0.094  1.00 32.45 ?  8   A   A C2    1 
ATOM   169  N  N3    . A   A 1 8  ? 6.318   -0.093  0.030   1.00 32.10 ?  8   A   A N3    1 
ATOM   170  C  C4    . A   A 1 8  ? 6.046   -0.336  1.326   1.00 37.00 ?  8   A   A C4    1 
ATOM   171  P  P     . C   A 1 9  ? 6.309   -6.395  1.326   1.00 34.80 ?  9   C   A P     1 
ATOM   172  O  OP1   . C   A 1 9  ? 6.129   -7.815  0.923   1.00 31.85 ?  9   C   A OP1   1 
ATOM   173  O  OP2   . C   A 1 9  ? 6.811   -6.048  2.680   1.00 25.88 ?  9   C   A OP2   1 
ATOM   174  O  "O5'" . C   A 1 9  ? 7.270   -5.665  0.290   1.00 38.45 ?  9   C   A "O5'" 1 
ATOM   175  C  "C5'" . C   A 1 9  ? 7.035   -5.705  -1.112  1.00 36.86 ?  9   C   A "C5'" 1 
ATOM   176  C  "C4'" . C   A 1 9  ? 8.026   -4.835  -1.838  1.00 33.31 ?  9   C   A "C4'" 1 
ATOM   177  O  "O4'" . C   A 1 9  ? 7.832   -3.456  -1.436  1.00 33.50 ?  9   C   A "O4'" 1 
ATOM   178  C  "C3'" . C   A 1 9  ? 9.490   -5.104  -1.520  1.00 38.30 ?  9   C   A "C3'" 1 
ATOM   179  O  "O3'" . C   A 1 9  ? 10.035  -6.188  -2.245  1.00 39.02 ?  9   C   A "O3'" 1 
ATOM   180  C  "C2'" . C   A 1 9  ? 10.152  -3.768  -1.819  1.00 33.31 ?  9   C   A "C2'" 1 
ATOM   181  O  "O2'" . C   A 1 9  ? 10.308  -3.615  -3.220  1.00 38.02 ?  9   C   A "O2'" 1 
ATOM   182  C  "C1'" . C   A 1 9  ? 9.078   -2.792  -1.345  1.00 31.26 ?  9   C   A "C1'" 1 
ATOM   183  N  N1    . C   A 1 9  ? 9.273   -2.394  0.068   1.00 35.62 ?  9   C   A N1    1 
ATOM   184  C  C2    . C   A 1 9  ? 10.007  -1.262  0.385   1.00 22.78 ?  9   C   A C2    1 
ATOM   185  O  O2    . C   A 1 9  ? 10.522  -0.587  -0.488  1.00 22.57 ?  9   C   A O2    1 
ATOM   186  N  N3    . C   A 1 9  ? 10.156  -0.929  1.664   1.00 27.97 ?  9   C   A N3    1 
ATOM   187  C  C4    . C   A 1 9  ? 9.633   -1.645  2.634   1.00 32.44 ?  9   C   A C4    1 
ATOM   188  N  N4    . C   A 1 9  ? 9.845   -1.225  3.884   1.00 31.04 ?  9   C   A N4    1 
ATOM   189  C  C5    . C   A 1 9  ? 8.856   -2.809  2.359   1.00 33.67 ?  9   C   A C5    1 
ATOM   190  C  C6    . C   A 1 9  ? 8.709   -3.132  1.076   1.00 32.27 ?  9   C   A C6    1 
ATOM   191  P  P     . U   A 1 10 ? 10.918  -7.270  -1.460  1.00 48.87 ?  10  U   A P     1 
ATOM   192  O  OP1   . U   A 1 10 ? 10.858  -8.553  -2.217  1.00 40.76 ?  10  U   A OP1   1 
ATOM   193  O  OP2   . U   A 1 10 ? 10.487  -7.211  -0.037  1.00 38.12 ?  10  U   A OP2   1 
ATOM   194  O  "O5'" . U   A 1 10 ? 12.397  -6.656  -1.485  1.00 40.57 ?  10  U   A "O5'" 1 
ATOM   195  C  "C5'" . U   A 1 10 ? 12.990  -6.251  -2.704  1.00 40.40 ?  10  U   A "C5'" 1 
ATOM   196  C  "C4'" . U   A 1 10 ? 14.098  -5.242  -2.509  1.00 43.33 ?  10  U   A "C4'" 1 
ATOM   197  O  "O4'" . U   A 1 10 ? 13.545  -3.966  -2.086  1.00 46.34 ?  10  U   A "O4'" 1 
ATOM   198  C  "C3'" . U   A 1 10 ? 15.158  -5.539  -1.454  1.00 41.56 ?  10  U   A "C3'" 1 
ATOM   199  O  "O3'" . U   A 1 10 ? 16.118  -6.511  -1.843  1.00 46.74 ?  10  U   A "O3'" 1 
ATOM   200  C  "C2'" . U   A 1 10 ? 15.744  -4.152  -1.208  1.00 40.06 ?  10  U   A "C2'" 1 
ATOM   201  O  "O2'" . U   A 1 10 ? 16.576  -3.745  -2.290  1.00 41.58 ?  10  U   A "O2'" 1 
ATOM   202  C  "C1'" . U   A 1 10 ? 14.475  -3.299  -1.247  1.00 43.63 ?  10  U   A "C1'" 1 
ATOM   203  N  N1    . U   A 1 10 ? 13.887  -3.164  0.105   1.00 38.38 ?  10  U   A N1    1 
ATOM   204  C  C2    . U   A 1 10 ? 14.492  -2.261  0.953   1.00 33.70 ?  10  U   A C2    1 
ATOM   205  O  O2    . U   A 1 10 ? 15.434  -1.594  0.604   1.00 36.82 ?  10  U   A O2    1 
ATOM   206  N  N3    . U   A 1 10 ? 13.952  -2.162  2.205   1.00 31.30 ?  10  U   A N3    1 
ATOM   207  C  C4    . U   A 1 10 ? 12.882  -2.885  2.679   1.00 36.61 ?  10  U   A C4    1 
ATOM   208  O  O4    . U   A 1 10 ? 12.490  -2.699  3.828   1.00 41.76 ?  10  U   A O4    1 
ATOM   209  C  C5    . U   A 1 10 ? 12.311  -3.817  1.747   1.00 36.64 ?  10  U   A C5    1 
ATOM   210  C  C6    . U   A 1 10 ? 12.817  -3.926  0.516   1.00 34.77 ?  10  U   A C6    1 
ATOM   211  P  P     . C   A 1 11 ? 16.608  -7.643  -0.795  1.00 55.99 ?  11  C   A P     1 
ATOM   212  O  OP1   . C   A 1 11 ? 17.305  -8.671  -1.609  1.00 54.72 ?  11  C   A OP1   1 
ATOM   213  O  OP2   . C   A 1 11 ? 15.535  -8.046  0.141   1.00 42.34 ?  11  C   A OP2   1 
ATOM   214  O  "O5'" . C   A 1 11 ? 17.638  -6.891  0.162   1.00 38.12 ?  11  C   A "O5'" 1 
ATOM   215  C  "C5'" . C   A 1 11 ? 18.945  -6.588  -0.263  1.00 37.28 ?  11  C   A "C5'" 1 
ATOM   216  C  "C4'" . C   A 1 11 ? 19.545  -5.441  0.517   1.00 37.39 ?  11  C   A "C4'" 1 
ATOM   217  O  "O4'" . C   A 1 11 ? 18.569  -4.392  0.743   1.00 38.31 ?  11  C   A "O4'" 1 
ATOM   218  C  "C3'" . C   A 1 11 ? 20.066  -5.715  1.913   1.00 31.56 ?  11  C   A "C3'" 1 
ATOM   219  O  "O3'" . C   A 1 11 ? 21.279  -6.436  1.940   1.00 32.57 ?  11  C   A "O3'" 1 
ATOM   220  C  "C2'" . C   A 1 11 ? 20.212  -4.304  2.450   1.00 27.49 ?  11  C   A "C2'" 1 
ATOM   221  O  "O2'" . C   A 1 11 ? 21.331  -3.708  1.831   1.00 33.74 ?  11  C   A "O2'" 1 
ATOM   222  C  "C1'" . C   A 1 11 ? 18.966  -3.636  1.878   1.00 32.83 ?  11  C   A "C1'" 1 
ATOM   223  N  N1    . C   A 1 11 ? 17.862  -3.593  2.858   1.00 34.96 ?  11  C   A N1    1 
ATOM   224  C  C2    . C   A 1 11 ? 17.834  -2.586  3.851   1.00 34.26 ?  11  C   A C2    1 
ATOM   225  O  O2    . C   A 1 11 ? 18.732  -1.723  3.907   1.00 32.49 ?  11  C   A O2    1 
ATOM   226  N  N3    . C   A 1 11 ? 16.813  -2.575  4.745   1.00 32.22 ?  11  C   A N3    1 
ATOM   227  C  C4    . C   A 1 11 ? 15.855  -3.507  4.657   1.00 33.29 ?  11  C   A C4    1 
ATOM   228  N  N4    . C   A 1 11 ? 14.861  -3.471  5.538   1.00 30.83 ?  11  C   A N4    1 
ATOM   229  C  C5    . C   A 1 11 ? 15.863  -4.538  3.672   1.00 36.38 ?  11  C   A C5    1 
ATOM   230  C  C6    . C   A 1 11 ? 16.876  -4.541  2.794   1.00 38.04 ?  11  C   A C6    1 
ATOM   231  P  P     . C   A 1 12 ? 21.660  -7.322  3.230   1.00 37.58 ?  12  C   A P     1 
ATOM   232  O  OP1   . C   A 1 12 ? 22.875  -8.141  2.955   1.00 27.52 ?  12  C   A OP1   1 
ATOM   233  O  OP2   . C   A 1 12 ? 20.408  -7.942  3.720   1.00 29.83 ?  12  C   A OP2   1 
ATOM   234  O  "O5'" . C   A 1 12 ? 22.076  -6.234  4.324   1.00 36.16 ?  12  C   A "O5'" 1 
ATOM   235  C  "C5'" . C   A 1 12 ? 23.101  -5.286  4.064   1.00 31.67 ?  12  C   A "C5'" 1 
ATOM   236  C  "C4'" . C   A 1 12 ? 23.175  -4.237  5.148   1.00 33.10 ?  12  C   A "C4'" 1 
ATOM   237  O  "O4'" . C   A 1 12 ? 21.960  -3.436  5.165   1.00 29.97 ?  12  C   A "O4'" 1 
ATOM   238  C  "C3'" . C   A 1 12 ? 23.285  -4.769  6.566   1.00 28.04 ?  12  C   A "C3'" 1 
ATOM   239  O  "O3'" . C   A 1 12 ? 24.582  -5.218  6.886   1.00 26.37 ?  12  C   A "O3'" 1 
ATOM   240  C  "C2'" . C   A 1 12 ? 22.771  -3.596  7.399   1.00 28.73 ?  12  C   A "C2'" 1 
ATOM   241  O  "O2'" . C   A 1 12 ? 23.754  -2.574  7.521   1.00 34.00 ?  12  C   A "O2'" 1 
ATOM   242  C  "C1'" . C   A 1 12 ? 21.645  -3.070  6.498   1.00 34.59 ?  12  C   A "C1'" 1 
ATOM   243  N  N1    . C   A 1 12 ? 20.326  -3.654  6.851   1.00 27.84 ?  12  C   A N1    1 
ATOM   244  C  C2    . C   A 1 12 ? 19.574  -3.097  7.877   1.00 28.69 ?  12  C   A C2    1 
ATOM   245  O  O2    . C   A 1 12 ? 20.003  -2.104  8.459   1.00 31.13 ?  12  C   A O2    1 
ATOM   246  N  N3    . C   A 1 12 ? 18.370  -3.637  8.201   1.00 35.68 ?  12  C   A N3    1 
ATOM   247  C  C4    . C   A 1 12 ? 17.915  -4.711  7.541   1.00 32.76 ?  12  C   A C4    1 
ATOM   248  N  N4    . C   A 1 12 ? 16.728  -5.220  7.886   1.00 29.89 ?  12  C   A N4    1 
ATOM   249  C  C5    . C   A 1 12 ? 18.675  -5.311  6.498   1.00 31.40 ?  12  C   A C5    1 
ATOM   250  C  C6    . C   A 1 12 ? 19.854  -4.757  6.193   1.00 31.88 ?  12  C   A C6    1 
ATOM   251  O  "O5'" . G   B 1 1  ? 11.399  0.488   14.357  1.00 36.82 ?  1   G   B "O5'" 1 
ATOM   252  C  "C5'" . G   B 1 1  ? 11.894  1.513   15.200  1.00 31.49 ?  1   G   B "C5'" 1 
ATOM   253  C  "C4'" . G   B 1 1  ? 13.402  1.569   15.160  1.00 34.72 ?  1   G   B "C4'" 1 
ATOM   254  O  "O4'" . G   B 1 1  ? 13.951  0.226   15.143  1.00 34.21 ?  1   G   B "O4'" 1 
ATOM   255  C  "C3'" . G   B 1 1  ? 14.009  2.226   13.934  1.00 32.34 ?  1   G   B "C3'" 1 
ATOM   256  O  "O3'" . G   B 1 1  ? 14.023  3.635   14.046  1.00 41.34 ?  1   G   B "O3'" 1 
ATOM   257  C  "C2'" . G   B 1 1  ? 15.397  1.602   13.878  1.00 30.92 ?  1   G   B "C2'" 1 
ATOM   258  O  "O2'" . G   B 1 1  ? 16.240  2.146   14.884  1.00 28.63 ?  1   G   B "O2'" 1 
ATOM   259  C  "C1'" . G   B 1 1  ? 15.089  0.180   14.303  1.00 29.32 ?  1   G   B "C1'" 1 
ATOM   260  N  N9    . G   B 1 1  ? 14.804  -0.717  13.173  1.00 29.08 ?  1   G   B N9    1 
ATOM   261  C  C8    . G   B 1 1  ? 13.590  -1.310  12.925  1.00 25.49 ?  1   G   B C8    1 
ATOM   262  N  N7    . G   B 1 1  ? 13.610  -2.092  11.895  1.00 27.39 ?  1   G   B N7    1 
ATOM   263  C  C5    . G   B 1 1  ? 14.907  -2.016  11.434  1.00 28.14 ?  1   G   B C5    1 
ATOM   264  C  C6    . G   B 1 1  ? 15.508  -2.657  10.333  1.00 32.23 ?  1   G   B C6    1 
ATOM   265  O  O6    . G   B 1 1  ? 14.988  -3.442  9.538   1.00 30.76 ?  1   G   B O6    1 
ATOM   266  N  N1    . G   B 1 1  ? 16.846  -2.316  10.205  1.00 28.35 ?  1   G   B N1    1 
ATOM   267  C  C2    . G   B 1 1  ? 17.506  -1.468  11.038  1.00 29.18 ?  1   G   B C2    1 
ATOM   268  N  N2    . G   B 1 1  ? 18.796  -1.250  10.751  1.00 31.19 ?  1   G   B N2    1 
ATOM   269  N  N3    . G   B 1 1  ? 16.959  -0.870  12.076  1.00 30.68 ?  1   G   B N3    1 
ATOM   270  C  C4    . G   B 1 1  ? 15.664  -1.182  12.214  1.00 28.23 ?  1   G   B C4    1 
ATOM   271  P  P     . G   B 1 2  ? 13.537  4.553   12.828  1.00 35.06 ?  2   G   B P     1 
ATOM   272  O  OP1   . G   B 1 2  ? 13.283  5.926   13.352  1.00 32.67 ?  2   G   B OP1   1 
ATOM   273  O  OP2   . G   B 1 2  ? 12.507  3.766   12.129  1.00 30.79 ?  2   G   B OP2   1 
ATOM   274  O  "O5'" . G   B 1 2  ? 14.823  4.674   11.912  1.00 31.62 ?  2   G   B "O5'" 1 
ATOM   275  C  "C5'" . G   B 1 2  ? 16.049  5.103   12.475  1.00 30.13 ?  2   G   B "C5'" 1 
ATOM   276  C  "C4'" . G   B 1 2  ? 17.175  4.840   11.525  1.00 30.89 ?  2   G   B "C4'" 1 
ATOM   277  O  "O4'" . G   B 1 2  ? 17.458  3.417   11.499  1.00 32.73 ?  2   G   B "O4'" 1 
ATOM   278  C  "C3'" . G   B 1 2  ? 16.869  5.184   10.078  1.00 31.20 ?  2   G   B "C3'" 1 
ATOM   279  O  "O3'" . G   B 1 2  ? 17.037  6.560   9.804   1.00 32.87 ?  2   G   B "O3'" 1 
ATOM   280  C  "C2'" . G   B 1 2  ? 17.805  4.257   9.306   1.00 33.62 ?  2   G   B "C2'" 1 
ATOM   281  O  "O2'" . G   B 1 2  ? 19.143  4.749   9.310   1.00 31.49 ?  2   G   B "O2'" 1 
ATOM   282  C  "C1'" . G   B 1 2  ? 17.756  3.009   10.180  1.00 32.45 ?  2   G   B "C1'" 1 
ATOM   283  N  N9    . G   B 1 2  ? 16.740  2.033   9.748   1.00 30.69 ?  2   G   B N9    1 
ATOM   284  C  C8    . G   B 1 2  ? 15.509  1.781   10.297  1.00 29.16 ?  2   G   B C8    1 
ATOM   285  N  N7    . G   B 1 2  ? 14.854  0.836   9.666   1.00 28.01 ?  2   G   B N7    1 
ATOM   286  C  C5    . G   B 1 2  ? 15.712  0.447   8.652   1.00 28.77 ?  2   G   B C5    1 
ATOM   287  C  C6    . G   B 1 2  ? 15.575  -0.543  7.650   1.00 33.13 ?  2   G   B C6    1 
ATOM   288  O  O6    . G   B 1 2  ? 14.615  -1.299  7.439   1.00 36.20 ?  2   G   B O6    1 
ATOM   289  N  N1    . G   B 1 2  ? 16.700  -0.596  6.824   1.00 34.49 ?  2   G   B N1    1 
ATOM   290  C  C2    . G   B 1 2  ? 17.814  0.208   6.951   1.00 31.33 ?  2   G   B C2    1 
ATOM   291  N  N2    . G   B 1 2  ? 18.809  0.030   6.066   1.00 28.50 ?  2   G   B N2    1 
ATOM   292  N  N3    . G   B 1 2  ? 17.941  1.127   7.884   1.00 30.35 ?  2   G   B N3    1 
ATOM   293  C  C4    . G   B 1 2  ? 16.872  1.183   8.690   1.00 30.71 ?  2   G   B C4    1 
ATOM   294  P  P     . A   B 1 3  ? 16.337  7.241   8.535   1.00 37.09 ?  3   A   B P     1 
ATOM   295  O  OP1   . A   B 1 3  ? 16.775  8.669   8.550   1.00 34.26 ?  3   A   B OP1   1 
ATOM   296  O  OP2   . A   B 1 3  ? 14.891  6.909   8.532   1.00 37.10 ?  3   A   B OP2   1 
ATOM   297  O  "O5'" . A   B 1 3  ? 16.987  6.500   7.284   1.00 30.28 ?  3   A   B "O5'" 1 
ATOM   298  C  "C5'" . A   B 1 3  ? 18.305  6.803   6.868   1.00 33.91 ?  3   A   B "C5'" 1 
ATOM   299  C  "C4'" . A   B 1 3  ? 18.674  5.995   5.658   1.00 34.03 ?  3   A   B "C4'" 1 
ATOM   300  O  "O4'" . A   B 1 3  ? 18.564  4.589   5.982   1.00 36.37 ?  3   A   B "O4'" 1 
ATOM   301  C  "C3'" . A   B 1 3  ? 17.770  6.148   4.450   1.00 31.81 ?  3   A   B "C3'" 1 
ATOM   302  O  "O3'" . A   B 1 3  ? 18.032  7.302   3.679   1.00 29.18 ?  3   A   B "O3'" 1 
ATOM   303  C  "C2'" . A   B 1 3  ? 18.023  4.862   3.691   1.00 35.01 ?  3   A   B "C2'" 1 
ATOM   304  O  "O2'" . A   B 1 3  ? 19.256  4.945   3.001   1.00 44.49 ?  3   A   B "O2'" 1 
ATOM   305  C  "C1'" . A   B 1 3  ? 18.182  3.862   4.834   1.00 33.45 ?  3   A   B "C1'" 1 
ATOM   306  N  N9    . A   B 1 3  ? 16.921  3.136   5.104   1.00 31.85 ?  3   A   B N9    1 
ATOM   307  C  C8    . A   B 1 3  ? 15.960  3.400   6.050   1.00 35.89 ?  3   A   B C8    1 
ATOM   308  N  N7    . A   B 1 3  ? 14.935  2.581   6.030   1.00 29.96 ?  3   A   B N7    1 
ATOM   309  C  C5    . A   B 1 3  ? 15.245  1.708   4.997   1.00 32.54 ?  3   A   B C5    1 
ATOM   310  C  C6    . A   B 1 3  ? 14.563  0.609   4.440   1.00 28.81 ?  3   A   B C6    1 
ATOM   311  N  N6    . A   B 1 3  ? 13.388  0.127   4.860   1.00 33.19 ?  3   A   B N6    1 
ATOM   312  N  N1    . A   B 1 3  ? 15.146  -0.025  3.422   1.00 27.34 ?  3   A   B N1    1 
ATOM   313  C  C2    . A   B 1 3  ? 16.314  0.425   2.974   1.00 31.95 ?  3   A   B C2    1 
ATOM   314  N  N3    . A   B 1 3  ? 17.033  1.453   3.390   1.00 32.35 ?  3   A   B N3    1 
ATOM   315  C  C4    . A   B 1 3  ? 16.452  2.052   4.425   1.00 27.63 ?  3   A   B C4    1 
ATOM   316  P  P     . C   B 1 4  ? 16.824  7.981   2.862   1.00 41.52 ?  4   C   B P     1 
ATOM   317  O  OP1   . C   B 1 4  ? 17.301  9.222   2.193   1.00 40.14 ?  4   C   B OP1   1 
ATOM   318  O  OP2   . C   B 1 4  ? 15.634  8.035   3.757   1.00 35.38 ?  4   C   B OP2   1 
ATOM   319  O  "O5'" . C   B 1 4  ? 16.529  6.939   1.709   1.00 29.52 ?  4   C   B "O5'" 1 
ATOM   320  C  "C5'" . C   B 1 4  ? 17.502  6.666   0.726   1.00 30.18 ?  4   C   B "C5'" 1 
ATOM   321  C  "C4'" . C   B 1 4  ? 17.054  5.545   -0.162  1.00 36.09 ?  4   C   B "C4'" 1 
ATOM   322  O  "O4'" . C   B 1 4  ? 16.917  4.332   0.631   1.00 38.89 ?  4   C   B "O4'" 1 
ATOM   323  C  "C3'" . C   B 1 4  ? 15.683  5.721   -0.796  1.00 34.98 ?  4   C   B "C3'" 1 
ATOM   324  O  "O3'" . C   B 1 4  ? 15.700  6.547   -1.944  1.00 32.63 ?  4   C   B "O3'" 1 
ATOM   325  C  "C2'" . C   B 1 4  ? 15.262  4.287   -1.069  1.00 34.00 ?  4   C   B "C2'" 1 
ATOM   326  O  "O2'" . C   B 1 4  ? 15.928  3.788   -2.213  1.00 37.09 ?  4   C   B "O2'" 1 
ATOM   327  C  "C1'" . C   B 1 4  ? 15.823  3.573   0.163   1.00 31.51 ?  4   C   B "C1'" 1 
ATOM   328  N  N1    . C   B 1 4  ? 14.811  3.490   1.238   1.00 32.78 ?  4   C   B N1    1 
ATOM   329  C  C2    . C   B 1 4  ? 13.896  2.428   1.221   1.00 30.60 ?  4   C   B C2    1 
ATOM   330  O  O2    . C   B 1 4  ? 13.935  1.558   0.341   1.00 30.84 ?  4   C   B O2    1 
ATOM   331  N  N3    . C   B 1 4  ? 12.964  2.371   2.181   1.00 29.88 ?  4   C   B N3    1 
ATOM   332  C  C4    . C   B 1 4  ? 12.890  3.284   3.126   1.00 27.24 ?  4   C   B C4    1 
ATOM   333  N  N4    . C   B 1 4  ? 11.929  3.123   4.030   1.00 24.43 ?  4   C   B N4    1 
ATOM   334  C  C5    . C   B 1 4  ? 13.796  4.381   3.174   1.00 31.02 ?  4   C   B C5    1 
ATOM   335  C  C6    . C   B 1 4  ? 14.730  4.446   2.218   1.00 30.58 ?  4   C   B C6    1 
ATOM   336  P  P     . U   B 1 5  ? 14.529  7.624   -2.155  1.00 40.58 ?  5   U   B P     1 
ATOM   337  O  OP1   . U   B 1 5  ? 15.003  8.660   -3.104  1.00 40.63 ?  5   U   B OP1   1 
ATOM   338  O  OP2   . U   B 1 5  ? 14.034  8.012   -0.811  1.00 29.45 ?  5   U   B OP2   1 
ATOM   339  O  "O5'" . U   B 1 5  ? 13.384  6.802   -2.908  1.00 43.41 ?  5   U   B "O5'" 1 
ATOM   340  C  "C5'" . U   B 1 5  ? 13.539  6.436   -4.271  1.00 36.11 ?  5   U   B "C5'" 1 
ATOM   341  C  "C4'" . U   B 1 5  ? 12.666  5.262   -4.636  1.00 46.92 ?  5   U   B "C4'" 1 
ATOM   342  O  "O4'" . U   B 1 5  ? 12.838  4.198   -3.662  1.00 40.01 ?  5   U   B "O4'" 1 
ATOM   343  C  "C3'" . U   B 1 5  ? 11.162  5.512   -4.635  1.00 45.87 ?  5   U   B "C3'" 1 
ATOM   344  O  "O3'" . U   B 1 5  ? 10.694  6.147   -5.805  1.00 41.77 ?  5   U   B "O3'" 1 
ATOM   345  C  "C2'" . U   B 1 5  ? 10.607  4.116   -4.453  1.00 43.59 ?  5   U   B "C2'" 1 
ATOM   346  O  "O2'" . U   B 1 5  ? 10.752  3.388   -5.665  1.00 44.83 ?  5   U   B "O2'" 1 
ATOM   347  C  "C1'" . U   B 1 5  ? 11.601  3.542   -3.451  1.00 42.99 ?  5   U   B "C1'" 1 
ATOM   348  N  N1    . U   B 1 5  ? 11.178  3.732   -2.035  1.00 39.27 ?  5   U   B N1    1 
ATOM   349  C  C2    . U   B 1 5  ? 10.311  2.805   -1.524  1.00 36.94 ?  5   U   B C2    1 
ATOM   350  O  O2    . U   B 1 5  ? 9.889   1.885   -2.205  1.00 38.16 ?  5   U   B O2    1 
ATOM   351  N  N3    . U   B 1 5  ? 9.940   2.991   -0.219  1.00 29.32 ?  5   U   B N3    1 
ATOM   352  C  C4    . U   B 1 5  ? 10.356  3.966   0.650   1.00 32.25 ?  5   U   B C4    1 
ATOM   353  O  O4    . U   B 1 5  ? 9.941   3.973   1.816   1.00 29.51 ?  5   U   B O4    1 
ATOM   354  C  C5    . U   B 1 5  ? 11.265  4.897   0.058   1.00 37.07 ?  5   U   B C5    1 
ATOM   355  C  C6    . U   B 1 5  ? 11.643  4.748   -1.226  1.00 40.77 ?  5   U   B C6    1 
ATOM   356  P  P     . C   B 1 6  ? 9.551   7.256   -5.686  1.00 50.12 ?  6   C   B P     1 
ATOM   357  O  OP1   . C   B 1 6  ? 9.451   7.940   -6.992  1.00 57.71 ?  6   C   B OP1   1 
ATOM   358  O  OP2   . C   B 1 6  ? 9.784   8.011   -4.426  1.00 47.28 ?  6   C   B OP2   1 
ATOM   359  O  "O5'" . C   B 1 6  ? 8.213   6.424   -5.466  1.00 52.81 ?  6   C   B "O5'" 1 
ATOM   360  C  "C5'" . C   B 1 6  ? 7.662   5.642   -6.506  1.00 46.38 ?  6   C   B "C5'" 1 
ATOM   361  C  "C4'" . C   B 1 6  ? 6.551   4.748   -6.008  1.00 44.25 ?  6   C   B "C4'" 1 
ATOM   362  O  "O4'" . C   B 1 6  ? 7.037   3.830   -4.986  1.00 49.64 ?  6   C   B "O4'" 1 
ATOM   363  C  "C3'" . C   B 1 6  ? 5.368   5.402   -5.319  1.00 45.25 ?  6   C   B "C3'" 1 
ATOM   364  O  "O3'" . C   B 1 6  ? 4.499   6.143   -6.157  1.00 46.50 ?  6   C   B "O3'" 1 
ATOM   365  C  "C2'" . C   B 1 6  ? 4.724   4.200   -4.651  1.00 44.86 ?  6   C   B "C2'" 1 
ATOM   366  O  "O2'" . C   B 1 6  ? 4.153   3.335   -5.625  1.00 39.57 ?  6   C   B "O2'" 1 
ATOM   367  C  "C1'" . C   B 1 6  ? 5.965   3.498   -4.112  1.00 47.46 ?  6   C   B "C1'" 1 
ATOM   368  N  N1    . C   B 1 6  ? 6.272   3.945   -2.728  1.00 41.73 ?  6   C   B N1    1 
ATOM   369  C  C2    . C   B 1 6  ? 5.542   3.379   -1.660  1.00 38.80 ?  6   C   B C2    1 
ATOM   370  O  O2    . C   B 1 6  ? 4.678   2.520   -1.897  1.00 37.33 ?  6   C   B O2    1 
ATOM   371  N  N3    . C   B 1 6  ? 5.778   3.759   -0.377  1.00 34.04 ?  6   C   B N3    1 
ATOM   372  C  C4    . C   B 1 6  ? 6.713   4.666   -0.141  1.00 37.04 ?  6   C   B C4    1 
ATOM   373  N  N4    . C   B 1 6  ? 6.919   5.003   1.127   1.00 33.42 ?  6   C   B N4    1 
ATOM   374  C  C5    . C   B 1 6  ? 7.464   5.273   -1.200  1.00 43.18 ?  6   C   B C5    1 
ATOM   375  C  C6    . C   B 1 6  ? 7.218   4.896   -2.470  1.00 39.81 ?  6   C   B C6    1 
ATOM   376  P  P     . G   B 1 7  ? 3.814   7.474   -5.567  1.00 46.96 ?  7   G   B P     1 
ATOM   377  O  OP1   . G   B 1 7  ? 3.210   8.216   -6.704  1.00 58.81 ?  7   G   B OP1   1 
ATOM   378  O  OP2   . G   B 1 7  ? 4.835   8.136   -4.712  1.00 47.27 ?  7   G   B OP2   1 
ATOM   379  O  "O5'" . G   B 1 7  ? 2.625   6.937   -4.651  1.00 39.41 ?  7   G   B "O5'" 1 
ATOM   380  C  "C5'" . G   B 1 7  ? 1.553   6.214   -5.238  1.00 40.36 ?  7   G   B "C5'" 1 
ATOM   381  C  "C4'" . G   B 1 7  ? 0.748   5.450   -4.222  1.00 39.77 ?  7   G   B "C4'" 1 
ATOM   382  O  "O4'" . G   B 1 7  ? 1.608   4.589   -3.421  1.00 36.80 ?  7   G   B "O4'" 1 
ATOM   383  C  "C3'" . G   B 1 7  ? 0.020   6.291   -3.197  1.00 39.52 ?  7   G   B "C3'" 1 
ATOM   384  O  "O3'" . G   B 1 7  ? -1.167  6.882   -3.687  1.00 37.50 ?  7   G   B "O3'" 1 
ATOM   385  C  "C2'" . G   B 1 7  ? -0.199  5.304   -2.062  1.00 37.42 ?  7   G   B "C2'" 1 
ATOM   386  O  "O2'" . G   B 1 7  ? -1.274  4.424   -2.362  1.00 42.70 ?  7   G   B "O2'" 1 
ATOM   387  C  "C1'" . G   B 1 7  ? 1.119   4.531   -2.098  1.00 33.65 ?  7   G   B "C1'" 1 
ATOM   388  N  N9    . G   B 1 7  ? 2.103   5.178   -1.223  1.00 34.93 ?  7   G   B N9    1 
ATOM   389  C  C8    . G   B 1 7  ? 3.162   5.987   -1.571  1.00 37.22 ?  7   G   B C8    1 
ATOM   390  N  N7    . G   B 1 7  ? 3.828   6.435   -0.533  1.00 34.62 ?  7   G   B N7    1 
ATOM   391  C  C5    . G   B 1 7  ? 3.153   5.893   0.566   1.00 36.11 ?  7   G   B C5    1 
ATOM   392  C  C6    . G   B 1 7  ? 3.378   5.994   1.968   1.00 30.71 ?  7   G   B C6    1 
ATOM   393  O  O6    . G   B 1 7  ? 4.245   6.600   2.567   1.00 29.93 ?  7   G   B O6    1 
ATOM   394  N  N1    . G   B 1 7  ? 2.462   5.288   2.723   1.00 33.88 ?  7   G   B N1    1 
ATOM   395  C  C2    . G   B 1 7  ? 1.431   4.556   2.202   1.00 31.98 ?  7   G   B C2    1 
ATOM   396  N  N2    . G   B 1 7  ? 0.648   3.950   3.088   1.00 29.80 ?  7   G   B N2    1 
ATOM   397  N  N3    . G   B 1 7  ? 1.195   4.434   0.912   1.00 34.78 ?  7   G   B N3    1 
ATOM   398  C  C4    . G   B 1 7  ? 2.088   5.118   0.154   1.00 37.03 ?  7   G   B C4    1 
ATOM   399  P  P     . A   B 1 8  ? -1.405  8.434   -3.396  1.00 41.99 ?  8   A   B P     1 
ATOM   400  O  OP1   . A   B 1 8  ? -2.458  8.908   -4.320  1.00 39.27 ?  8   A   B OP1   1 
ATOM   401  O  OP2   . A   B 1 8  ? -0.052  9.045   -3.424  1.00 38.44 ?  8   A   B OP2   1 
ATOM   402  O  "O5'" . A   B 1 8  ? -1.920  8.476   -1.889  1.00 37.31 ?  8   A   B "O5'" 1 
ATOM   403  C  "C5'" . A   B 1 8  ? -3.039  7.696   -1.503  1.00 35.52 ?  8   A   B "C5'" 1 
ATOM   404  C  "C4'" . A   B 1 8  ? -3.078  7.397   -0.024  1.00 36.08 ?  8   A   B "C4'" 1 
ATOM   405  O  "O4'" . A   B 1 8  ? -1.902  6.666   0.412   1.00 36.39 ?  8   A   B "O4'" 1 
ATOM   406  C  "C3'" . A   B 1 8  ? -3.115  8.575   0.927   1.00 37.71 ?  8   A   B "C3'" 1 
ATOM   407  O  "O3'" . A   B 1 8  ? -4.350  9.250   0.941   1.00 35.54 ?  8   A   B "O3'" 1 
ATOM   408  C  "C2'" . A   B 1 8  ? -2.764  7.903   2.247   1.00 34.31 ?  8   A   B "C2'" 1 
ATOM   409  O  "O2'" . A   B 1 8  ? -3.858  7.137   2.729   1.00 36.52 ?  8   A   B "O2'" 1 
ATOM   410  C  "C1'" . A   B 1 8  ? -1.678  6.930   1.789   1.00 34.51 ?  8   A   B "C1'" 1 
ATOM   411  N  N9    . A   B 1 8  ? -0.348  7.533   1.979   1.00 33.61 ?  8   A   B N9    1 
ATOM   412  C  C8    . A   B 1 8  ? 0.474   8.086   1.053   1.00 30.00 ?  8   A   B C8    1 
ATOM   413  N  N7    . A   B 1 8  ? 1.570   8.558   1.589   1.00 32.04 ?  8   A   B N7    1 
ATOM   414  C  C5    . A   B 1 8  ? 1.455   8.310   2.946   1.00 31.89 ?  8   A   B C5    1 
ATOM   415  C  C6    . A   B 1 8  ? 2.293   8.585   4.057   1.00 32.10 ?  8   A   B C6    1 
ATOM   416  N  N6    . A   B 1 8  ? 3.484   9.181   3.962   1.00 32.95 ?  8   A   B N6    1 
ATOM   417  N  N1    . A   B 1 8  ? 1.876   8.213   5.280   1.00 28.01 ?  8   A   B N1    1 
ATOM   418  C  C2    . A   B 1 8  ? 0.685   7.604   5.369   1.00 30.34 ?  8   A   B C2    1 
ATOM   419  N  N3    . A   B 1 8  ? -0.183  7.306   4.410   1.00 26.40 ?  8   A   B N3    1 
ATOM   420  C  C4    . A   B 1 8  ? 0.270   7.681   3.203   1.00 28.83 ?  8   A   B C4    1 
ATOM   421  P  P     . C   B 1 9  ? -4.365  10.831  1.128   1.00 30.79 ?  9   C   B P     1 
ATOM   422  O  OP1   . C   B 1 9  ? -5.729  11.355  0.872   1.00 39.44 ?  9   C   B OP1   1 
ATOM   423  O  OP2   . C   B 1 9  ? -3.221  11.359  0.361   1.00 40.34 ?  9   C   B OP2   1 
ATOM   424  O  "O5'" . C   B 1 9  ? -4.099  11.031  2.670   1.00 35.10 ?  9   C   B "O5'" 1 
ATOM   425  C  "C5'" . C   B 1 9  ? -4.907  10.372  3.629   1.00 40.05 ?  9   C   B "C5'" 1 
ATOM   426  C  "C4'" . C   B 1 9  ? -4.333  10.512  5.014   1.00 42.00 ?  9   C   B "C4'" 1 
ATOM   427  O  "O4'" . C   B 1 9  ? -3.092  9.756   5.106   1.00 39.53 ?  9   C   B "O4'" 1 
ATOM   428  C  "C3'" . C   B 1 9  ? -3.936  11.927  5.408   1.00 39.56 ?  9   C   B "C3'" 1 
ATOM   429  O  "O3'" . C   B 1 9  ? -5.028  12.729  5.821   1.00 36.13 ?  9   C   B "O3'" 1 
ATOM   430  C  "C2'" . C   B 1 9  ? -2.864  11.688  6.464   1.00 39.61 ?  9   C   B "C2'" 1 
ATOM   431  O  "O2'" . C   B 1 9  ? -3.443  11.275  7.690   1.00 43.93 ?  9   C   B "O2'" 1 
ATOM   432  C  "C1'" . C   B 1 9  ? -2.147  10.476  5.874   1.00 39.85 ?  9   C   B "C1'" 1 
ATOM   433  N  N1    . C   B 1 9  ? -1.038  10.885  4.988   1.00 37.04 ?  9   C   B N1    1 
ATOM   434  C  C2    . C   B 1 9  ? 0.184   11.133  5.594   1.00 34.39 ?  9   C   B C2    1 
ATOM   435  O  O2    . C   B 1 9  ? 0.268   11.012  6.826   1.00 34.03 ?  9   C   B O2    1 
ATOM   436  N  N3    . C   B 1 9  ? 1.225   11.512  4.824   1.00 35.46 ?  9   C   B N3    1 
ATOM   437  C  C4    . C   B 1 9  ? 1.094   11.656  3.517   1.00 29.67 ?  9   C   B C4    1 
ATOM   438  N  N4    . C   B 1 9  ? 2.173   12.027  2.840   1.00 26.89 ?  9   C   B N4    1 
ATOM   439  C  C5    . C   B 1 9  ? -0.140  11.403  2.864   1.00 36.52 ?  9   C   B C5    1 
ATOM   440  C  C6    . C   B 1 9  ? -1.173  11.017  3.632   1.00 34.93 ?  9   C   B C6    1 
ATOM   441  P  P     . U   B 1 10 ? -5.121  14.242  5.292   1.00 43.24 ?  10  U   B P     1 
ATOM   442  O  OP1   . U   B 1 10 ? -6.502  14.754  5.451   1.00 49.70 ?  10  U   B OP1   1 
ATOM   443  O  OP2   . U   B 1 10 ? -4.498  14.304  3.954   1.00 39.77 ?  10  U   B OP2   1 
ATOM   444  O  "O5'" . U   B 1 10 ? -4.192  15.030  6.319   1.00 57.79 ?  10  U   B "O5'" 1 
ATOM   445  C  "C5'" . U   B 1 10 ? -4.498  15.020  7.709   1.00 53.00 ?  10  U   B "C5'" 1 
ATOM   446  C  "C4'" . U   B 1 10 ? -3.394  15.622  8.546   1.00 50.24 ?  10  U   B "C4'" 1 
ATOM   447  O  "O4'" . U   B 1 10 ? -2.264  14.702  8.639   1.00 51.21 ?  10  U   B "O4'" 1 
ATOM   448  C  "C3'" . U   B 1 10 ? -2.776  16.908  8.027   1.00 44.37 ?  10  U   B "C3'" 1 
ATOM   449  O  "O3'" . U   B 1 10 ? -3.568  18.061  8.263   1.00 45.08 ?  10  U   B "O3'" 1 
ATOM   450  C  "C2'" . U   B 1 10 ? -1.427  16.918  8.733   1.00 47.02 ?  10  U   B "C2'" 1 
ATOM   451  O  "O2'" . U   B 1 10 ? -1.574  17.302  10.088  1.00 49.87 ?  10  U   B "O2'" 1 
ATOM   452  C  "C1'" . U   B 1 10 ? -1.055  15.433  8.679   1.00 44.74 ?  10  U   B "C1'" 1 
ATOM   453  N  N1    . U   B 1 10 ? -0.284  15.140  7.448   1.00 35.17 ?  10  U   B N1    1 
ATOM   454  C  C2    . U   B 1 10 ? 1.038   15.534  7.412   1.00 37.52 ?  10  U   B C2    1 
ATOM   455  O  O2    . U   B 1 10 ? 1.623   16.055  8.341   1.00 42.08 ?  10  U   B O2    1 
ATOM   456  N  N3    . U   B 1 10 ? 1.688   15.295  6.246   1.00 32.92 ?  10  U   B N3    1 
ATOM   457  C  C4    . U   B 1 10 ? 1.171   14.712  5.129   1.00 36.33 ?  10  U   B C4    1 
ATOM   458  O  O4    . U   B 1 10 ? 1.910   14.549  4.167   1.00 39.94 ?  10  U   B O4    1 
ATOM   459  C  C5    . U   B 1 10 ? -0.205  14.353  5.221   1.00 38.18 ?  10  U   B C5    1 
ATOM   460  C  C6    . U   B 1 10 ? -0.870  14.580  6.352   1.00 39.17 ?  10  U   B C6    1 
ATOM   461  P  P     . C   B 1 11 ? -3.502  19.317  7.249   1.00 51.83 ?  11  C   B P     1 
ATOM   462  O  OP1   . C   B 1 11 ? -4.707  20.150  7.470   1.00 49.76 ?  11  C   B OP1   1 
ATOM   463  O  OP2   . C   B 1 11 ? -3.175  18.877  5.866   1.00 49.57 ?  11  C   B OP2   1 
ATOM   464  O  "O5'" . C   B 1 11 ? -2.237  20.135  7.759   1.00 46.89 ?  11  C   B "O5'" 1 
ATOM   465  C  "C5'" . C   B 1 11 ? -2.067  20.394  9.142   1.00 45.26 ?  11  C   B "C5'" 1 
ATOM   466  C  "C4'" . C   B 1 11 ? -0.631  20.711  9.470   1.00 44.98 ?  11  C   B "C4'" 1 
ATOM   467  O  "O4'" . C   B 1 11 ? 0.185   19.529  9.277   1.00 45.06 ?  11  C   B "O4'" 1 
ATOM   468  C  "C3'" . C   B 1 11 ? 0.033   21.763  8.595   1.00 34.98 ?  11  C   B "C3'" 1 
ATOM   469  O  "O3'" . C   B 1 11 ? -0.279  23.078  8.989   1.00 35.95 ?  11  C   B "O3'" 1 
ATOM   470  C  "C2'" . C   B 1 11 ? 1.502   21.430  8.745   1.00 38.85 ?  11  C   B "C2'" 1 
ATOM   471  O  "O2'" . C   B 1 11 ? 1.990   21.879  9.997   1.00 34.51 ?  11  C   B "O2'" 1 
ATOM   472  C  "C1'" . C   B 1 11 ? 1.452   19.907  8.778   1.00 43.45 ?  11  C   B "C1'" 1 
ATOM   473  N  N1    . C   B 1 11 ? 1.635   19.319  7.435   1.00 34.20 ?  11  C   B N1    1 
ATOM   474  C  C2    . C   B 1 11 ? 2.939   19.281  6.954   1.00 33.21 ?  11  C   B C2    1 
ATOM   475  O  O2    . C   B 1 11 ? 3.844   19.753  7.659   1.00 34.70 ?  11  C   B O2    1 
ATOM   476  N  N3    . C   B 1 11 ? 3.176   18.748  5.736   1.00 33.30 ?  11  C   B N3    1 
ATOM   477  C  C4    . C   B 1 11 ? 2.162   18.266  5.012   1.00 33.64 ?  11  C   B C4    1 
ATOM   478  N  N4    . C   B 1 11 ? 2.460   17.741  3.830   1.00 29.35 ?  11  C   B N4    1 
ATOM   479  C  C5    . C   B 1 11 ? 0.816   18.299  5.481   1.00 38.43 ?  11  C   B C5    1 
ATOM   480  C  C6    . C   B 1 11 ? 0.595   18.832  6.690   1.00 39.65 ?  11  C   B C6    1 
ATOM   481  P  P     . C   B 1 12 ? -0.283  24.268  7.920   1.00 39.07 ?  12  C   B P     1 
ATOM   482  O  OP1   . C   B 1 12 ? -0.794  25.419  8.708   1.00 39.56 ?  12  C   B OP1   1 
ATOM   483  O  OP2   . C   B 1 12 ? -0.909  23.811  6.661   1.00 35.10 ?  12  C   B OP2   1 
ATOM   484  O  "O5'" . C   B 1 12 ? 1.248   24.513  7.532   1.00 42.46 ?  12  C   B "O5'" 1 
ATOM   485  C  "C5'" . C   B 1 12 ? 2.174   25.080  8.454   1.00 36.45 ?  12  C   B "C5'" 1 
ATOM   486  C  "C4'" . C   B 1 12 ? 3.586   25.112  7.898   1.00 37.16 ?  12  C   B "C4'" 1 
ATOM   487  O  "O4'" . C   B 1 12 ? 4.051   23.766  7.592   1.00 34.31 ?  12  C   B "O4'" 1 
ATOM   488  C  "C3'" . C   B 1 12 ? 3.784   25.868  6.596   1.00 35.34 ?  12  C   B "C3'" 1 
ATOM   489  O  "O3'" . C   B 1 12 ? 3.856   27.269  6.778   1.00 44.64 ?  12  C   B "O3'" 1 
ATOM   490  C  "C2'" . C   B 1 12 ? 5.069   25.257  6.049   1.00 35.86 ?  12  C   B "C2'" 1 
ATOM   491  O  "O2'" . C   B 1 12 ? 6.208   25.781  6.718   1.00 33.67 ?  12  C   B "O2'" 1 
ATOM   492  C  "C1'" . C   B 1 12 ? 4.912   23.799  6.471   1.00 27.22 ?  12  C   B "C1'" 1 
ATOM   493  N  N1    . C   B 1 12 ? 4.364   22.942  5.393   1.00 30.09 ?  12  C   B N1    1 
ATOM   494  C  C2    . C   B 1 12 ? 5.285   22.376  4.516   1.00 32.12 ?  12  C   B C2    1 
ATOM   495  O  O2    . C   B 1 12 ? 6.490   22.638  4.677   1.00 31.66 ?  12  C   B O2    1 
ATOM   496  N  N3    . C   B 1 12 ? 4.862   21.556  3.515   1.00 27.93 ?  12  C   B N3    1 
ATOM   497  C  C4    . C   B 1 12 ? 3.562   21.298  3.349   1.00 29.48 ?  12  C   B C4    1 
ATOM   498  N  N4    . C   B 1 12 ? 3.225   20.471  2.337   1.00 26.03 ?  12  C   B N4    1 
ATOM   499  C  C5    . C   B 1 12 ? 2.588   21.859  4.234   1.00 28.55 ?  12  C   B C5    1 
ATOM   500  C  C6    . C   B 1 12 ? 3.029   22.662  5.230   1.00 31.35 ?  12  C   B C6    1 
ATOM   501  O  "O5'" . G   C 1 1  ? -19.464 -5.035  -0.644  1.00 32.25 ?  1   G   C "O5'" 1 
ATOM   502  C  "C5'" . G   C 1 1  ? -20.671 -5.538  -1.191  1.00 30.16 ?  1   G   C "C5'" 1 
ATOM   503  C  "C4'" . G   C 1 1  ? -21.202 -4.619  -2.258  1.00 35.81 ?  1   G   C "C4'" 1 
ATOM   504  O  "O4'" . G   C 1 1  ? -21.617 -3.358  -1.658  1.00 36.58 ?  1   G   C "O4'" 1 
ATOM   505  C  "C3'" . G   C 1 1  ? -20.207 -4.210  -3.336  1.00 34.92 ?  1   G   C "C3'" 1 
ATOM   506  O  "O3'" . G   C 1 1  ? -20.062 -5.185  -4.352  1.00 35.11 ?  1   G   C "O3'" 1 
ATOM   507  C  "C2'" . G   C 1 1  ? -20.777 -2.888  -3.826  1.00 30.56 ?  1   G   C "C2'" 1 
ATOM   508  O  "O2'" . G   C 1 1  ? -21.909 -3.127  -4.643  1.00 33.41 ?  1   G   C "O2'" 1 
ATOM   509  C  "C1'" . G   C 1 1  ? -21.284 -2.287  -2.519  1.00 31.98 ?  1   G   C "C1'" 1 
ATOM   510  N  N9    . G   C 1 1  ? -20.292 -1.425  -1.844  1.00 32.33 ?  1   G   C N9    1 
ATOM   511  C  C8    . G   C 1 1  ? -19.643 -1.652  -0.656  1.00 29.05 ?  1   G   C C8    1 
ATOM   512  N  N7    . G   C 1 1  ? -18.861 -0.663  -0.314  1.00 25.82 ?  1   G   C N7    1 
ATOM   513  C  C5    . G   C 1 1  ? -18.990 0.273   -1.311  1.00 25.08 ?  1   G   C C5    1 
ATOM   514  C  C6    . G   C 1 1  ? -18.381 1.538   -1.484  1.00 28.97 ?  1   G   C C6    1 
ATOM   515  O  O6    . G   C 1 1  ? -17.564 2.101   -0.758  1.00 33.09 ?  1   G   C O6    1 
ATOM   516  N  N1    . G   C 1 1  ? -18.793 2.162   -2.650  1.00 29.02 ?  1   G   C N1    1 
ATOM   517  C  C2    . G   C 1 1  ? -19.689 1.615   -3.544  1.00 32.21 ?  1   G   C C2    1 
ATOM   518  N  N2    . G   C 1 1  ? -19.997 2.326   -4.639  1.00 34.94 ?  1   G   C N2    1 
ATOM   519  N  N3    . G   C 1 1  ? -20.266 0.443   -3.387  1.00 32.27 ?  1   G   C N3    1 
ATOM   520  C  C4    . G   C 1 1  ? -19.875 -0.175  -2.259  1.00 33.31 ?  1   G   C C4    1 
ATOM   521  P  P     . G   C 1 2  ? -18.657 -5.362  -5.122  1.00 42.68 ?  2   G   C P     1 
ATOM   522  O  OP1   . G   C 1 2  ? -18.779 -6.451  -6.133  1.00 35.64 ?  2   G   C OP1   1 
ATOM   523  O  OP2   . G   C 1 2  ? -17.557 -5.396  -4.117  1.00 31.62 -1 2   G   C OP2   1 
ATOM   524  O  "O5'" . G   C 1 2  ? -18.536 -4.018  -5.964  1.00 34.99 ?  2   G   C "O5'" 1 
ATOM   525  C  "C5'" . G   C 1 2  ? -19.410 -3.763  -7.048  1.00 36.34 ?  2   G   C "C5'" 1 
ATOM   526  C  "C4'" . G   C 1 2  ? -19.041 -2.476  -7.727  1.00 35.95 ?  2   G   C "C4'" 1 
ATOM   527  O  "O4'" . G   C 1 2  ? -19.346 -1.369  -6.835  1.00 40.47 ?  2   G   C "O4'" 1 
ATOM   528  C  "C3'" . G   C 1 2  ? -17.557 -2.321  -8.036  1.00 38.40 ?  2   G   C "C3'" 1 
ATOM   529  O  "O3'" . G   C 1 2  ? -17.167 -2.945  -9.260  1.00 33.98 ?  2   G   C "O3'" 1 
ATOM   530  C  "C2'" . G   C 1 2  ? -17.375 -0.811  -8.031  1.00 37.18 ?  2   G   C "C2'" 1 
ATOM   531  O  "O2'" . G   C 1 2  ? -17.821 -0.255  -9.260  1.00 35.12 ?  2   G   C "O2'" 1 
ATOM   532  C  "C1'" . G   C 1 2  ? -18.339 -0.391  -6.917  1.00 33.69 ?  2   G   C "C1'" 1 
ATOM   533  N  N9    . G   C 1 2  ? -17.673 -0.304  -5.598  1.00 36.61 ?  2   G   C N9    1 
ATOM   534  C  C8    . G   C 1 2  ? -17.734 -1.188  -4.545  1.00 30.71 ?  2   G   C C8    1 
ATOM   535  N  N7    . G   C 1 2  ? -17.010 -0.808  -3.517  1.00 31.25 ?  2   G   C N7    1 
ATOM   536  C  C5    . G   C 1 2  ? -16.433 0.400   -3.910  1.00 29.88 ?  2   G   C C5    1 
ATOM   537  C  C6    . G   C 1 2  ? -15.561 1.317   -3.229  1.00 33.56 ?  2   G   C C6    1 
ATOM   538  O  O6    . G   C 1 2  ? -15.085 1.238   -2.090  1.00 33.58 ?  2   G   C O6    1 
ATOM   539  N  N1    . G   C 1 2  ? -15.240 2.429   -4.008  1.00 29.23 ?  2   G   C N1    1 
ATOM   540  C  C2    . G   C 1 2  ? -15.695 2.629   -5.286  1.00 31.45 ?  2   G   C C2    1 
ATOM   541  N  N2    . G   C 1 2  ? -15.297 3.736   -5.921  1.00 26.31 ?  2   G   C N2    1 
ATOM   542  N  N3    . G   C 1 2  ? -16.508 1.791   -5.919  1.00 37.38 ?  2   G   C N3    1 
ATOM   543  C  C4    . G   C 1 2  ? -16.837 0.712   -5.184  1.00 30.61 ?  2   G   C C4    1 
ATOM   544  P  P     . A   C 1 3  ? -15.725 -3.652  -9.412  1.00 46.43 ?  3   A   C P     1 
ATOM   545  O  OP1   . A   C 1 3  ? -15.732 -4.182  -10.796 1.00 48.75 ?  3   A   C OP1   1 
ATOM   546  O  OP2   . A   C 1 3  ? -15.388 -4.512  -8.240  1.00 41.55 -1 3   A   C OP2   1 
ATOM   547  O  "O5'" . A   C 1 3  ? -14.654 -2.466  -9.325  1.00 42.32 ?  3   A   C "O5'" 1 
ATOM   548  C  "C5'" . A   C 1 3  ? -14.512 -1.537  -10.380 1.00 38.12 ?  3   A   C "C5'" 1 
ATOM   549  C  "C4'" . A   C 1 3  ? -13.858 -0.246  -9.945  1.00 33.58 ?  3   A   C "C4'" 1 
ATOM   550  O  "O4'" . A   C 1 3  ? -14.472 0.286   -8.746  1.00 36.47 ?  3   A   C "O4'" 1 
ATOM   551  C  "C3'" . A   C 1 3  ? -12.395 -0.288  -9.582  1.00 31.58 ?  3   A   C "C3'" 1 
ATOM   552  O  "O3'" . A   C 1 3  ? -11.548 -0.409  -10.701 1.00 40.35 ?  3   A   C "O3'" 1 
ATOM   553  C  "C2'" . A   C 1 3  ? -12.229 1.032   -8.851  1.00 28.85 ?  3   A   C "C2'" 1 
ATOM   554  O  "O2'" . A   C 1 3  ? -12.225 2.108   -9.764  1.00 34.11 ?  3   A   C "O2'" 1 
ATOM   555  C  "C1'" . A   C 1 3  ? -13.536 1.104   -8.075  1.00 31.37 ?  3   A   C "C1'" 1 
ATOM   556  N  N9    . A   C 1 3  ? -13.353 0.643   -6.687  1.00 36.76 ?  3   A   C N9    1 
ATOM   557  C  C8    . A   C 1 3  ? -13.824 -0.499  -6.106  1.00 33.66 ?  3   A   C C8    1 
ATOM   558  N  N7    . A   C 1 3  ? -13.471 -0.602  -4.851  1.00 32.49 ?  3   A   C N7    1 
ATOM   559  C  C5    . A   C 1 3  ? -12.728 0.537   -4.591  1.00 30.16 ?  3   A   C C5    1 
ATOM   560  C  C6    . A   C 1 3  ? -12.075 0.992   -3.433  1.00 32.31 ?  3   A   C C6    1 
ATOM   561  N  N6    . A   C 1 3  ? -12.079 0.312   -2.289  1.00 31.19 ?  3   A   C N6    1 
ATOM   562  N  N1    . A   C 1 3  ? -11.397 2.163   -3.500  1.00 32.56 ?  3   A   C N1    1 
ATOM   563  C  C2    . A   C 1 3  ? -11.394 2.817   -4.667  1.00 32.75 ?  3   A   C C2    1 
ATOM   564  N  N3    . A   C 1 3  ? -11.974 2.487   -5.821  1.00 33.88 ?  3   A   C N3    1 
ATOM   565  C  C4    . A   C 1 3  ? -12.634 1.314   -5.714  1.00 29.84 ?  3   A   C C4    1 
ATOM   566  P  P     . C   C 1 4  ? -10.193 -1.264  -10.602 1.00 40.41 ?  4   C   C P     1 
ATOM   567  O  OP1   . C   C 1 4  ? -9.735  -1.501  -11.990 1.00 37.33 ?  4   C   C OP1   1 
ATOM   568  O  OP2   . C   C 1 4  ? -10.427 -2.406  -9.686  1.00 45.26 -1 4   C   C OP2   1 
ATOM   569  O  "O5'" . C   C 1 4  ? -9.159  -0.284  -9.910  1.00 40.80 ?  4   C   C "O5'" 1 
ATOM   570  C  "C5'" . C   C 1 4  ? -8.955  1.023   -10.416 1.00 41.38 ?  4   C   C "C5'" 1 
ATOM   571  C  "C4'" . C   C 1 4  ? -8.127  1.833   -9.465  1.00 39.85 ?  4   C   C "C4'" 1 
ATOM   572  O  "O4'" . C   C 1 4  ? -8.921  2.198   -8.307  1.00 36.91 ?  4   C   C "O4'" 1 
ATOM   573  C  "C3'" . C   C 1 4  ? -6.936  1.103   -8.876  1.00 38.16 ?  4   C   C "C3'" 1 
ATOM   574  O  "O3'" . C   C 1 4  ? -5.828  1.108   -9.736  1.00 37.85 ?  4   C   C "O3'" 1 
ATOM   575  C  "C2'" . C   C 1 4  ? -6.684  1.866   -7.594  1.00 40.32 ?  4   C   C "C2'" 1 
ATOM   576  O  "O2'" . C   C 1 4  ? -6.022  3.083   -7.888  1.00 47.56 ?  4   C   C "O2'" 1 
ATOM   577  C  "C1'" . C   C 1 4  ? -8.110  2.178   -7.150  1.00 38.12 ?  4   C   C "C1'" 1 
ATOM   578  N  N1    . C   C 1 4  ? -8.625  1.138   -6.238  1.00 34.78 ?  4   C   C N1    1 
ATOM   579  C  C2    . C   C 1 4  ? -8.325  1.242   -4.888  1.00 35.19 ?  4   C   C C2    1 
ATOM   580  O  O2    . C   C 1 4  ? -7.640  2.198   -4.483  1.00 37.41 ?  4   C   C O2    1 
ATOM   581  N  N3    . C   C 1 4  ? -8.795  0.294   -4.057  1.00 34.42 ?  4   C   C N3    1 
ATOM   582  C  C4    . C   C 1 4  ? -9.526  -0.730  -4.504  1.00 30.63 ?  4   C   C C4    1 
ATOM   583  N  N4    . C   C 1 4  ? -9.955  -1.633  -3.621  1.00 29.16 ?  4   C   C N4    1 
ATOM   584  C  C5    . C   C 1 4  ? -9.851  -0.867  -5.883  1.00 38.88 ?  4   C   C C5    1 
ATOM   585  C  C6    . C   C 1 4  ? -9.376  0.089   -6.702  1.00 40.46 ?  4   C   C C6    1 
ATOM   586  P  P     . U   C 1 5  ? -4.876  -0.166  -9.805  1.00 41.76 ?  5   U   C P     1 
ATOM   587  O  OP1   . U   C 1 5  ? -4.132  -0.037  -11.079 1.00 51.05 ?  5   U   C OP1   1 
ATOM   588  O  OP2   . U   C 1 5  ? -5.648  -1.392  -9.534  1.00 50.65 -1 5   U   C OP2   1 
ATOM   589  O  "O5'" . U   C 1 5  ? -3.878  0.033   -8.576  1.00 50.76 ?  5   U   C "O5'" 1 
ATOM   590  C  "C5'" . U   C 1 5  ? -2.885  1.048   -8.595  1.00 45.35 ?  5   U   C "C5'" 1 
ATOM   591  C  "C4'" . U   C 1 5  ? -2.337  1.320   -7.214  1.00 49.34 ?  5   U   C "C4'" 1 
ATOM   592  O  "O4'" . U   C 1 5  ? -3.417  1.651   -6.297  1.00 42.67 ?  5   U   C "O4'" 1 
ATOM   593  C  "C3'" . U   C 1 5  ? -1.631  0.163   -6.532  1.00 45.14 ?  5   U   C "C3'" 1 
ATOM   594  O  "O3'" . U   C 1 5  ? -0.310  -0.046  -7.005  1.00 37.45 ?  5   U   C "O3'" 1 
ATOM   595  C  "C2'" . U   C 1 5  ? -1.709  0.559   -5.068  1.00 43.15 ?  5   U   C "C2'" 1 
ATOM   596  O  "O2'" . U   C 1 5  ? -0.767  1.591   -4.796  1.00 49.07 ?  5   U   C "O2'" 1 
ATOM   597  C  "C1'" . U   C 1 5  ? -3.103  1.178   -5.005  1.00 39.82 ?  5   U   C "C1'" 1 
ATOM   598  N  N1    . U   C 1 5  ? -4.148  0.218   -4.595  1.00 41.51 ?  5   U   C N1    1 
ATOM   599  C  C2    . U   C 1 5  ? -4.286  -0.113  -3.263  1.00 40.96 ?  5   U   C C2    1 
ATOM   600  O  O2    . U   C 1 5  ? -3.560  0.321   -2.387  1.00 43.74 ?  5   U   C O2    1 
ATOM   601  N  N3    . U   C 1 5  ? -5.301  -0.988  -2.980  1.00 33.14 ?  5   U   C N3    1 
ATOM   602  C  C4    . U   C 1 5  ? -6.173  -1.561  -3.879  1.00 36.22 ?  5   U   C C4    1 
ATOM   603  O  O4    . U   C 1 5  ? -7.053  -2.349  -3.495  1.00 37.41 ?  5   U   C O4    1 
ATOM   604  C  C5    . U   C 1 5  ? -5.960  -1.155  -5.224  1.00 36.09 ?  5   U   C C5    1 
ATOM   605  C  C6    . U   C 1 5  ? -4.993  -0.304  -5.528  1.00 38.82 ?  5   U   C C6    1 
ATOM   606  P  P     . C   C 1 6  ? 0.145   -1.536  -7.394  1.00 53.73 ?  6   C   C P     1 
ATOM   607  O  OP1   . C   C 1 6  ? 1.455   -1.400  -8.081  1.00 54.07 ?  6   C   C OP1   1 
ATOM   608  O  OP2   . C   C 1 6  ? -0.982  -2.207  -8.098  1.00 51.52 -1 6   C   C OP2   1 
ATOM   609  O  "O5'" . C   C 1 6  ? 0.337   -2.264  -5.987  1.00 41.44 ?  6   C   C "O5'" 1 
ATOM   610  C  "C5'" . C   C 1 6  ? 1.286   -1.735  -5.074  1.00 47.41 ?  6   C   C "C5'" 1 
ATOM   611  C  "C4'" . C   C 1 6  ? 1.069   -2.157  -3.640  1.00 44.10 ?  6   C   C "C4'" 1 
ATOM   612  O  "O4'" . C   C 1 6  ? -0.224  -1.732  -3.133  1.00 47.05 ?  6   C   C "O4'" 1 
ATOM   613  C  "C3'" . C   C 1 6  ? 1.099   -3.635  -3.332  1.00 36.74 ?  6   C   C "C3'" 1 
ATOM   614  O  "O3'" . C   C 1 6  ? 2.413   -4.155  -3.356  1.00 38.64 ?  6   C   C "O3'" 1 
ATOM   615  C  "C2'" . C   C 1 6  ? 0.471   -3.665  -1.946  1.00 40.16 ?  6   C   C "C2'" 1 
ATOM   616  O  "O2'" . C   C 1 6  ? 1.405   -3.218  -0.984  1.00 35.67 ?  6   C   C "O2'" 1 
ATOM   617  C  "C1'" . C   C 1 6  ? -0.612  -2.590  -2.078  1.00 39.72 ?  6   C   C "C1'" 1 
ATOM   618  N  N1    . C   C 1 6  ? -1.939  -3.185  -2.368  1.00 33.99 ?  6   C   C N1    1 
ATOM   619  C  C2    . C   C 1 6  ? -2.644  -3.713  -1.291  1.00 33.14 ?  6   C   C C2    1 
ATOM   620  O  O2    . C   C 1 6  ? -2.146  -3.649  -0.160  1.00 31.18 ?  6   C   C O2    1 
ATOM   621  N  N3    . C   C 1 6  ? -3.850  -4.301  -1.500  1.00 35.28 ?  6   C   C N3    1 
ATOM   622  C  C4    . C   C 1 6  ? -4.369  -4.366  -2.735  1.00 34.97 ?  6   C   C C4    1 
ATOM   623  N  N4    . C   C 1 6  ? -5.578  -4.950  -2.879  1.00 32.51 ?  6   C   C N4    1 
ATOM   624  C  C5    . C   C 1 6  ? -3.661  -3.823  -3.852  1.00 32.31 ?  6   C   C C5    1 
ATOM   625  C  C6    . C   C 1 6  ? -2.464  -3.254  -3.631  1.00 34.84 ?  6   C   C C6    1 
ATOM   626  P  P     . G   C 1 7  ? 2.710   -5.662  -3.837  1.00 43.16 ?  7   G   C P     1 
ATOM   627  O  OP1   . G   C 1 7  ? 4.196   -5.789  -3.913  1.00 41.06 ?  7   G   C OP1   1 
ATOM   628  O  OP2   . G   C 1 7  ? 1.884   -5.975  -5.026  1.00 43.39 -1 7   G   C OP2   1 
ATOM   629  O  "O5'" . G   C 1 7  ? 2.261   -6.558  -2.602  1.00 35.47 ?  7   G   C "O5'" 1 
ATOM   630  C  "C5'" . G   C 1 7  ? 3.090   -6.644  -1.456  1.00 34.45 ?  7   G   C "C5'" 1 
ATOM   631  C  "C4'" . G   C 1 7  ? 2.357   -7.213  -0.276  1.00 32.05 ?  7   G   C "C4'" 1 
ATOM   632  O  "O4'" . G   C 1 7  ? 1.141   -6.468  -0.052  1.00 35.19 ?  7   G   C "O4'" 1 
ATOM   633  C  "C3'" . G   C 1 7  ? 1.874   -8.645  -0.410  1.00 36.39 ?  7   G   C "C3'" 1 
ATOM   634  O  "O3'" . G   C 1 7  ? 2.885   -9.603  -0.201  1.00 37.54 ?  7   G   C "O3'" 1 
ATOM   635  C  "C2'" . G   C 1 7  ? 0.779   -8.712  0.632   1.00 37.97 ?  7   G   C "C2'" 1 
ATOM   636  O  "O2'" . G   C 1 7  ? 1.343   -8.850  1.933   1.00 39.25 ?  7   G   C "O2'" 1 
ATOM   637  C  "C1'" . G   C 1 7  ? 0.156   -7.322  0.489   1.00 34.41 ?  7   G   C "C1'" 1 
ATOM   638  N  N9    . G   C 1 7  ? -0.988  -7.369  -0.430  1.00 35.83 ?  7   G   C N9    1 
ATOM   639  C  C8    . G   C 1 7  ? -1.001  -7.007  -1.746  1.00 34.41 ?  7   G   C C8    1 
ATOM   640  N  N7    . G   C 1 7  ? -2.174  -7.196  -2.290  1.00 35.38 ?  7   G   C N7    1 
ATOM   641  C  C5    . G   C 1 7  ? -2.969  -7.715  -1.284  1.00 32.26 ?  7   G   C C5    1 
ATOM   642  C  C6    . G   C 1 7  ? -4.330  -8.120  -1.303  1.00 36.53 ?  7   G   C C6    1 
ATOM   643  O  O6    . G   C 1 7  ? -5.129  -8.096  -2.246  1.00 34.60 ?  7   G   C O6    1 
ATOM   644  N  N1    . G   C 1 7  ? -4.733  -8.586  -0.065  1.00 33.46 ?  7   G   C N1    1 
ATOM   645  C  C2    . G   C 1 7  ? -3.931  -8.657  1.040   1.00 37.49 ?  7   G   C C2    1 
ATOM   646  N  N2    . G   C 1 7  ? -4.511  -9.139  2.149   1.00 39.06 ?  7   G   C N2    1 
ATOM   647  N  N3    . G   C 1 7  ? -2.657  -8.299  1.068   1.00 34.72 ?  7   G   C N3    1 
ATOM   648  C  C4    . G   C 1 7  ? -2.246  -7.841  -0.128  1.00 34.62 ?  7   G   C C4    1 
ATOM   649  P  P     . A   C 1 8  ? 2.788   -10.995 -0.974  1.00 38.36 ?  8   A   C P     1 
ATOM   650  O  OP1   . A   C 1 8  ? 4.100   -11.689 -0.873  1.00 38.48 ?  8   A   C OP1   1 
ATOM   651  O  OP2   . A   C 1 8  ? 2.247   -10.652 -2.310  1.00 40.50 -1 8   A   C OP2   1 
ATOM   652  O  "O5'" . A   C 1 8  ? 1.665   -11.807 -0.181  1.00 39.80 ?  8   A   C "O5'" 1 
ATOM   653  C  "C5'" . A   C 1 8  ? 1.821   -12.111 1.200   1.00 38.07 ?  8   A   C "C5'" 1 
ATOM   654  C  "C4'" . A   C 1 8  ? 0.546   -12.644 1.828   1.00 38.81 ?  8   A   C "C4'" 1 
ATOM   655  O  "O4'" . A   C 1 8  ? -0.521  -11.670 1.712   1.00 36.43 ?  8   A   C "O4'" 1 
ATOM   656  C  "C3'" . A   C 1 8  ? -0.050  -13.898 1.220   1.00 36.24 ?  8   A   C "C3'" 1 
ATOM   657  O  "O3'" . A   C 1 8  ? 0.616   -15.087 1.601   1.00 30.95 ?  8   A   C "O3'" 1 
ATOM   658  C  "C2'" . A   C 1 8  ? -1.497  -13.827 1.687   1.00 34.90 ?  8   A   C "C2'" 1 
ATOM   659  O  "O2'" . A   C 1 8  ? -1.601  -14.211 3.045   1.00 32.96 ?  8   A   C "O2'" 1 
ATOM   660  C  "C1'" . A   C 1 8  ? -1.761  -12.329 1.602   1.00 36.88 ?  8   A   C "C1'" 1 
ATOM   661  N  N9    . A   C 1 8  ? -2.358  -11.952 0.315   1.00 42.19 ?  8   A   C N9    1 
ATOM   662  C  C8    . A   C 1 8  ? -1.718  -11.356 -0.740  1.00 36.70 ?  8   A   C C8    1 
ATOM   663  N  N7    . A   C 1 8  ? -2.518  -11.129 -1.747  1.00 35.92 ?  8   A   C N7    1 
ATOM   664  C  C5    . A   C 1 8  ? -3.754  -11.612 -1.327  1.00 35.69 ?  8   A   C C5    1 
ATOM   665  C  C6    . A   C 1 8  ? -5.012  -11.684 -1.947  1.00 36.63 ?  8   A   C C6    1 
ATOM   666  N  N6    . A   C 1 8  ? -5.252  -11.247 -3.179  1.00 39.40 ?  8   A   C N6    1 
ATOM   667  N  N1    . A   C 1 8  ? -6.035  -12.222 -1.254  1.00 40.41 ?  8   A   C N1    1 
ATOM   668  C  C2    . A   C 1 8  ? -5.804  -12.683 -0.018  1.00 37.46 ?  8   A   C C2    1 
ATOM   669  N  N3    . A   C 1 8  ? -4.659  -12.680 0.656   1.00 41.98 ?  8   A   C N3    1 
ATOM   670  C  C4    . A   C 1 8  ? -3.669  -12.123 -0.058  1.00 35.28 ?  8   A   C C4    1 
ATOM   671  P  P     . C   C 1 9  ? 0.764   -16.267 0.528   1.00 34.13 ?  9   C   C P     1 
ATOM   672  O  OP1   . C   C 1 9  ? 1.655   -17.341 1.033   1.00 39.15 ?  9   C   C OP1   1 
ATOM   673  O  OP2   . C   C 1 9  ? 0.971   -15.636 -0.786  1.00 31.05 -1 9   C   C OP2   1 
ATOM   674  O  "O5'" . C   C 1 9  ? -0.703  -16.874 0.426   1.00 36.85 ?  9   C   C "O5'" 1 
ATOM   675  C  "C5'" . C   C 1 9  ? -1.328  -17.477 1.540   1.00 33.68 ?  9   C   C "C5'" 1 
ATOM   676  C  "C4'" . C   C 1 9  ? -2.778  -17.744 1.245   1.00 35.60 ?  9   C   C "C4'" 1 
ATOM   677  O  "O4'" . C   C 1 9  ? -3.423  -16.488 0.931   1.00 37.91 ?  9   C   C "O4'" 1 
ATOM   678  C  "C3'" . C   C 1 9  ? -3.070  -18.616 0.029   1.00 34.23 ?  9   C   C "C3'" 1 
ATOM   679  O  "O3'" . C   C 1 9  ? -2.968  -20.000 0.295   1.00 30.61 ?  9   C   C "O3'" 1 
ATOM   680  C  "C2'" . C   C 1 9  ? -4.470  -18.182 -0.353  1.00 30.24 ?  9   C   C "C2'" 1 
ATOM   681  O  "O2'" . C   C 1 9  ? -5.419  -18.749 0.536   1.00 31.18 ?  9   C   C "O2'" 1 
ATOM   682  C  "C1'" . C   C 1 9  ? -4.408  -16.691 -0.058  1.00 33.48 ?  9   C   C "C1'" 1 
ATOM   683  N  N1    . C   C 1 9  ? -4.076  -15.877 -1.244  1.00 36.16 ?  9   C   C N1    1 
ATOM   684  C  C2    . C   C 1 9  ? -5.100  -15.560 -2.127  1.00 38.08 ?  9   C   C C2    1 
ATOM   685  O  O2    . C   C 1 9  ? -6.231  -16.005 -1.903  1.00 34.58 ?  9   C   C O2    1 
ATOM   686  N  N3    . C   C 1 9  ? -4.827  -14.795 -3.210  1.00 36.74 ?  9   C   C N3    1 
ATOM   687  C  C4    . C   C 1 9  ? -3.607  -14.326 -3.421  1.00 32.42 ?  9   C   C C4    1 
ATOM   688  N  N4    . C   C 1 9  ? -3.418  -13.579 -4.502  1.00 34.40 ?  9   C   C N4    1 
ATOM   689  C  C5    . C   C 1 9  ? -2.534  -14.612 -2.533  1.00 35.66 ?  9   C   C C5    1 
ATOM   690  C  C6    . C   C 1 9  ? -2.821  -15.386 -1.471  1.00 38.16 ?  9   C   C C6    1 
ATOM   691  P  P     . U   C 1 10 ? -2.183  -20.945 -0.726  1.00 32.68 ?  10  U   C P     1 
ATOM   692  O  OP1   . U   C 1 10 ? -1.675  -22.131 -0.013  1.00 34.41 ?  10  U   C OP1   1 
ATOM   693  O  OP2   . U   C 1 10 ? -1.251  -20.103 -1.517  1.00 28.11 -1 10  U   C OP2   1 
ATOM   694  O  "O5'" . U   C 1 10 ? -3.317  -21.469 -1.714  1.00 37.32 ?  10  U   C "O5'" 1 
ATOM   695  C  "C5'" . U   C 1 10 ? -4.541  -21.975 -1.211  1.00 34.97 ?  10  U   C "C5'" 1 
ATOM   696  C  "C4'" . U   C 1 10 ? -5.615  -21.964 -2.266  1.00 33.81 ?  10  U   C "C4'" 1 
ATOM   697  O  "O4'" . U   C 1 10 ? -6.107  -20.617 -2.442  1.00 29.50 ?  10  U   C "O4'" 1 
ATOM   698  C  "C3'" . U   C 1 10 ? -5.189  -22.381 -3.668  1.00 31.66 ?  10  U   C "C3'" 1 
ATOM   699  O  "O3'" . U   C 1 10 ? -5.083  -23.782 -3.830  1.00 25.76 ?  10  U   C "O3'" 1 
ATOM   700  C  "C2'" . U   C 1 10 ? -6.257  -21.736 -4.532  1.00 31.71 ?  10  U   C "C2'" 1 
ATOM   701  O  "O2'" . U   C 1 10 ? -7.455  -22.491 -4.463  1.00 36.63 ?  10  U   C "O2'" 1 
ATOM   702  C  "C1'" . U   C 1 10 ? -6.478  -20.417 -3.794  1.00 32.81 ?  10  U   C "C1'" 1 
ATOM   703  N  N1    . U   C 1 10 ? -5.677  -19.309 -4.371  1.00 30.89 ?  10  U   C N1    1 
ATOM   704  C  C2    . U   C 1 10 ? -6.199  -18.660 -5.466  1.00 31.71 ?  10  U   C C2    1 
ATOM   705  O  O2    . U   C 1 10 ? -7.267  -18.973 -5.960  1.00 28.39 ?  10  U   C O2    1 
ATOM   706  N  N3    . U   C 1 10 ? -5.437  -17.642 -5.970  1.00 30.46 ?  10  U   C N3    1 
ATOM   707  C  C4    . U   C 1 10 ? -4.214  -17.217 -5.504  1.00 33.61 ?  10  U   C C4    1 
ATOM   708  O  O4    . U   C 1 10 ? -3.648  -16.283 -6.058  1.00 29.79 ?  10  U   C O4    1 
ATOM   709  C  C5    . U   C 1 10 ? -3.730  -17.934 -4.367  1.00 34.74 ?  10  U   C C5    1 
ATOM   710  C  C6    . U   C 1 10 ? -4.462  -18.931 -3.857  1.00 36.13 ?  10  U   C C6    1 
ATOM   711  P  P     . C   C 1 11 ? -4.285  -24.402 -5.073  1.00 32.09 ?  11  C   C P     1 
ATOM   712  O  OP1   . C   C 1 11 ? -4.482  -25.880 -5.075  1.00 30.50 ?  11  C   C OP1   1 
ATOM   713  O  OP2   . C   C 1 11 ? -2.911  -23.908 -5.128  1.00 31.73 -1 11  C   C OP2   1 
ATOM   714  O  "O5'" . C   C 1 11 ? -5.104  -23.842 -6.316  1.00 32.61 ?  11  C   C "O5'" 1 
ATOM   715  C  "C5'" . C   C 1 11 ? -4.510  -23.566 -7.571  1.00 25.69 ?  11  C   C "C5'" 1 
ATOM   716  C  "C4'" . C   C 1 11 ? -5.505  -22.850 -8.446  1.00 31.82 ?  11  C   C "C4'" 1 
ATOM   717  O  "O4'" . C   C 1 11 ? -5.755  -21.516 -7.927  1.00 30.43 ?  11  C   C "O4'" 1 
ATOM   718  C  "C3'" . C   C 1 11 ? -5.090  -22.614 -9.885  1.00 27.47 ?  11  C   C "C3'" 1 
ATOM   719  O  "O3'" . C   C 1 11 ? -5.279  -23.750 -10.693 1.00 30.24 ?  11  C   C "O3'" 1 
ATOM   720  C  "C2'" . C   C 1 11 ? -5.957  -21.436 -10.295 1.00 27.95 ?  11  C   C "C2'" 1 
ATOM   721  O  "O2'" . C   C 1 11 ? -7.268  -21.859 -10.602 1.00 32.15 ?  11  C   C "O2'" 1 
ATOM   722  C  "C1'" . C   C 1 11 ? -6.017  -20.632 -8.997  1.00 29.13 ?  11  C   C "C1'" 1 
ATOM   723  N  N1    . C   C 1 11 ? -5.023  -19.541 -8.987  1.00 28.07 ?  11  C   C N1    1 
ATOM   724  C  C2    . C   C 1 11 ? -5.317  -18.392 -9.704  1.00 26.90 ?  11  C   C C2    1 
ATOM   725  O  O2    . C   C 1 11 ? -6.380  -18.351 -10.325 1.00 29.61 ?  11  C   C O2    1 
ATOM   726  N  N3    . C   C 1 11 ? -4.449  -17.362 -9.695  1.00 30.16 ?  11  C   C N3    1 
ATOM   727  C  C4    . C   C 1 11 ? -3.298  -17.466 -9.017  1.00 28.58 ?  11  C   C C4    1 
ATOM   728  N  N4    . C   C 1 11 ? -2.435  -16.456 -9.055  1.00 22.45 ?  11  C   C N4    1 
ATOM   729  C  C5    . C   C 1 11 ? -2.976  -18.630 -8.280  1.00 33.07 ?  11  C   C C5    1 
ATOM   730  C  C6    . C   C 1 11 ? -3.863  -19.641 -8.287  1.00 32.29 ?  11  C   C C6    1 
ATOM   731  P  P     . C   C 1 12 ? -4.219  -24.093 -11.843 1.00 32.11 ?  12  C   C P     1 
ATOM   732  O  OP1   . C   C 1 12 ? -4.601  -25.420 -12.399 1.00 32.57 ?  12  C   C OP1   1 
ATOM   733  O  OP2   . C   C 1 12 ? -2.841  -23.918 -11.321 1.00 31.29 -1 12  C   C OP2   1 
ATOM   734  O  "O5'" . C   C 1 12 ? -4.533  -23.017 -12.963 1.00 31.47 ?  12  C   C "O5'" 1 
ATOM   735  C  "C5'" . C   C 1 12 ? -5.802  -23.018 -13.599 1.00 28.49 ?  12  C   C "C5'" 1 
ATOM   736  C  "C4'" . C   C 1 12 ? -5.955  -21.858 -14.549 1.00 27.53 ?  12  C   C "C4'" 1 
ATOM   737  O  "O4'" . C   C 1 12 ? -6.018  -20.609 -13.820 1.00 23.80 ?  12  C   C "O4'" 1 
ATOM   738  C  "C3'" . C   C 1 12 ? -4.824  -21.641 -15.527 1.00 27.27 ?  12  C   C "C3'" 1 
ATOM   739  O  "O3'" . C   C 1 12 ? -4.862  -22.531 -16.615 1.00 27.31 ?  12  C   C "O3'" 1 
ATOM   740  C  "C2'" . C   C 1 12 ? -5.012  -20.187 -15.923 1.00 29.86 ?  12  C   C "C2'" 1 
ATOM   741  O  "O2'" . C   C 1 12 ? -6.078  -20.050 -16.841 1.00 28.00 ?  12  C   C "O2'" 1 
ATOM   742  C  "C1'" . C   C 1 12 ? -5.454  -19.576 -14.599 1.00 29.42 ?  12  C   C "C1'" 1 
ATOM   743  N  N1    . C   C 1 12 ? -4.324  -18.965 -13.859 1.00 29.52 ?  12  C   C N1    1 
ATOM   744  C  C2    . C   C 1 12 ? -3.963  -17.668 -14.213 1.00 32.27 ?  12  C   C C2    1 
ATOM   745  O  O2    . C   C 1 12 ? -4.618  -17.144 -15.137 1.00 33.13 ?  12  C   C O2    1 
ATOM   746  N  N3    . C   C 1 12 ? -2.938  -17.047 -13.551 1.00 25.83 ?  12  C   C N3    1 
ATOM   747  C  C4    . C   C 1 12 ? -2.293  -17.709 -12.578 1.00 23.79 ?  12  C   C C4    1 
ATOM   748  N  N4    . C   C 1 12 ? -1.299  -17.104 -11.937 1.00 24.84 ?  12  C   C N4    1 
ATOM   749  C  C5    . C   C 1 12 ? -2.648  -19.036 -12.198 1.00 24.54 ?  12  C   C C5    1 
ATOM   750  C  C6    . C   C 1 12 ? -3.653  -19.620 -12.859 1.00 27.71 ?  12  C   C C6    1 
ATOM   751  O  "O5'" . G   D 1 1  ? 0.411   -7.538  -14.284 1.00 41.40 ?  1   G   D "O5'" 1 
ATOM   752  C  "C5'" . G   D 1 1  ? 0.179   -6.934  -15.547 1.00 39.01 ?  1   G   D "C5'" 1 
ATOM   753  C  "C4'" . G   D 1 1  ? -0.747  -7.764  -16.396 1.00 36.39 ?  1   G   D "C4'" 1 
ATOM   754  O  "O4'" . G   D 1 1  ? -0.121  -9.040  -16.709 1.00 43.18 ?  1   G   D "O4'" 1 
ATOM   755  C  "C3'" . G   D 1 1  ? -2.057  -8.158  -15.749 1.00 34.11 ?  1   G   D "C3'" 1 
ATOM   756  O  "O3'" . G   D 1 1  ? -3.025  -7.127  -15.776 1.00 38.66 ?  1   G   D "O3'" 1 
ATOM   757  C  "C2'" . G   D 1 1  ? -2.448  -9.392  -16.546 1.00 34.96 ?  1   G   D "C2'" 1 
ATOM   758  O  "O2'" . G   D 1 1  ? -2.923  -9.021  -17.826 1.00 36.73 ?  1   G   D "O2'" 1 
ATOM   759  C  "C1'" . G   D 1 1  ? -1.096  -10.064 -16.720 1.00 34.12 ?  1   G   D "C1'" 1 
ATOM   760  N  N9    . G   D 1 1  ? -0.816  -10.948 -15.584 1.00 33.56 ?  1   G   D N9    1 
ATOM   761  C  C8    . G   D 1 1  ? 0.062   -10.680 -14.566 1.00 32.79 ?  1   G   D C8    1 
ATOM   762  N  N7    . G   D 1 1  ? 0.098   -11.626 -13.669 1.00 35.91 ?  1   G   D N7    1 
ATOM   763  C  C5    . G   D 1 1  ? -0.820  -12.567 -14.110 1.00 34.19 ?  1   G   D C5    1 
ATOM   764  C  C6    . G   D 1 1  ? -1.211  -13.813 -13.546 1.00 30.58 ?  1   G   D C6    1 
ATOM   765  O  O6    . G   D 1 1  ? -0.813  -14.372 -12.519 1.00 28.64 ?  1   G   D O6    1 
ATOM   766  N  N1    . G   D 1 1  ? -2.170  -14.442 -14.321 1.00 28.64 ?  1   G   D N1    1 
ATOM   767  C  C2    . G   D 1 1  ? -2.670  -13.951 -15.489 1.00 28.77 ?  1   G   D C2    1 
ATOM   768  N  N2    . G   D 1 1  ? -3.577  -14.736 -16.066 1.00 30.94 ?  1   G   D N2    1 
ATOM   769  N  N3    . G   D 1 1  ? -2.324  -12.798 -16.034 1.00 29.68 ?  1   G   D N3    1 
ATOM   770  C  C4    . G   D 1 1  ? -1.397  -12.158 -15.298 1.00 34.05 ?  1   G   D C4    1 
ATOM   771  P  P     . G   D 1 2  ? -4.159  -7.076  -14.641 1.00 45.24 ?  2   G   D P     1 
ATOM   772  O  OP1   . G   D 1 2  ? -5.053  -5.915  -14.857 1.00 41.32 ?  2   G   D OP1   1 
ATOM   773  O  OP2   . G   D 1 2  ? -3.474  -7.179  -13.322 1.00 43.69 -1 2   G   D OP2   1 
ATOM   774  O  "O5'" . G   D 1 2  ? -5.014  -8.397  -14.913 1.00 42.35 ?  2   G   D "O5'" 1 
ATOM   775  C  "C5'" . G   D 1 2  ? -5.782  -8.538  -16.106 1.00 38.82 ?  2   G   D "C5'" 1 
ATOM   776  C  "C4'" . G   D 1 2  ? -6.481  -9.876  -16.170 1.00 33.32 ?  2   G   D "C4'" 1 
ATOM   777  O  "O4'" . G   D 1 2  ? -5.502  -10.938 -16.100 1.00 33.03 ?  2   G   D "O4'" 1 
ATOM   778  C  "C3'" . G   D 1 2  ? -7.431  -10.182 -15.027 1.00 31.66 ?  2   G   D "C3'" 1 
ATOM   779  O  "O3'" . G   D 1 2  ? -8.704  -9.614  -15.196 1.00 34.50 ?  2   G   D "O3'" 1 
ATOM   780  C  "C2'" . G   D 1 2  ? -7.465  -11.691 -15.010 1.00 32.20 ?  2   G   D "C2'" 1 
ATOM   781  O  "O2'" . G   D 1 2  ? -8.293  -12.176 -16.054 1.00 36.67 ?  2   G   D "O2'" 1 
ATOM   782  C  "C1'" . G   D 1 2  ? -6.022  -12.018 -15.353 1.00 36.22 ?  2   G   D "C1'" 1 
ATOM   783  N  N9    . G   D 1 2  ? -5.213  -12.183 -14.134 1.00 31.21 ?  2   G   D N9    1 
ATOM   784  C  C8    . G   D 1 2  ? -4.316  -11.285 -13.620 1.00 33.01 ?  2   G   D C8    1 
ATOM   785  N  N7    . G   D 1 2  ? -3.754  -11.728 -12.539 1.00 35.58 ?  2   G   D N7    1 
ATOM   786  C  C5    . G   D 1 2  ? -4.322  -12.972 -12.327 1.00 28.57 ?  2   G   D C5    1 
ATOM   787  C  C6    . G   D 1 2  ? -4.092  -13.914 -11.307 1.00 26.66 ?  2   G   D C6    1 
ATOM   788  O  O6    . G   D 1 2  ? -3.319  -13.802 -10.356 1.00 24.50 ?  2   G   D O6    1 
ATOM   789  N  N1    . G   D 1 2  ? -4.879  -15.055 -11.467 1.00 25.27 ?  2   G   D N1    1 
ATOM   790  C  C2    . G   D 1 2  ? -5.759  -15.247 -12.500 1.00 27.62 ?  2   G   D C2    1 
ATOM   791  N  N2    . G   D 1 2  ? -6.442  -16.393 -12.510 1.00 26.87 ?  2   G   D N2    1 
ATOM   792  N  N3    . G   D 1 2  ? -5.977  -14.369 -13.452 1.00 27.43 ?  2   G   D N3    1 
ATOM   793  C  C4    . G   D 1 2  ? -5.228  -13.268 -13.305 1.00 28.17 ?  2   G   D C4    1 
ATOM   794  P  P     . A   D 1 3  ? -9.417  -8.968  -13.933 1.00 34.76 ?  3   A   D P     1 
ATOM   795  O  OP1   . A   D 1 3  ? -10.543 -8.198  -14.501 1.00 40.63 ?  3   A   D OP1   1 
ATOM   796  O  OP2   . A   D 1 3  ? -8.366  -8.353  -13.089 1.00 31.84 -1 3   A   D OP2   1 
ATOM   797  O  "O5'" . A   D 1 3  ? -9.890  -10.204 -13.035 1.00 32.83 ?  3   A   D "O5'" 1 
ATOM   798  C  "C5'" . A   D 1 3  ? -10.892 -11.096 -13.466 1.00 34.19 ?  3   A   D "C5'" 1 
ATOM   799  C  "C4'" . A   D 1 3  ? -10.926 -12.375 -12.657 1.00 37.64 ?  3   A   D "C4'" 1 
ATOM   800  O  "O4'" . A   D 1 3  ? -9.653  -13.061 -12.685 1.00 36.31 ?  3   A   D "O4'" 1 
ATOM   801  C  "C3'" . A   D 1 3  ? -11.238 -12.309 -11.171 1.00 34.34 ?  3   A   D "C3'" 1 
ATOM   802  O  "O3'" . A   D 1 3  ? -12.592 -12.047 -10.891 1.00 35.50 ?  3   A   D "O3'" 1 
ATOM   803  C  "C2'" . A   D 1 3  ? -10.824 -13.702 -10.715 1.00 38.10 ?  3   A   D "C2'" 1 
ATOM   804  O  "O2'" . A   D 1 3  ? -11.812 -14.669 -11.051 1.00 35.61 ?  3   A   D "O2'" 1 
ATOM   805  C  "C1'" . A   D 1 3  ? -9.586  -13.943 -11.580 1.00 33.52 ?  3   A   D "C1'" 1 
ATOM   806  N  N9    . A   D 1 3  ? -8.376  -13.680 -10.808 1.00 33.53 ?  3   A   D N9    1 
ATOM   807  C  C8    . A   D 1 3  ? -7.534  -12.598 -10.828 1.00 28.73 ?  3   A   D C8    1 
ATOM   808  N  N7    . A   D 1 3  ? -6.567  -12.722 -9.957  1.00 31.34 ?  3   A   D N7    1 
ATOM   809  C  C5    . A   D 1 3  ? -6.798  -13.942 -9.326  1.00 30.94 ?  3   A   D C5    1 
ATOM   810  C  C6    . A   D 1 3  ? -6.136  -14.644 -8.301  1.00 28.69 ?  3   A   D C6    1 
ATOM   811  N  N6    . A   D 1 3  ? -5.035  -14.217 -7.694  1.00 23.44 ?  3   A   D N6    1 
ATOM   812  N  N1    . A   D 1 3  ? -6.650  -15.831 -7.919  1.00 29.01 ?  3   A   D N1    1 
ATOM   813  C  C2    . A   D 1 3  ? -7.764  -16.269 -8.525  1.00 32.68 ?  3   A   D C2    1 
ATOM   814  N  N3    . A   D 1 3  ? -8.476  -15.697 -9.489  1.00 29.52 ?  3   A   D N3    1 
ATOM   815  C  C4    . A   D 1 3  ? -7.929  -14.534 -9.844  1.00 29.29 ?  3   A   D C4    1 
ATOM   816  P  P     . C   D 1 4  ? -13.031 -11.459 -9.468  1.00 37.88 ?  4   C   D P     1 
ATOM   817  O  OP1   . C   D 1 4  ? -14.480 -11.204 -9.614  1.00 37.75 ?  4   C   D OP1   1 
ATOM   818  O  OP2   . C   D 1 4  ? -12.119 -10.346 -9.084  1.00 50.52 -1 4   C   D OP2   1 
ATOM   819  O  "O5'" . C   D 1 4  ? -12.834 -12.637 -8.421  1.00 33.85 ?  4   C   D "O5'" 1 
ATOM   820  C  "C5'" . C   D 1 4  ? -13.706 -13.756 -8.419  1.00 40.41 ?  4   C   D "C5'" 1 
ATOM   821  C  "C4'" . C   D 1 4  ? -13.216 -14.836 -7.490  1.00 37.08 ?  4   C   D "C4'" 1 
ATOM   822  O  "O4'" . C   D 1 4  ? -11.858 -15.197 -7.855  1.00 36.43 ?  4   C   D "O4'" 1 
ATOM   823  C  "C3'" . C   D 1 4  ? -13.112 -14.444 -6.024  1.00 38.03 ?  4   C   D "C3'" 1 
ATOM   824  O  "O3'" . C   D 1 4  ? -14.341 -14.516 -5.332  1.00 39.64 ?  4   C   D "O3'" 1 
ATOM   825  C  "C2'" . C   D 1 4  ? -12.052 -15.397 -5.498  1.00 40.72 ?  4   C   D "C2'" 1 
ATOM   826  O  "O2'" . C   D 1 4  ? -12.601 -16.697 -5.297  1.00 46.35 ?  4   C   D "O2'" 1 
ATOM   827  C  "C1'" . C   D 1 4  ? -11.096 -15.447 -6.690  1.00 35.96 ?  4   C   D "C1'" 1 
ATOM   828  N  N1    . C   D 1 4  ? -10.049 -14.403 -6.604  1.00 37.44 ?  4   C   D N1    1 
ATOM   829  C  C2    . C   D 1 4  ? -8.918  -14.612 -5.811  1.00 30.49 ?  4   C   D C2    1 
ATOM   830  O  O2    . C   D 1 4  ? -8.798  -15.672 -5.160  1.00 28.62 ?  4   C   D O2    1 
ATOM   831  N  N3    . C   D 1 4  ? -7.987  -13.628 -5.766  1.00 32.47 ?  4   C   D N3    1 
ATOM   832  C  C4    . C   D 1 4  ? -8.114  -12.500 -6.460  1.00 29.45 ?  4   C   D C4    1 
ATOM   833  N  N4    . C   D 1 4  ? -7.142  -11.586 -6.363  1.00 32.48 ?  4   C   D N4    1 
ATOM   834  C  C5    . C   D 1 4  ? -9.248  -12.262 -7.272  1.00 31.07 ?  4   C   D C5    1 
ATOM   835  C  C6    . C   D 1 4  ? -10.175 -13.235 -7.317  1.00 33.37 ?  4   C   D C6    1 
ATOM   836  P  P     . U   D 1 5  ? -14.847 -13.247 -4.483  1.00 50.05 ?  5   U   D P     1 
ATOM   837  O  OP1   . U   D 1 5  ? -16.324 -13.351 -4.367  1.00 45.78 ?  5   U   D OP1   1 
ATOM   838  O  OP2   . U   D 1 5  ? -14.231 -12.037 -5.092  1.00 49.11 -1 5   U   D OP2   1 
ATOM   839  O  "O5'" . U   D 1 5  ? -14.173 -13.426 -3.043  1.00 45.22 ?  5   U   D "O5'" 1 
ATOM   840  C  "C5'" . U   D 1 5  ? -14.649 -14.398 -2.118  1.00 45.30 ?  5   U   D "C5'" 1 
ATOM   841  C  "C4'" . U   D 1 5  ? -13.588 -14.782 -1.120  1.00 40.13 ?  5   U   D "C4'" 1 
ATOM   842  O  "O4'" . U   D 1 5  ? -12.368 -15.150 -1.818  1.00 41.58 ?  5   U   D "O4'" 1 
ATOM   843  C  "C3'" . U   D 1 5  ? -13.141 -13.685 -0.171  1.00 43.75 ?  5   U   D "C3'" 1 
ATOM   844  O  "O3'" . U   D 1 5  ? -14.023 -13.469 0.914   1.00 51.17 ?  5   U   D "O3'" 1 
ATOM   845  C  "C2'" . U   D 1 5  ? -11.748 -14.144 0.248   1.00 48.28 ?  5   U   D "C2'" 1 
ATOM   846  O  "O2'" . U   D 1 5  ? -11.797 -15.136 1.269   1.00 46.19 ?  5   U   D "O2'" 1 
ATOM   847  C  "C1'" . U   D 1 5  ? -11.239 -14.773 -1.052  1.00 43.92 ?  5   U   D "C1'" 1 
ATOM   848  N  N1    . U   D 1 5  ? -10.448 -13.792 -1.819  1.00 36.30 ?  5   U   D N1    1 
ATOM   849  C  C2    . U   D 1 5  ? -9.160  -13.573 -1.393  1.00 39.19 ?  5   U   D C2    1 
ATOM   850  O  O2    . U   D 1 5  ? -8.684  -14.174 -0.452  1.00 40.31 ?  5   U   D O2    1 
ATOM   851  N  N3    . U   D 1 5  ? -8.450  -12.637 -2.109  1.00 39.42 ?  5   U   D N3    1 
ATOM   852  C  C4    . U   D 1 5  ? -8.918  -11.915 -3.184  1.00 37.08 ?  5   U   D C4    1 
ATOM   853  O  O4    . U   D 1 5  ? -8.175  -11.113 -3.740  1.00 38.37 ?  5   U   D O4    1 
ATOM   854  C  C5    . U   D 1 5  ? -10.265 -12.196 -3.553  1.00 34.10 ?  5   U   D C5    1 
ATOM   855  C  C6    . U   D 1 5  ? -10.970 -13.101 -2.877  1.00 37.43 ?  5   U   D C6    1 
ATOM   856  P  P     . C   D 1 6  ? -14.442 -11.966 1.299   1.00 49.60 ?  6   C   D P     1 
ATOM   857  O  OP1   . C   D 1 6  ? -15.816 -11.983 1.858   1.00 49.32 ?  6   C   D OP1   1 
ATOM   858  O  OP2   . C   D 1 6  ? -14.249 -11.132 0.093   1.00 59.12 -1 6   C   D OP2   1 
ATOM   859  O  "O5'" . C   D 1 6  ? -13.317 -11.504 2.332   1.00 48.87 ?  6   C   D "O5'" 1 
ATOM   860  C  "C5'" . C   D 1 6  ? -12.799 -12.397 3.306   1.00 47.62 ?  6   C   D "C5'" 1 
ATOM   861  C  "C4'" . C   D 1 6  ? -11.416 -12.002 3.776   1.00 48.90 ?  6   C   D "C4'" 1 
ATOM   862  O  "O4'" . C   D 1 6  ? -10.421 -12.363 2.791   1.00 51.46 ?  6   C   D "O4'" 1 
ATOM   863  C  "C3'" . C   D 1 6  ? -11.146 -10.526 4.017   1.00 41.72 ?  6   C   D "C3'" 1 
ATOM   864  O  "O3'" . C   D 1 6  ? -11.689 -10.045 5.223   1.00 46.44 ?  6   C   D "O3'" 1 
ATOM   865  C  "C2'" . C   D 1 6  ? -9.625  -10.469 3.991   1.00 48.28 ?  6   C   D "C2'" 1 
ATOM   866  O  "O2'" . C   D 1 6  ? -9.067  -10.927 5.218   1.00 53.83 ?  6   C   D "O2'" 1 
ATOM   867  C  "C1'" . C   D 1 6  ? -9.306  -11.494 2.905   1.00 46.47 ?  6   C   D "C1'" 1 
ATOM   868  N  N1    . C   D 1 6  ? -9.036  -10.834 1.609   1.00 45.70 ?  6   C   D N1    1 
ATOM   869  C  C2    . C   D 1 6  ? -7.714  -10.418 1.411   1.00 43.51 ?  6   C   D C2    1 
ATOM   870  O  O2    . C   D 1 6  ? -6.884  -10.642 2.315   1.00 38.54 ?  6   C   D O2    1 
ATOM   871  N  N3    . C   D 1 6  ? -7.392  -9.801  0.247   1.00 39.26 ?  6   C   D N3    1 
ATOM   872  C  C4    . C   D 1 6  ? -8.334  -9.593  -0.679  1.00 39.73 ?  6   C   D C4    1 
ATOM   873  N  N4    . C   D 1 6  ? -7.970  -8.972  -1.807  1.00 34.07 ?  6   C   D N4    1 
ATOM   874  C  C5    . C   D 1 6  ? -9.689  -10.002 -0.496  1.00 35.49 ?  6   C   D C5    1 
ATOM   875  C  C6    . C   D 1 6  ? -9.998  -10.609 0.657   1.00 41.61 ?  6   C   D C6    1 
ATOM   876  P  P     . G   D 1 7  ? -12.119 -8.506  5.350   1.00 53.00 ?  7   G   D P     1 
ATOM   877  O  OP1   . G   D 1 7  ? -13.096 -8.457  6.469   1.00 48.39 ?  7   G   D OP1   1 
ATOM   878  O  OP2   . G   D 1 7  ? -12.540 -7.969  4.037   1.00 47.72 -1 7   G   D OP2   1 
ATOM   879  O  "O5'" . G   D 1 7  ? -10.754 -7.738  5.694   1.00 45.88 ?  7   G   D "O5'" 1 
ATOM   880  C  "C5'" . G   D 1 7  ? -9.892  -8.198  6.721   1.00 44.42 ?  7   G   D "C5'" 1 
ATOM   881  C  "C4'" . G   D 1 7  ? -8.541  -7.520  6.694   1.00 43.23 ?  7   G   D "C4'" 1 
ATOM   882  O  "O4'" . G   D 1 7  ? -7.711  -8.091  5.658   1.00 39.64 ?  7   G   D "O4'" 1 
ATOM   883  C  "C3'" . G   D 1 7  ? -8.511  -6.024  6.407   1.00 43.97 ?  7   G   D "C3'" 1 
ATOM   884  O  "O3'" . G   D 1 7  ? -8.798  -5.232  7.541   1.00 46.32 ?  7   G   D "O3'" 1 
ATOM   885  C  "C2'" . G   D 1 7  ? -7.088  -5.815  5.926   1.00 44.78 ?  7   G   D "C2'" 1 
ATOM   886  O  "O2'" . G   D 1 7  ? -6.202  -5.782  7.039   1.00 47.84 ?  7   G   D "O2'" 1 
ATOM   887  C  "C1'" . G   D 1 7  ? -6.842  -7.100  5.142   1.00 40.55 ?  7   G   D "C1'" 1 
ATOM   888  N  N9    . G   D 1 7  ? -7.098  -6.925  3.695   1.00 38.64 ?  7   G   D N9    1 
ATOM   889  C  C8    . G   D 1 7  ? -8.247  -7.256  3.014   1.00 39.03 ?  7   G   D C8    1 
ATOM   890  N  N7    . G   D 1 7  ? -8.180  -6.983  1.747   1.00 40.78 ?  7   G   D N7    1 
ATOM   891  C  C5    . G   D 1 7  ? -6.912  -6.449  1.565   1.00 36.27 ?  7   G   D C5    1 
ATOM   892  C  C6    . G   D 1 7  ? -6.274  -5.971  0.390   1.00 32.77 ?  7   G   D C6    1 
ATOM   893  O  O6    . G   D 1 7  ? -6.706  -5.932  -0.771  1.00 28.56 ?  7   G   D O6    1 
ATOM   894  N  N1    . G   D 1 7  ? -4.990  -5.505  0.671   1.00 33.58 ?  7   G   D N1    1 
ATOM   895  C  C2    . G   D 1 7  ? -4.389  -5.493  1.916   1.00 35.62 ?  7   G   D C2    1 
ATOM   896  N  N2    . G   D 1 7  ? -3.142  -4.993  1.996   1.00 32.69 ?  7   G   D N2    1 
ATOM   897  N  N3    . G   D 1 7  ? -4.978  -5.937  3.011   1.00 39.94 ?  7   G   D N3    1 
ATOM   898  C  C4    . G   D 1 7  ? -6.232  -6.400  2.765   1.00 38.00 ?  7   G   D C4    1 
ATOM   899  P  P     . A   D 1 8  ? -9.486  -3.796  7.355   1.00 56.55 ?  8   A   D P     1 
ATOM   900  O  OP1   . A   D 1 8  ? -10.067 -3.429  8.681   1.00 53.40 ?  8   A   D OP1   1 
ATOM   901  O  OP2   . A   D 1 8  ? -10.401 -3.888  6.178   1.00 46.21 -1 8   A   D OP2   1 
ATOM   902  O  "O5'" . A   D 1 8  ? -8.277  -2.830  6.941   1.00 40.98 ?  8   A   D "O5'" 1 
ATOM   903  C  "C5'" . A   D 1 8  ? -7.076  -2.768  7.696   1.00 41.52 ?  8   A   D "C5'" 1 
ATOM   904  C  "C4'" . A   D 1 8  ? -5.932  -2.166  6.904   1.00 42.66 ?  8   A   D "C4'" 1 
ATOM   905  O  "O4'" . A   D 1 8  ? -5.526  -3.064  5.837   1.00 40.40 ?  8   A   D "O4'" 1 
ATOM   906  C  "C3'" . A   D 1 8  ? -6.211  -0.862  6.177   1.00 43.91 ?  8   A   D "C3'" 1 
ATOM   907  O  "O3'" . A   D 1 8  ? -6.219  0.280   7.012   1.00 49.66 ?  8   A   D "O3'" 1 
ATOM   908  C  "C2'" . A   D 1 8  ? -5.126  -0.842  5.109   1.00 39.62 ?  8   A   D "C2'" 1 
ATOM   909  O  "O2'" . A   D 1 8  ? -3.867  -0.465  5.653   1.00 38.57 ?  8   A   D "O2'" 1 
ATOM   910  C  "C1'" . A   D 1 8  ? -5.070  -2.315  4.727   1.00 36.54 ?  8   A   D "C1'" 1 
ATOM   911  N  N9    . A   D 1 8  ? -5.944  -2.602  3.578   1.00 36.83 ?  8   A   D N9    1 
ATOM   912  C  C8    . A   D 1 8  ? -7.159  -3.229  3.591   1.00 33.37 ?  8   A   D C8    1 
ATOM   913  N  N7    . A   D 1 8  ? -7.689  -3.328  2.399   1.00 37.79 ?  8   A   D N7    1 
ATOM   914  C  C5    . A   D 1 8  ? -6.768  -2.734  1.544   1.00 37.16 ?  8   A   D C5    1 
ATOM   915  C  C6    . A   D 1 8  ? -6.735  -2.525  0.148   1.00 33.14 ?  8   A   D C6    1 
ATOM   916  N  N6    . A   D 1 8  ? -7.698  -2.896  -0.698  1.00 32.87 ?  8   A   D N6    1 
ATOM   917  N  N1    . A   D 1 8  ? -5.657  -1.899  -0.368  1.00 30.95 ?  8   A   D N1    1 
ATOM   918  C  C2    . A   D 1 8  ? -4.684  -1.521  0.466   1.00 33.23 ?  8   A   D C2    1 
ATOM   919  N  N3    . A   D 1 8  ? -4.607  -1.660  1.782   1.00 28.85 ?  8   A   D N3    1 
ATOM   920  C  C4    . A   D 1 8  ? -5.685  -2.281  2.268   1.00 33.15 ?  8   A   D C4    1 
ATOM   921  P  P     . C   D 1 9  ? -7.293  1.436   6.724   1.00 45.17 ?  9   C   D P     1 
ATOM   922  O  OP1   . C   D 1 9  ? -7.153  2.469   7.780   1.00 50.49 ?  9   C   D OP1   1 
ATOM   923  O  OP2   . C   D 1 9  ? -8.591  0.766   6.441   1.00 39.57 -1 9   C   D OP2   1 
ATOM   924  O  "O5'" . C   D 1 9  ? -6.763  2.130   5.402   1.00 37.37 ?  9   C   D "O5'" 1 
ATOM   925  C  "C5'" . C   D 1 9  ? -5.600  2.934   5.443   1.00 35.74 ?  9   C   D "C5'" 1 
ATOM   926  C  "C4'" . C   D 1 9  ? -5.227  3.390   4.064   1.00 31.00 ?  9   C   D "C4'" 1 
ATOM   927  O  "O4'" . C   D 1 9  ? -5.104  2.233   3.202   1.00 35.43 ?  9   C   D "O4'" 1 
ATOM   928  C  "C3'" . C   D 1 9  ? -6.261  4.249   3.371   1.00 32.49 ?  9   C   D "C3'" 1 
ATOM   929  O  "O3'" . C   D 1 9  ? -6.191  5.603   3.775   1.00 37.14 ?  9   C   D "O3'" 1 
ATOM   930  C  "C2'" . C   D 1 9  ? -5.945  4.020   1.901   1.00 30.28 ?  9   C   D "C2'" 1 
ATOM   931  O  "O2'" . C   D 1 9  ? -4.795  4.756   1.530   1.00 29.82 ?  9   C   D "O2'" 1 
ATOM   932  C  "C1'" . C   D 1 9  ? -5.568  2.543   1.909   1.00 33.06 ?  9   C   D "C1'" 1 
ATOM   933  N  N1    . C   D 1 9  ? -6.719  1.659   1.613   1.00 36.76 ?  9   C   D N1    1 
ATOM   934  C  C2    . C   D 1 9  ? -7.138  1.465   0.295   1.00 28.11 ?  9   C   D C2    1 
ATOM   935  O  O2    . C   D 1 9  ? -6.572  2.036   -0.659  1.00 24.44 ?  9   C   D O2    1 
ATOM   936  N  N3    . C   D 1 9  ? -8.184  0.639   0.099   1.00 38.05 ?  9   C   D N3    1 
ATOM   937  C  C4    . C   D 1 9  ? -8.792  0.024   1.112   1.00 36.55 ?  9   C   D C4    1 
ATOM   938  N  N4    . C   D 1 9  ? -9.815  -0.780  0.830   1.00 37.36 ?  9   C   D N4    1 
ATOM   939  C  C5    . C   D 1 9  ? -8.372  0.198   2.451   1.00 33.42 ?  9   C   D C5    1 
ATOM   940  C  C6    . C   D 1 9  ? -7.338  1.011   2.646   1.00 33.51 ?  9   C   D C6    1 
ATOM   941  P  P     . U   D 1 10 ? -7.526  6.454   4.060   1.00 45.60 ?  10  U   D P     1 
ATOM   942  O  OP1   . U   D 1 10 ? -7.112  7.661   4.831   1.00 40.24 ?  10  U   D OP1   1 
ATOM   943  O  OP2   . U   D 1 10 ? -8.610  5.584   4.589   1.00 36.06 -1 10  U   D OP2   1 
ATOM   944  O  "O5'" . U   D 1 10 ? -7.949  6.986   2.624   1.00 34.28 ?  10  U   D "O5'" 1 
ATOM   945  C  "C5'" . U   D 1 10 ? -7.137  7.918   1.932   1.00 31.51 ?  10  U   D "C5'" 1 
ATOM   946  C  "C4'" . U   D 1 10 ? -7.382  7.870   0.448   1.00 33.37 ?  10  U   D "C4'" 1 
ATOM   947  O  "O4'" . U   D 1 10 ? -7.165  6.518   -0.029  1.00 37.82 ?  10  U   D "O4'" 1 
ATOM   948  C  "C3'" . U   D 1 10 ? -8.792  8.184   -0.022  1.00 34.45 ?  10  U   D "C3'" 1 
ATOM   949  O  "O3'" . U   D 1 10 ? -9.086  9.566   -0.066  1.00 29.64 ?  10  U   D "O3'" 1 
ATOM   950  C  "C2'" . U   D 1 10 ? -8.828  7.510   -1.386  1.00 34.77 ?  10  U   D "C2'" 1 
ATOM   951  O  "O2'" . U   D 1 10 ? -8.054  8.250   -2.318  1.00 36.12 ?  10  U   D "O2'" 1 
ATOM   952  C  "C1'" . U   D 1 10 ? -8.046  6.241   -1.102  1.00 34.33 ?  10  U   D "C1'" 1 
ATOM   953  N  N1    . U   D 1 10 ? -8.903  5.083   -0.760  1.00 32.01 ?  10  U   D N1    1 
ATOM   954  C  C2    . U   D 1 10 ? -9.424  4.374   -1.825  1.00 32.22 ?  10  U   D C2    1 
ATOM   955  O  O2    . U   D 1 10 ? -9.227  4.711   -2.972  1.00 31.93 ?  10  U   D O2    1 
ATOM   956  N  N3    . U   D 1 10 ? -10.189 3.279   -1.504  1.00 32.73 ?  10  U   D N3    1 
ATOM   957  C  C4    . U   D 1 10 ? -10.468 2.838   -0.224  1.00 32.81 ?  10  U   D C4    1 
ATOM   958  O  O4    . U   D 1 10 ? -11.170 1.841   -0.066  1.00 32.35 ?  10  U   D O4    1 
ATOM   959  C  C5    . U   D 1 10 ? -9.880  3.618   0.829   1.00 33.71 ?  10  U   D C5    1 
ATOM   960  C  C6    . U   D 1 10 ? -9.126  4.682   0.535   1.00 32.83 ?  10  U   D C6    1 
ATOM   961  P  P     . C   D 1 11 ? -10.601 10.061  0.154   1.00 35.23 ?  11  C   D P     1 
ATOM   962  O  OP1   . C   D 1 11 ? -10.562 11.530  0.405   1.00 37.97 ?  11  C   D OP1   1 
ATOM   963  O  OP2   . C   D 1 11 ? -11.282 9.140   1.097   1.00 33.59 -1 11  C   D OP2   1 
ATOM   964  O  "O5'" . C   D 1 11 ? -11.289 9.831   -1.257  1.00 39.83 ?  11  C   D "O5'" 1 
ATOM   965  C  "C5'" . C   D 1 11 ? -10.696 10.341  -2.438  1.00 40.04 ?  11  C   D "C5'" 1 
ATOM   966  C  "C4'" . C   D 1 11 ? -11.303 9.697   -3.646  1.00 36.32 ?  11  C   D "C4'" 1 
ATOM   967  O  "O4'" . C   D 1 11 ? -10.950 8.291   -3.679  1.00 38.75 ?  11  C   D "O4'" 1 
ATOM   968  C  "C3'" . C   D 1 11 ? -12.816 9.695   -3.668  1.00 43.45 ?  11  C   D "C3'" 1 
ATOM   969  O  "O3'" . C   D 1 11 ? -13.354 10.926  -4.114  1.00 41.79 ?  11  C   D "O3'" 1 
ATOM   970  C  "C2'" . C   D 1 11 ? -13.145 8.503   -4.564  1.00 34.40 ?  11  C   D "C2'" 1 
ATOM   971  O  "O2'" . C   D 1 11 ? -13.060 8.839   -5.932  1.00 38.84 ?  11  C   D "O2'" 1 
ATOM   972  C  "C1'" . C   D 1 11 ? -12.009 7.538   -4.232  1.00 34.58 ?  11  C   D "C1'" 1 
ATOM   973  N  N1    . C   D 1 11 ? -12.443 6.525   -3.253  1.00 30.77 ?  11  C   D N1    1 
ATOM   974  C  C2    . C   D 1 11 ? -13.222 5.498   -3.749  1.00 32.39 ?  11  C   D C2    1 
ATOM   975  O  O2    . C   D 1 11 ? -13.472 5.494   -4.949  1.00 30.75 ?  11  C   D O2    1 
ATOM   976  N  N3    . C   D 1 11 ? -13.666 4.546   -2.909  1.00 34.72 ?  11  C   D N3    1 
ATOM   977  C  C4    . C   D 1 11 ? -13.377 4.618   -1.608  1.00 30.80 ?  11  C   D C4    1 
ATOM   978  N  N4    . C   D 1 11 ? -13.850 3.653   -0.829  1.00 29.34 ?  11  C   D N4    1 
ATOM   979  C  C5    . C   D 1 11 ? -12.580 5.662   -1.064  1.00 32.69 ?  11  C   D C5    1 
ATOM   980  C  C6    . C   D 1 11 ? -12.136 6.586   -1.926  1.00 34.10 ?  11  C   D C6    1 
ATOM   981  P  P     . C   D 1 12 ? -14.838 11.347  -3.681  1.00 51.27 ?  12  C   D P     1 
ATOM   982  O  OP1   . C   D 1 12 ? -15.136 12.650  -4.331  1.00 53.36 ?  12  C   D OP1   1 
ATOM   983  O  OP2   . C   D 1 12 ? -14.961 11.174  -2.209  1.00 37.80 -1 12  C   D OP2   1 
ATOM   984  O  "O5'" . C   D 1 12 ? -15.774 10.265  -4.386  1.00 44.20 ?  12  C   D "O5'" 1 
ATOM   985  C  "C5'" . C   D 1 12 ? -16.159 10.423  -5.740  1.00 44.54 ?  12  C   D "C5'" 1 
ATOM   986  C  "C4'" . C   D 1 12 ? -17.113 9.340   -6.183  1.00 46.75 ?  12  C   D "C4'" 1 
ATOM   987  O  "O4'" . C   D 1 12 ? -16.513 8.034   -5.983  1.00 45.78 ?  12  C   D "O4'" 1 
ATOM   988  C  "C3'" . C   D 1 12 ? -18.433 9.248   -5.440  1.00 40.85 ?  12  C   D "C3'" 1 
ATOM   989  O  "O3'" . C   D 1 12 ? -19.381 10.204  -5.871  1.00 47.53 ?  12  C   D "O3'" 1 
ATOM   990  C  "C2'" . C   D 1 12 ? -18.855 7.815   -5.715  1.00 39.62 ?  12  C   D "C2'" 1 
ATOM   991  O  "O2'" . C   D 1 12 ? -19.349 7.703   -7.035  1.00 42.32 ?  12  C   D "O2'" 1 
ATOM   992  C  "C1'" . C   D 1 12 ? -17.512 7.094   -5.662  1.00 39.99 ?  12  C   D "C1'" 1 
ATOM   993  N  N1    . C   D 1 12 ? -17.230 6.530   -4.321  1.00 41.53 ?  12  C   D N1    1 
ATOM   994  C  C2    . C   D 1 12 ? -17.626 5.211   -4.150  1.00 38.22 ?  12  C   D C2    1 
ATOM   995  O  O2    . C   D 1 12 ? -18.165 4.651   -5.112  1.00 37.12 ?  12  C   D O2    1 
ATOM   996  N  N3    . C   D 1 12 ? -17.409 4.594   -2.968  1.00 35.72 ?  12  C   D N3    1 
ATOM   997  C  C4    . C   D 1 12 ? -16.830 5.272   -1.972  1.00 36.96 ?  12  C   D C4    1 
ATOM   998  N  N4    . C   D 1 12 ? -16.657 4.600   -0.825  1.00 35.97 ?  12  C   D N4    1 
ATOM   999  C  C5    . C   D 1 12 ? -16.413 6.638   -2.108  1.00 30.37 ?  12  C   D C5    1 
ATOM   1000 C  C6    . C   D 1 12 ? -16.635 7.226   -3.292  1.00 36.34 ?  12  C   D C6    1 
HETATM 1001 AU AU    . AU  E 2 .  ? 2.946   11.904  6.049   1.00 47.01 ?  101 AU  B AU    1 
HETATM 1002 AU AU    . AU  F 2 .  ? 11.617  0.690   1.982   1.00 45.31 ?  102 AU  B AU    1 
HETATM 1003 AU AU    . AU  G 2 .  ? -8.438  0.338   -1.985  1.00 43.97 ?  101 AU  C AU    1 
HETATM 1004 AU AU    . AU  H 2 .  ? -6.254  -14.255 -4.527  1.00 45.26 ?  102 AU  C AU    1 
HETATM 1005 O  O     . HOH I 3 .  ? 1.143   12.078  9.251   1.00 36.98 ?  101 HOH A O     1 
HETATM 1006 O  O     . HOH I 3 .  ? 8.640   -9.817  -2.906  1.00 34.36 ?  102 HOH A O     1 
HETATM 1007 O  O     . HOH I 3 .  ? 15.933  -7.778  6.599   1.00 28.72 ?  103 HOH A O     1 
HETATM 1008 O  O     . HOH I 3 .  ? 4.736   16.895  -1.958  1.00 38.13 ?  104 HOH A O     1 
HETATM 1009 O  O     . HOH I 3 .  ? 6.656   14.171  2.130   1.00 30.33 ?  105 HOH A O     1 
HETATM 1010 O  O     . HOH J 3 .  ? 2.417   9.664   -2.663  1.00 39.87 ?  201 HOH B O     1 
HETATM 1011 O  O     . HOH J 3 .  ? 5.162   11.823  2.551   1.00 26.87 ?  202 HOH B O     1 
HETATM 1012 O  O     . HOH J 3 .  ? 11.388  -4.163  11.924  1.00 29.86 ?  203 HOH B O     1 
HETATM 1013 O  O     . HOH K 3 .  ? -11.110 -0.083  -13.619 1.00 33.47 ?  201 HOH C O     1 
HETATM 1014 O  O     . HOH K 3 .  ? -7.164  -25.195 -3.342  1.00 36.34 ?  202 HOH C O     1 
HETATM 1015 O  O     . HOH K 3 .  ? -13.548 -2.533  -2.993  1.00 26.60 ?  203 HOH C O     1 
HETATM 1016 O  O     . HOH K 3 .  ? -2.413  -6.936  -4.969  1.00 31.71 ?  204 HOH C O     1 
HETATM 1017 O  O     . HOH K 3 .  ? -9.426  -19.800 -9.932  1.00 32.08 ?  205 HOH C O     1 
HETATM 1018 O  O     . HOH K 3 .  ? -17.415 1.234   2.276   1.00 34.20 ?  206 HOH C O     1 
HETATM 1019 O  O     . HOH L 3 .  ? -7.943  -14.858 -15.417 1.00 34.90 ?  101 HOH D O     1 
# 
